data_1ITY
#
_entry.id   1ITY
#
_entity_poly.entity_id   1
_entity_poly.type   'polypeptide(L)'
_entity_poly.pdbx_seq_one_letter_code
;TPEKHRARKRQAWLWEEDKNLRSGVRKYGEGNWSKILLHYKFNNRTSVMLKDRWRTMKKLKLISSDSED
;
_entity_poly.pdbx_strand_id   A
#
# COMPACT_ATOMS: atom_id res chain seq x y z
N GLU A 3 10.88 10.52 10.47
CA GLU A 3 11.18 11.96 10.61
C GLU A 3 9.91 12.82 10.46
N LYS A 4 9.17 12.64 9.36
CA LYS A 4 7.94 13.37 9.02
C LYS A 4 6.80 12.96 9.96
N HIS A 5 6.91 13.38 11.22
CA HIS A 5 6.00 13.11 12.32
C HIS A 5 6.60 13.65 13.62
N ARG A 6 7.92 13.56 13.77
CA ARG A 6 8.70 14.00 14.93
C ARG A 6 8.03 13.59 16.26
N ALA A 7 7.55 12.34 16.32
CA ALA A 7 6.89 11.77 17.49
C ALA A 7 6.96 10.25 17.41
N ARG A 8 6.77 9.59 18.55
CA ARG A 8 6.79 8.14 18.68
C ARG A 8 5.60 7.50 17.96
N LYS A 9 5.75 6.21 17.59
CA LYS A 9 4.76 5.39 16.88
C LYS A 9 4.67 5.79 15.41
N ARG A 10 4.98 4.87 14.48
CA ARG A 10 4.94 5.16 13.05
C ARG A 10 3.51 5.50 12.59
N GLN A 11 3.37 6.57 11.81
CA GLN A 11 2.08 6.99 11.30
C GLN A 11 1.56 5.96 10.28
N ALA A 12 0.24 5.98 10.06
CA ALA A 12 -0.41 5.08 9.13
C ALA A 12 -0.16 5.52 7.69
N TRP A 13 -0.62 4.70 6.73
CA TRP A 13 -0.48 5.00 5.31
C TRP A 13 -1.53 6.01 4.88
N LEU A 14 -1.26 6.73 3.80
CA LEU A 14 -2.15 7.74 3.25
C LEU A 14 -3.14 7.09 2.29
N TRP A 15 -4.36 7.63 2.28
CA TRP A 15 -5.49 7.23 1.44
C TRP A 15 -5.06 7.01 -0.01
N GLU A 16 -4.38 8.02 -0.58
CA GLU A 16 -3.88 8.03 -1.94
C GLU A 16 -2.88 6.89 -2.17
N GLU A 17 -1.96 6.67 -1.23
CA GLU A 17 -0.97 5.61 -1.31
C GLU A 17 -1.63 4.24 -1.27
N ASP A 18 -2.60 4.04 -0.37
CA ASP A 18 -3.32 2.77 -0.30
C ASP A 18 -4.02 2.49 -1.62
N LYS A 19 -4.69 3.50 -2.21
CA LYS A 19 -5.34 3.36 -3.50
C LYS A 19 -4.31 2.99 -4.56
N ASN A 20 -3.19 3.74 -4.63
CA ASN A 20 -2.12 3.51 -5.59
C ASN A 20 -1.67 2.05 -5.53
N LEU A 21 -1.37 1.56 -4.33
CA LEU A 21 -0.93 0.20 -4.08
C LEU A 21 -2.00 -0.82 -4.51
N ARG A 22 -3.25 -0.62 -4.07
CA ARG A 22 -4.37 -1.49 -4.40
C ARG A 22 -4.50 -1.64 -5.92
N SER A 23 -4.63 -0.52 -6.63
CA SER A 23 -4.73 -0.49 -8.07
C SER A 23 -3.49 -1.10 -8.70
N GLY A 24 -2.31 -0.81 -8.15
CA GLY A 24 -1.02 -1.31 -8.60
C GLY A 24 -1.02 -2.84 -8.62
N VAL A 25 -1.32 -3.47 -7.47
CA VAL A 25 -1.36 -4.93 -7.36
C VAL A 25 -2.41 -5.49 -8.31
N ARG A 26 -3.59 -4.85 -8.41
CA ARG A 26 -4.63 -5.32 -9.30
C ARG A 26 -4.22 -5.26 -10.78
N LYS A 27 -3.47 -4.21 -11.16
CA LYS A 27 -3.02 -3.97 -12.53
C LYS A 27 -1.80 -4.79 -12.94
N TYR A 28 -0.80 -4.92 -12.07
CA TYR A 28 0.47 -5.60 -12.35
C TYR A 28 0.70 -6.88 -11.55
N GLY A 29 -0.28 -7.34 -10.75
CA GLY A 29 -0.13 -8.52 -9.94
C GLY A 29 0.68 -8.21 -8.68
N GLU A 30 0.87 -9.21 -7.82
CA GLU A 30 1.63 -9.08 -6.58
C GLU A 30 3.11 -9.45 -6.82
N GLY A 31 3.96 -9.19 -5.82
CA GLY A 31 5.37 -9.51 -5.86
C GLY A 31 6.18 -8.78 -6.95
N ASN A 32 5.86 -7.52 -7.21
CA ASN A 32 6.57 -6.68 -8.18
C ASN A 32 6.49 -5.23 -7.69
N TRP A 33 6.92 -5.05 -6.44
CA TRP A 33 6.94 -3.79 -5.73
C TRP A 33 7.69 -2.71 -6.49
N SER A 34 8.79 -3.06 -7.15
CA SER A 34 9.57 -2.11 -7.95
C SER A 34 8.69 -1.52 -9.05
N LYS A 35 8.01 -2.39 -9.81
CA LYS A 35 7.12 -1.97 -10.88
C LYS A 35 6.04 -1.05 -10.31
N ILE A 36 5.29 -1.53 -9.32
CA ILE A 36 4.22 -0.75 -8.69
C ILE A 36 4.72 0.63 -8.25
N LEU A 37 5.86 0.67 -7.54
CA LEU A 37 6.51 1.87 -7.04
C LEU A 37 6.85 2.84 -8.18
N LEU A 38 7.26 2.32 -9.34
CA LEU A 38 7.61 3.15 -10.49
C LEU A 38 6.35 3.66 -11.21
N HIS A 39 5.35 2.78 -11.39
CA HIS A 39 4.10 3.10 -12.06
C HIS A 39 3.31 4.18 -11.31
N TYR A 40 2.99 3.94 -10.03
CA TYR A 40 2.22 4.86 -9.23
C TYR A 40 3.13 5.81 -8.45
N LYS A 41 2.70 7.07 -8.33
CA LYS A 41 3.45 8.13 -7.65
C LYS A 41 3.13 8.12 -6.16
N PHE A 42 4.01 7.49 -5.37
CA PHE A 42 3.91 7.44 -3.91
C PHE A 42 4.63 8.65 -3.32
N ASN A 43 4.25 9.09 -2.12
CA ASN A 43 4.86 10.26 -1.49
C ASN A 43 6.27 9.95 -1.00
N ASN A 44 6.39 8.96 -0.13
CA ASN A 44 7.67 8.55 0.44
C ASN A 44 7.60 7.10 0.88
N ARG A 45 7.59 6.19 -0.10
CA ARG A 45 7.52 4.75 0.11
C ARG A 45 8.66 4.05 -0.63
N THR A 46 8.88 2.78 -0.27
CA THR A 46 9.91 1.91 -0.82
C THR A 46 9.27 0.54 -1.08
N SER A 47 9.97 -0.31 -1.83
CA SER A 47 9.53 -1.66 -2.12
C SER A 47 9.23 -2.40 -0.81
N VAL A 48 10.07 -2.17 0.20
CA VAL A 48 9.94 -2.75 1.52
C VAL A 48 8.63 -2.29 2.16
N MET A 49 8.36 -0.98 2.21
CA MET A 49 7.12 -0.47 2.79
C MET A 49 5.89 -0.97 2.02
N LEU A 50 5.98 -1.08 0.69
CA LEU A 50 4.88 -1.59 -0.12
C LEU A 50 4.58 -3.04 0.29
N LYS A 51 5.63 -3.88 0.36
CA LYS A 51 5.54 -5.27 0.75
C LYS A 51 4.91 -5.40 2.14
N ASP A 52 5.44 -4.65 3.11
CA ASP A 52 4.98 -4.61 4.49
C ASP A 52 3.48 -4.30 4.51
N ARG A 53 3.11 -3.14 3.96
CA ARG A 53 1.74 -2.69 3.91
C ARG A 53 0.80 -3.73 3.30
N TRP A 54 1.09 -4.22 2.09
CA TRP A 54 0.22 -5.18 1.43
C TRP A 54 0.09 -6.48 2.21
N ARG A 55 1.20 -7.01 2.72
CA ARG A 55 1.18 -8.25 3.48
C ARG A 55 0.30 -8.08 4.72
N THR A 56 0.52 -7.00 5.48
CA THR A 56 -0.25 -6.67 6.67
C THR A 56 -1.73 -6.48 6.33
N MET A 57 -2.01 -5.81 5.20
CA MET A 57 -3.37 -5.55 4.75
C MET A 57 -4.10 -6.83 4.39
N LYS A 58 -3.59 -7.61 3.45
CA LYS A 58 -4.24 -8.83 3.01
C LYS A 58 -4.41 -9.86 4.14
N LYS A 59 -3.47 -9.91 5.10
CA LYS A 59 -3.51 -10.84 6.20
C LYS A 59 -4.39 -10.36 7.36
N LEU A 60 -4.15 -9.14 7.86
CA LEU A 60 -4.88 -8.59 9.00
C LEU A 60 -6.04 -7.66 8.62
N LYS A 61 -5.83 -6.69 7.72
CA LYS A 61 -6.90 -5.77 7.31
C LYS A 61 -7.68 -6.34 6.12
N LEU A 62 -7.99 -7.64 6.20
CA LEU A 62 -8.72 -8.49 5.26
C LEU A 62 -9.42 -7.72 4.14
N ILE A 63 -8.72 -7.59 3.02
CA ILE A 63 -9.20 -6.90 1.82
C ILE A 63 -10.55 -7.49 1.41
N SER A 64 -10.64 -8.81 1.39
CA SER A 64 -11.83 -9.58 1.03
C SER A 64 -12.32 -9.22 -0.37
N SER A 65 -13.64 -9.03 -0.54
CA SER A 65 -14.29 -8.70 -1.80
C SER A 65 -13.99 -9.77 -2.85
N ASP A 66 -13.80 -11.02 -2.40
CA ASP A 66 -13.48 -12.20 -3.20
C ASP A 66 -14.11 -13.45 -2.59
N SER A 67 -15.20 -13.29 -1.83
CA SER A 67 -15.91 -14.39 -1.18
C SER A 67 -16.61 -15.28 -2.19
N GLU A 68 -16.75 -16.57 -1.86
CA GLU A 68 -17.44 -17.55 -2.68
C GLU A 68 -18.92 -17.17 -2.77
N ASP A 69 -19.48 -16.70 -1.66
CA ASP A 69 -20.84 -16.24 -1.47
C ASP A 69 -20.79 -15.06 -0.49
N GLU A 3 9.89 20.38 18.37
CA GLU A 3 8.59 21.08 18.37
C GLU A 3 7.61 20.34 19.26
N LYS A 4 6.48 20.97 19.59
CA LYS A 4 5.44 20.37 20.41
C LYS A 4 4.89 19.13 19.70
N HIS A 5 4.54 19.28 18.42
CA HIS A 5 4.03 18.23 17.55
C HIS A 5 4.61 18.43 16.15
N ARG A 6 4.71 17.35 15.37
CA ARG A 6 5.22 17.34 14.01
C ARG A 6 4.22 16.55 13.16
N ALA A 7 3.22 17.25 12.62
CA ALA A 7 2.16 16.68 11.81
C ALA A 7 1.39 15.58 12.56
N ARG A 8 1.20 15.77 13.87
CA ARG A 8 0.51 14.86 14.77
C ARG A 8 1.03 13.42 14.62
N LYS A 9 0.30 12.57 13.87
CA LYS A 9 0.66 11.18 13.60
C LYS A 9 0.27 10.86 12.14
N ARG A 10 0.43 11.85 11.24
CA ARG A 10 0.11 11.73 9.82
C ARG A 10 1.05 10.77 9.10
N GLN A 11 2.31 10.67 9.56
CA GLN A 11 3.34 9.81 8.98
C GLN A 11 3.05 8.31 9.20
N ALA A 12 2.02 7.78 8.55
CA ALA A 12 1.61 6.38 8.64
C ALA A 12 0.70 6.04 7.46
N TRP A 13 1.17 6.33 6.24
CA TRP A 13 0.44 6.11 4.99
C TRP A 13 -0.82 6.98 4.90
N LEU A 14 -1.46 7.00 3.73
CA LEU A 14 -2.67 7.77 3.45
C LEU A 14 -3.58 6.94 2.55
N TRP A 15 -4.86 7.34 2.50
CA TRP A 15 -5.87 6.69 1.68
C TRP A 15 -5.40 6.61 0.22
N GLU A 16 -4.94 7.73 -0.34
CA GLU A 16 -4.46 7.80 -1.71
C GLU A 16 -3.35 6.77 -1.95
N GLU A 17 -2.38 6.69 -1.04
CA GLU A 17 -1.28 5.75 -1.11
C GLU A 17 -1.83 4.32 -1.22
N ASP A 18 -2.79 3.98 -0.34
CA ASP A 18 -3.41 2.65 -0.35
C ASP A 18 -4.14 2.41 -1.68
N LYS A 19 -4.84 3.42 -2.22
CA LYS A 19 -5.52 3.28 -3.51
C LYS A 19 -4.48 2.96 -4.59
N ASN A 20 -3.38 3.73 -4.63
CA ASN A 20 -2.29 3.56 -5.59
C ASN A 20 -1.76 2.13 -5.53
N LEU A 21 -1.47 1.66 -4.31
CA LEU A 21 -0.97 0.31 -4.06
C LEU A 21 -1.94 -0.74 -4.60
N ARG A 22 -3.20 -0.72 -4.11
CA ARG A 22 -4.21 -1.68 -4.53
C ARG A 22 -4.43 -1.67 -6.04
N SER A 23 -4.45 -0.49 -6.67
CA SER A 23 -4.62 -0.36 -8.11
C SER A 23 -3.43 -0.98 -8.83
N GLY A 24 -2.22 -0.69 -8.34
CA GLY A 24 -0.98 -1.23 -8.89
C GLY A 24 -1.02 -2.74 -8.86
N VAL A 25 -1.35 -3.33 -7.70
CA VAL A 25 -1.45 -4.77 -7.53
C VAL A 25 -2.54 -5.33 -8.45
N ARG A 26 -3.69 -4.66 -8.56
CA ARG A 26 -4.78 -5.11 -9.42
C ARG A 26 -4.30 -5.26 -10.87
N LYS A 27 -3.54 -4.29 -11.36
CA LYS A 27 -3.04 -4.27 -12.73
C LYS A 27 -1.84 -5.18 -12.98
N TYR A 28 -0.75 -4.98 -12.22
CA TYR A 28 0.52 -5.68 -12.40
C TYR A 28 0.77 -6.85 -11.45
N GLY A 29 -0.14 -7.14 -10.53
CA GLY A 29 0.04 -8.22 -9.55
C GLY A 29 0.97 -7.73 -8.44
N GLU A 30 1.01 -8.45 -7.32
CA GLU A 30 1.86 -8.10 -6.19
C GLU A 30 3.28 -8.66 -6.40
N GLY A 31 4.16 -8.50 -5.41
CA GLY A 31 5.53 -8.97 -5.47
C GLY A 31 6.43 -8.00 -6.22
N ASN A 32 6.02 -7.56 -7.42
CA ASN A 32 6.76 -6.62 -8.27
C ASN A 32 6.58 -5.19 -7.76
N TRP A 33 7.01 -4.96 -6.52
CA TRP A 33 6.93 -3.67 -5.84
C TRP A 33 7.69 -2.57 -6.59
N SER A 34 8.81 -2.92 -7.24
CA SER A 34 9.59 -1.96 -8.01
C SER A 34 8.72 -1.39 -9.14
N LYS A 35 8.04 -2.26 -9.89
CA LYS A 35 7.16 -1.86 -10.97
C LYS A 35 6.01 -1.02 -10.42
N ILE A 36 5.34 -1.48 -9.36
CA ILE A 36 4.24 -0.73 -8.76
C ILE A 36 4.71 0.69 -8.37
N LEU A 37 5.82 0.76 -7.64
CA LEU A 37 6.42 2.02 -7.17
C LEU A 37 6.81 2.93 -8.34
N LEU A 38 7.27 2.36 -9.45
CA LEU A 38 7.68 3.11 -10.63
C LEU A 38 6.45 3.66 -11.39
N HIS A 39 5.45 2.81 -11.59
CA HIS A 39 4.24 3.11 -12.32
C HIS A 39 3.35 4.11 -11.58
N TYR A 40 3.02 3.83 -10.32
CA TYR A 40 2.17 4.69 -9.49
C TYR A 40 3.01 5.63 -8.62
N LYS A 41 2.46 6.79 -8.31
CA LYS A 41 3.10 7.79 -7.47
C LYS A 41 2.95 7.37 -6.01
N PHE A 42 3.96 7.68 -5.19
CA PHE A 42 4.00 7.37 -3.76
C PHE A 42 4.80 8.45 -3.05
N ASN A 43 4.30 8.93 -1.91
CA ASN A 43 4.92 9.97 -1.10
C ASN A 43 6.08 9.39 -0.29
N ASN A 44 7.20 9.08 -0.98
CA ASN A 44 8.43 8.54 -0.40
C ASN A 44 8.21 7.17 0.26
N ARG A 45 8.35 6.10 -0.54
CA ARG A 45 8.20 4.72 -0.10
C ARG A 45 9.32 3.86 -0.69
N THR A 46 9.29 2.56 -0.35
CA THR A 46 10.25 1.56 -0.78
C THR A 46 9.50 0.25 -1.04
N SER A 47 10.20 -0.71 -1.65
CA SER A 47 9.66 -2.03 -1.91
C SER A 47 9.22 -2.67 -0.59
N VAL A 48 10.02 -2.46 0.46
CA VAL A 48 9.75 -2.96 1.80
C VAL A 48 8.42 -2.39 2.32
N MET A 49 8.25 -1.06 2.28
CA MET A 49 7.02 -0.43 2.75
C MET A 49 5.80 -0.99 2.02
N LEU A 50 5.84 -1.01 0.68
CA LEU A 50 4.74 -1.52 -0.14
C LEU A 50 4.44 -2.98 0.23
N LYS A 51 5.49 -3.82 0.31
CA LYS A 51 5.39 -5.23 0.65
C LYS A 51 4.67 -5.41 1.98
N ASP A 52 5.24 -4.83 3.05
CA ASP A 52 4.73 -4.92 4.40
C ASP A 52 3.29 -4.43 4.47
N ARG A 53 2.99 -3.27 3.86
CA ARG A 53 1.65 -2.70 3.84
C ARG A 53 0.67 -3.72 3.26
N TRP A 54 0.97 -4.25 2.08
CA TRP A 54 0.11 -5.22 1.42
C TRP A 54 -0.04 -6.51 2.25
N ARG A 55 1.05 -7.03 2.80
CA ARG A 55 1.04 -8.24 3.62
C ARG A 55 0.12 -8.06 4.83
N THR A 56 0.25 -6.92 5.50
CA THR A 56 -0.57 -6.59 6.67
C THR A 56 -2.05 -6.64 6.29
N MET A 57 -2.44 -5.97 5.20
CA MET A 57 -3.82 -5.96 4.75
C MET A 57 -4.28 -7.37 4.37
N LYS A 58 -3.50 -8.10 3.57
CA LYS A 58 -3.82 -9.46 3.15
C LYS A 58 -4.14 -10.32 4.37
N LYS A 59 -3.33 -10.24 5.42
CA LYS A 59 -3.55 -11.01 6.63
C LYS A 59 -4.69 -10.42 7.47
N LEU A 60 -4.46 -9.27 8.11
CA LEU A 60 -5.41 -8.61 8.99
C LEU A 60 -6.43 -7.76 8.22
N LYS A 61 -7.09 -8.34 7.22
CA LYS A 61 -8.13 -7.70 6.41
C LYS A 61 -8.69 -8.62 5.32
N LEU A 62 -7.96 -9.68 4.92
CA LEU A 62 -8.36 -10.64 3.89
C LEU A 62 -8.87 -9.97 2.61
N ILE A 63 -8.03 -9.09 2.04
CA ILE A 63 -8.26 -8.34 0.82
C ILE A 63 -8.76 -9.25 -0.31
N SER A 64 -8.11 -10.40 -0.47
CA SER A 64 -8.43 -11.42 -1.46
C SER A 64 -7.93 -12.74 -0.91
N SER A 65 -8.60 -13.21 0.15
CA SER A 65 -8.26 -14.44 0.85
C SER A 65 -9.57 -15.09 1.33
N ASP A 66 -10.09 -16.00 0.52
CA ASP A 66 -11.33 -16.73 0.76
C ASP A 66 -11.06 -18.04 1.50
N SER A 67 -10.25 -18.92 0.90
CA SER A 67 -9.90 -20.22 1.43
C SER A 67 -8.90 -20.12 2.58
N GLU A 68 -9.37 -19.60 3.73
CA GLU A 68 -8.58 -19.44 4.94
C GLU A 68 -9.25 -20.26 6.04
N ASP A 69 -8.81 -21.50 6.21
CA ASP A 69 -9.34 -22.42 7.21
C ASP A 69 -9.16 -21.87 8.63
N GLU A 3 20.45 7.02 14.13
CA GLU A 3 20.80 6.95 12.70
C GLU A 3 19.93 7.92 11.89
N LYS A 4 20.26 8.05 10.60
CA LYS A 4 19.55 8.90 9.64
C LYS A 4 19.50 10.35 10.14
N HIS A 5 18.30 10.88 10.41
CA HIS A 5 18.13 12.25 10.86
C HIS A 5 16.79 12.39 11.60
N ARG A 6 16.50 11.44 12.51
CA ARG A 6 15.29 11.39 13.33
C ARG A 6 14.08 11.00 12.47
N ALA A 7 12.93 10.78 13.13
CA ALA A 7 11.68 10.40 12.50
C ALA A 7 10.51 10.85 13.38
N ARG A 8 9.40 11.22 12.74
CA ARG A 8 8.14 11.68 13.35
C ARG A 8 7.15 11.97 12.21
N LYS A 9 6.04 12.64 12.53
CA LYS A 9 4.94 13.01 11.64
C LYS A 9 5.36 13.28 10.18
N ARG A 10 4.66 12.64 9.24
CA ARG A 10 4.85 12.77 7.80
C ARG A 10 3.68 12.05 7.10
N GLN A 11 3.78 11.83 5.78
CA GLN A 11 2.78 11.16 4.97
C GLN A 11 2.78 9.66 5.27
N ALA A 12 2.28 9.26 6.44
CA ALA A 12 2.23 7.88 6.89
C ALA A 12 1.06 7.13 6.24
N TRP A 13 1.24 6.71 4.98
CA TRP A 13 0.26 5.96 4.19
C TRP A 13 -1.07 6.71 4.07
N LEU A 14 -1.12 7.71 3.17
CA LEU A 14 -2.34 8.47 2.95
C LEU A 14 -3.34 7.62 2.16
N TRP A 15 -4.60 8.09 2.11
CA TRP A 15 -5.68 7.42 1.40
C TRP A 15 -5.29 7.17 -0.05
N GLU A 16 -4.63 8.14 -0.69
CA GLU A 16 -4.19 8.03 -2.06
C GLU A 16 -3.21 6.85 -2.18
N GLU A 17 -2.25 6.76 -1.26
CA GLU A 17 -1.26 5.70 -1.25
C GLU A 17 -1.93 4.31 -1.11
N ASP A 18 -2.94 4.19 -0.25
CA ASP A 18 -3.65 2.92 -0.08
C ASP A 18 -4.35 2.51 -1.37
N LYS A 19 -5.10 3.44 -1.98
CA LYS A 19 -5.80 3.20 -3.23
C LYS A 19 -4.79 2.80 -4.31
N ASN A 20 -3.71 3.57 -4.41
CA ASN A 20 -2.62 3.39 -5.35
C ASN A 20 -2.01 1.99 -5.21
N LEU A 21 -1.60 1.61 -4.00
CA LEU A 21 -1.00 0.30 -3.73
C LEU A 21 -1.93 -0.81 -4.18
N ARG A 22 -3.17 -0.78 -3.66
CA ARG A 22 -4.19 -1.76 -3.97
C ARG A 22 -4.38 -1.89 -5.47
N SER A 23 -4.56 -0.76 -6.18
CA SER A 23 -4.72 -0.74 -7.62
C SER A 23 -3.49 -1.34 -8.29
N GLY A 24 -2.30 -0.95 -7.84
CA GLY A 24 -1.01 -1.41 -8.34
C GLY A 24 -0.95 -2.94 -8.30
N VAL A 25 -1.27 -3.53 -7.14
CA VAL A 25 -1.27 -4.98 -6.99
C VAL A 25 -2.27 -5.59 -7.97
N ARG A 26 -3.47 -5.00 -8.12
CA ARG A 26 -4.44 -5.52 -9.07
C ARG A 26 -3.95 -5.41 -10.53
N LYS A 27 -3.08 -4.44 -10.83
CA LYS A 27 -2.54 -4.25 -12.17
C LYS A 27 -1.37 -5.19 -12.48
N TYR A 28 -0.29 -5.12 -11.68
CA TYR A 28 0.94 -5.87 -11.89
C TYR A 28 1.18 -7.04 -10.95
N GLY A 29 0.27 -7.30 -9.99
CA GLY A 29 0.41 -8.40 -9.05
C GLY A 29 1.42 -8.06 -7.94
N GLU A 30 1.49 -8.92 -6.92
CA GLU A 30 2.41 -8.76 -5.81
C GLU A 30 3.84 -9.01 -6.31
N GLY A 31 4.85 -8.69 -5.51
CA GLY A 31 6.24 -8.88 -5.90
C GLY A 31 6.75 -7.77 -6.82
N ASN A 32 5.92 -7.35 -7.79
CA ASN A 32 6.21 -6.31 -8.78
C ASN A 32 6.12 -4.90 -8.16
N TRP A 33 6.75 -4.72 -7.00
CA TRP A 33 6.76 -3.47 -6.25
C TRP A 33 7.50 -2.38 -7.01
N SER A 34 8.64 -2.72 -7.63
CA SER A 34 9.43 -1.78 -8.41
C SER A 34 8.59 -1.19 -9.54
N LYS A 35 7.87 -2.05 -10.26
CA LYS A 35 6.99 -1.68 -11.35
C LYS A 35 5.89 -0.74 -10.84
N ILE A 36 5.22 -1.14 -9.75
CA ILE A 36 4.16 -0.37 -9.13
C ILE A 36 4.69 1.02 -8.77
N LEU A 37 5.82 1.10 -8.06
CA LEU A 37 6.46 2.35 -7.67
C LEU A 37 6.72 3.23 -8.89
N LEU A 38 7.43 2.67 -9.88
CA LEU A 38 7.79 3.36 -11.11
C LEU A 38 6.59 4.04 -11.78
N HIS A 39 5.45 3.37 -11.82
CA HIS A 39 4.25 3.85 -12.50
C HIS A 39 3.29 4.68 -11.64
N TYR A 40 3.62 5.03 -10.38
CA TYR A 40 2.68 5.81 -9.56
C TYR A 40 3.35 6.80 -8.60
N LYS A 41 2.54 7.74 -8.09
CA LYS A 41 2.93 8.81 -7.19
C LYS A 41 3.08 8.38 -5.72
N PHE A 42 4.01 7.48 -5.42
CA PHE A 42 4.24 7.07 -4.03
C PHE A 42 5.03 8.16 -3.32
N ASN A 43 4.59 8.56 -2.12
CA ASN A 43 5.24 9.61 -1.34
C ASN A 43 6.52 9.08 -0.66
N ASN A 44 7.52 8.72 -1.48
CA ASN A 44 8.82 8.21 -1.05
C ASN A 44 8.63 6.95 -0.19
N ARG A 45 8.06 5.90 -0.79
CA ARG A 45 7.78 4.63 -0.15
C ARG A 45 8.70 3.54 -0.72
N THR A 46 9.10 2.57 0.10
CA THR A 46 10.01 1.49 -0.29
C THR A 46 9.26 0.21 -0.62
N SER A 47 9.86 -0.66 -1.44
CA SER A 47 9.30 -1.96 -1.81
C SER A 47 9.05 -2.83 -0.56
N VAL A 48 9.86 -2.63 0.48
CA VAL A 48 9.76 -3.34 1.74
C VAL A 48 8.47 -2.87 2.42
N MET A 49 8.28 -1.55 2.52
CA MET A 49 7.09 -0.98 3.13
C MET A 49 5.84 -1.36 2.33
N LEU A 50 5.90 -1.36 0.99
CA LEU A 50 4.78 -1.74 0.14
C LEU A 50 4.32 -3.16 0.46
N LYS A 51 5.24 -4.13 0.39
CA LYS A 51 4.89 -5.52 0.65
C LYS A 51 4.33 -5.67 2.06
N ASP A 52 4.91 -5.00 3.06
CA ASP A 52 4.44 -5.08 4.43
C ASP A 52 2.98 -4.60 4.52
N ARG A 53 2.72 -3.39 4.03
CA ARG A 53 1.40 -2.77 4.03
C ARG A 53 0.36 -3.71 3.43
N TRP A 54 0.62 -4.20 2.22
CA TRP A 54 -0.29 -5.10 1.53
C TRP A 54 -0.48 -6.41 2.30
N ARG A 55 0.63 -7.05 2.69
CA ARG A 55 0.59 -8.32 3.41
C ARG A 55 -0.10 -8.17 4.77
N THR A 56 -0.14 -6.98 5.36
CA THR A 56 -0.86 -6.78 6.62
C THR A 56 -2.35 -6.94 6.33
N MET A 57 -2.86 -6.23 5.31
CA MET A 57 -4.25 -6.31 4.91
C MET A 57 -4.61 -7.73 4.48
N LYS A 58 -3.82 -8.33 3.59
CA LYS A 58 -4.08 -9.67 3.09
C LYS A 58 -4.08 -10.71 4.23
N LYS A 59 -3.13 -10.61 5.16
CA LYS A 59 -3.03 -11.53 6.28
C LYS A 59 -4.20 -11.38 7.25
N LEU A 60 -4.50 -10.14 7.65
CA LEU A 60 -5.54 -9.85 8.63
C LEU A 60 -6.95 -9.88 8.03
N LYS A 61 -7.22 -9.04 7.03
CA LYS A 61 -8.53 -8.91 6.40
C LYS A 61 -8.81 -9.93 5.30
N LEU A 62 -7.79 -10.37 4.56
CA LEU A 62 -7.96 -11.30 3.44
C LEU A 62 -8.75 -10.53 2.37
N ILE A 63 -8.11 -9.45 1.89
CA ILE A 63 -8.63 -8.50 0.91
C ILE A 63 -8.76 -9.05 -0.51
N SER A 64 -9.55 -10.13 -0.68
CA SER A 64 -9.82 -10.76 -1.97
C SER A 64 -11.02 -11.70 -1.81
N SER A 65 -10.81 -12.96 -1.39
CA SER A 65 -11.89 -13.93 -1.20
C SER A 65 -11.87 -14.45 0.24
N ASP A 66 -11.49 -15.72 0.44
CA ASP A 66 -11.45 -16.37 1.75
C ASP A 66 -10.35 -17.43 1.78
N SER A 67 -10.60 -18.56 1.09
CA SER A 67 -9.70 -19.70 1.03
C SER A 67 -8.57 -19.47 0.03
N GLU A 68 -7.52 -18.78 0.50
CA GLU A 68 -6.32 -18.47 -0.28
C GLU A 68 -5.09 -19.01 0.46
N ASP A 69 -3.98 -19.16 -0.27
CA ASP A 69 -2.71 -19.65 0.21
C ASP A 69 -1.59 -19.15 -0.70
N GLU A 3 -4.54 24.35 14.83
CA GLU A 3 -3.99 24.08 16.17
C GLU A 3 -4.92 23.11 16.91
N LYS A 4 -4.35 22.24 17.76
CA LYS A 4 -5.04 21.26 18.57
C LYS A 4 -4.02 20.45 19.39
N HIS A 5 -3.24 19.59 18.71
CA HIS A 5 -2.29 18.67 19.32
C HIS A 5 -3.02 17.69 20.26
N ARG A 6 -2.27 16.84 20.97
CA ARG A 6 -2.77 15.85 21.92
C ARG A 6 -3.59 14.74 21.24
N ALA A 7 -3.08 13.50 21.28
CA ALA A 7 -3.71 12.32 20.69
C ALA A 7 -3.93 12.52 19.19
N ARG A 8 -2.86 12.88 18.48
CA ARG A 8 -2.90 13.08 17.04
C ARG A 8 -2.71 11.72 16.37
N LYS A 9 -3.75 11.23 15.68
CA LYS A 9 -3.75 9.97 14.95
C LYS A 9 -2.49 9.87 14.09
N ARG A 10 -1.73 8.78 14.23
CA ARG A 10 -0.52 8.52 13.46
C ARG A 10 -0.84 8.52 11.97
N GLN A 11 -0.58 9.65 11.30
CA GLN A 11 -0.84 9.89 9.89
C GLN A 11 -0.44 8.68 9.04
N ALA A 12 0.87 8.39 8.99
CA ALA A 12 1.42 7.27 8.24
C ALA A 12 0.99 7.30 6.78
N TRP A 13 0.52 6.17 6.28
CA TRP A 13 0.06 5.97 4.91
C TRP A 13 -1.25 6.73 4.64
N LEU A 14 -1.31 7.42 3.51
CA LEU A 14 -2.46 8.18 3.04
C LEU A 14 -3.33 7.32 2.11
N TRP A 15 -4.57 7.77 1.93
CA TRP A 15 -5.56 7.13 1.07
C TRP A 15 -5.04 6.90 -0.34
N GLU A 16 -4.34 7.90 -0.91
CA GLU A 16 -3.79 7.82 -2.26
C GLU A 16 -2.85 6.62 -2.35
N GLU A 17 -1.91 6.51 -1.40
CA GLU A 17 -0.95 5.43 -1.37
C GLU A 17 -1.65 4.07 -1.37
N ASP A 18 -2.55 3.84 -0.40
CA ASP A 18 -3.28 2.59 -0.29
C ASP A 18 -4.09 2.27 -1.54
N LYS A 19 -4.81 3.26 -2.07
CA LYS A 19 -5.62 3.13 -3.27
C LYS A 19 -4.76 2.69 -4.45
N ASN A 20 -3.65 3.40 -4.68
CA ASN A 20 -2.73 3.10 -5.77
C ASN A 20 -2.02 1.77 -5.53
N LEU A 21 -1.75 1.39 -4.28
CA LEU A 21 -1.11 0.12 -3.96
C LEU A 21 -2.05 -1.01 -4.37
N ARG A 22 -3.30 -0.97 -3.89
CA ARG A 22 -4.33 -1.96 -4.21
C ARG A 22 -4.48 -2.08 -5.72
N SER A 23 -4.70 -0.94 -6.40
CA SER A 23 -4.84 -0.90 -7.84
C SER A 23 -3.60 -1.50 -8.50
N GLY A 24 -2.43 -1.11 -8.00
CA GLY A 24 -1.12 -1.54 -8.47
C GLY A 24 -0.97 -3.05 -8.45
N VAL A 25 -1.26 -3.70 -7.32
CA VAL A 25 -1.17 -5.14 -7.20
C VAL A 25 -2.12 -5.80 -8.21
N ARG A 26 -3.36 -5.34 -8.29
CA ARG A 26 -4.35 -5.88 -9.21
C ARG A 26 -3.96 -5.72 -10.69
N LYS A 27 -3.41 -4.56 -11.06
CA LYS A 27 -3.03 -4.23 -12.43
C LYS A 27 -1.71 -4.86 -12.85
N TYR A 28 -0.66 -4.61 -12.07
CA TYR A 28 0.71 -5.00 -12.35
C TYR A 28 1.15 -6.35 -11.78
N GLY A 29 0.48 -6.84 -10.72
CA GLY A 29 0.77 -8.14 -10.12
C GLY A 29 1.46 -8.03 -8.75
N GLU A 30 1.32 -9.10 -7.95
CA GLU A 30 1.91 -9.24 -6.63
C GLU A 30 3.43 -9.24 -6.71
N GLY A 31 4.08 -8.84 -5.61
CA GLY A 31 5.54 -8.82 -5.50
C GLY A 31 6.25 -7.75 -6.32
N ASN A 32 5.65 -7.26 -7.41
CA ASN A 32 6.25 -6.27 -8.31
C ASN A 32 6.19 -4.86 -7.71
N TRP A 33 6.83 -4.67 -6.54
CA TRP A 33 6.86 -3.41 -5.82
C TRP A 33 7.54 -2.30 -6.61
N SER A 34 8.66 -2.60 -7.27
CA SER A 34 9.37 -1.61 -8.09
C SER A 34 8.45 -1.15 -9.22
N LYS A 35 7.78 -2.10 -9.88
CA LYS A 35 6.87 -1.85 -10.98
C LYS A 35 5.77 -0.89 -10.50
N ILE A 36 5.05 -1.28 -9.44
CA ILE A 36 3.99 -0.49 -8.82
C ILE A 36 4.48 0.92 -8.48
N LEU A 37 5.63 1.00 -7.81
CA LEU A 37 6.27 2.24 -7.39
C LEU A 37 6.53 3.17 -8.58
N LEU A 38 6.99 2.61 -9.71
CA LEU A 38 7.28 3.39 -10.90
C LEU A 38 5.99 3.89 -11.56
N HIS A 39 4.95 3.05 -11.60
CA HIS A 39 3.69 3.39 -12.22
C HIS A 39 2.91 4.49 -11.50
N TYR A 40 2.66 4.34 -10.20
CA TYR A 40 1.85 5.30 -9.43
C TYR A 40 2.65 6.16 -8.45
N LYS A 41 1.97 7.19 -7.93
CA LYS A 41 2.52 8.15 -6.98
C LYS A 41 2.62 7.52 -5.59
N PHE A 42 3.76 7.75 -4.93
CA PHE A 42 4.04 7.28 -3.59
C PHE A 42 5.01 8.26 -2.94
N ASN A 43 4.66 8.75 -1.75
CA ASN A 43 5.44 9.69 -0.95
C ASN A 43 6.57 8.95 -0.22
N ASN A 44 7.49 8.38 -1.01
CA ASN A 44 8.65 7.62 -0.55
C ASN A 44 8.22 6.39 0.24
N ARG A 45 7.90 5.31 -0.47
CA ARG A 45 7.51 4.02 0.08
C ARG A 45 8.48 3.01 -0.54
N THR A 46 9.39 2.47 0.27
CA THR A 46 10.39 1.51 -0.17
C THR A 46 9.76 0.17 -0.55
N SER A 47 10.54 -0.72 -1.19
CA SER A 47 10.07 -2.04 -1.57
C SER A 47 9.56 -2.77 -0.31
N VAL A 48 10.32 -2.65 0.78
CA VAL A 48 9.98 -3.25 2.07
C VAL A 48 8.66 -2.67 2.58
N MET A 49 8.53 -1.33 2.58
CA MET A 49 7.32 -0.67 3.05
C MET A 49 6.10 -1.09 2.23
N LEU A 50 6.20 -1.07 0.90
CA LEU A 50 5.14 -1.46 -0.03
C LEU A 50 4.71 -2.90 0.27
N LYS A 51 5.70 -3.81 0.33
CA LYS A 51 5.49 -5.22 0.61
C LYS A 51 4.78 -5.44 1.93
N ASP A 52 5.35 -4.95 3.04
CA ASP A 52 4.79 -5.15 4.37
C ASP A 52 3.41 -4.49 4.51
N ARG A 53 3.21 -3.32 3.89
CA ARG A 53 1.93 -2.64 3.93
C ARG A 53 0.87 -3.53 3.31
N TRP A 54 1.13 -4.01 2.08
CA TRP A 54 0.19 -4.88 1.39
C TRP A 54 -0.04 -6.14 2.21
N ARG A 55 1.04 -6.79 2.67
CA ARG A 55 1.01 -8.00 3.49
C ARG A 55 0.03 -7.81 4.66
N THR A 56 0.17 -6.70 5.39
CA THR A 56 -0.69 -6.38 6.52
C THR A 56 -2.14 -6.19 6.04
N MET A 57 -2.34 -5.40 4.98
CA MET A 57 -3.65 -5.15 4.41
C MET A 57 -4.36 -6.45 4.06
N LYS A 58 -3.66 -7.37 3.39
CA LYS A 58 -4.19 -8.67 2.99
C LYS A 58 -4.04 -9.75 4.05
N LYS A 59 -3.72 -9.38 5.29
CA LYS A 59 -3.61 -10.35 6.37
C LYS A 59 -5.02 -10.91 6.63
N LEU A 60 -6.02 -10.02 6.58
CA LEU A 60 -7.45 -10.31 6.77
C LEU A 60 -8.27 -9.03 6.59
N LYS A 61 -7.78 -7.91 7.15
CA LYS A 61 -8.37 -6.59 7.23
C LYS A 61 -9.50 -6.26 6.23
N LEU A 62 -9.26 -6.34 4.92
CA LEU A 62 -10.29 -6.02 3.92
C LEU A 62 -9.96 -6.56 2.52
N ILE A 63 -9.29 -7.71 2.43
CA ILE A 63 -8.94 -8.35 1.18
C ILE A 63 -9.50 -9.77 1.17
N SER A 64 -10.14 -10.16 0.07
CA SER A 64 -10.75 -11.47 -0.12
C SER A 64 -11.70 -11.84 1.02
N SER A 65 -12.62 -10.93 1.35
CA SER A 65 -13.62 -11.11 2.40
C SER A 65 -14.91 -11.55 1.71
N ASP A 66 -15.11 -12.87 1.58
CA ASP A 66 -16.28 -13.48 0.96
C ASP A 66 -17.58 -12.83 1.44
N SER A 67 -17.74 -12.75 2.76
CA SER A 67 -18.88 -12.13 3.41
C SER A 67 -18.54 -10.67 3.72
N GLU A 68 -19.49 -9.77 3.47
CA GLU A 68 -19.34 -8.34 3.69
C GLU A 68 -19.83 -8.01 5.10
N ASP A 69 -18.98 -8.30 6.10
CA ASP A 69 -19.26 -8.06 7.50
C ASP A 69 -18.69 -6.71 7.92
N GLU A 3 15.77 18.37 17.02
CA GLU A 3 15.22 17.01 17.15
C GLU A 3 15.43 16.25 15.84
N LYS A 4 15.43 14.92 15.89
CA LYS A 4 15.61 14.08 14.71
C LYS A 4 14.37 14.22 13.82
N HIS A 5 14.58 14.23 12.50
CA HIS A 5 13.53 14.36 11.50
C HIS A 5 12.42 13.31 11.63
N ARG A 6 12.72 12.14 12.20
CA ARG A 6 11.76 11.07 12.42
C ARG A 6 12.24 10.23 13.61
N ALA A 7 11.31 9.88 14.51
CA ALA A 7 11.56 9.09 15.70
C ALA A 7 10.22 8.56 16.22
N ARG A 8 9.52 7.83 15.36
CA ARG A 8 8.20 7.25 15.65
C ARG A 8 7.91 6.13 14.64
N LYS A 9 6.68 5.62 14.64
CA LYS A 9 6.25 4.56 13.74
C LYS A 9 6.40 5.02 12.28
N ARG A 10 6.66 4.07 11.37
CA ARG A 10 6.86 4.32 9.95
C ARG A 10 5.53 4.58 9.20
N GLN A 11 4.55 5.22 9.85
CA GLN A 11 3.26 5.49 9.24
C GLN A 11 3.35 6.73 8.36
N ALA A 12 2.79 6.59 7.15
CA ALA A 12 2.68 7.56 6.09
C ALA A 12 2.04 6.80 4.94
N TRP A 13 0.74 6.53 5.10
CA TRP A 13 -0.09 5.79 4.17
C TRP A 13 -1.49 6.38 4.21
N LEU A 14 -1.69 7.46 3.47
CA LEU A 14 -2.98 8.12 3.36
C LEU A 14 -3.80 7.41 2.26
N TRP A 15 -5.03 7.88 2.08
CA TRP A 15 -5.98 7.36 1.10
C TRP A 15 -5.34 7.15 -0.28
N GLU A 16 -4.58 8.13 -0.76
CA GLU A 16 -3.95 8.06 -2.06
C GLU A 16 -2.90 6.96 -2.14
N GLU A 17 -1.92 6.89 -1.22
CA GLU A 17 -0.91 5.84 -1.26
C GLU A 17 -1.58 4.46 -1.26
N ASP A 18 -2.60 4.26 -0.42
CA ASP A 18 -3.33 3.00 -0.36
C ASP A 18 -4.03 2.70 -1.69
N LYS A 19 -4.72 3.70 -2.26
CA LYS A 19 -5.43 3.57 -3.53
C LYS A 19 -4.44 3.18 -4.64
N ASN A 20 -3.29 3.86 -4.67
CA ASN A 20 -2.20 3.65 -5.61
C ASN A 20 -1.67 2.22 -5.46
N LEU A 21 -1.43 1.79 -4.22
CA LEU A 21 -0.93 0.46 -3.91
C LEU A 21 -1.91 -0.61 -4.43
N ARG A 22 -3.18 -0.51 -4.04
CA ARG A 22 -4.21 -1.45 -4.43
C ARG A 22 -4.38 -1.52 -5.95
N SER A 23 -4.50 -0.36 -6.61
CA SER A 23 -4.65 -0.30 -8.05
C SER A 23 -3.43 -0.93 -8.74
N GLY A 24 -2.23 -0.62 -8.25
CA GLY A 24 -0.98 -1.13 -8.76
C GLY A 24 -0.94 -2.66 -8.65
N VAL A 25 -1.21 -3.19 -7.45
CA VAL A 25 -1.20 -4.63 -7.22
C VAL A 25 -2.20 -5.36 -8.09
N ARG A 26 -3.46 -4.90 -8.18
CA ARG A 26 -4.42 -5.63 -9.01
C ARG A 26 -4.05 -5.57 -10.50
N LYS A 27 -3.48 -4.45 -10.95
CA LYS A 27 -3.09 -4.24 -12.34
C LYS A 27 -1.79 -4.93 -12.75
N TYR A 28 -0.80 -5.05 -11.86
CA TYR A 28 0.50 -5.64 -12.17
C TYR A 28 0.94 -6.77 -11.25
N GLY A 29 0.08 -7.23 -10.34
CA GLY A 29 0.40 -8.29 -9.39
C GLY A 29 1.31 -7.74 -8.28
N GLU A 30 1.37 -8.42 -7.13
CA GLU A 30 2.22 -8.02 -6.02
C GLU A 30 3.63 -8.59 -6.23
N GLY A 31 4.54 -8.37 -5.27
CA GLY A 31 5.91 -8.85 -5.37
C GLY A 31 6.76 -7.86 -6.18
N ASN A 32 6.30 -7.52 -7.39
CA ASN A 32 6.97 -6.57 -8.27
C ASN A 32 6.69 -5.13 -7.82
N TRP A 33 7.12 -4.81 -6.60
CA TRP A 33 6.97 -3.51 -5.96
C TRP A 33 7.59 -2.42 -6.81
N SER A 34 8.68 -2.73 -7.53
CA SER A 34 9.35 -1.81 -8.42
C SER A 34 8.39 -1.38 -9.54
N LYS A 35 7.73 -2.34 -10.18
CA LYS A 35 6.77 -2.08 -11.25
C LYS A 35 5.64 -1.19 -10.72
N ILE A 36 5.09 -1.58 -9.56
CA ILE A 36 4.01 -0.84 -8.91
C ILE A 36 4.43 0.61 -8.69
N LEU A 37 5.59 0.81 -8.05
CA LEU A 37 6.14 2.13 -7.76
C LEU A 37 6.33 2.95 -9.04
N LEU A 38 6.94 2.34 -10.07
CA LEU A 38 7.17 3.00 -11.35
C LEU A 38 5.88 3.48 -12.00
N HIS A 39 4.77 2.77 -11.80
CA HIS A 39 3.49 3.08 -12.42
C HIS A 39 2.49 3.83 -11.52
N TYR A 40 2.87 4.22 -10.29
CA TYR A 40 1.95 4.93 -9.40
C TYR A 40 2.66 5.85 -8.41
N LYS A 41 1.88 6.72 -7.74
CA LYS A 41 2.36 7.70 -6.76
C LYS A 41 2.53 7.06 -5.39
N PHE A 42 3.67 7.34 -4.76
CA PHE A 42 4.02 6.88 -3.43
C PHE A 42 4.81 7.99 -2.75
N ASN A 43 4.43 8.32 -1.51
CA ASN A 43 5.06 9.39 -0.73
C ASN A 43 6.40 8.94 -0.16
N ASN A 44 7.40 8.77 -1.03
CA ASN A 44 8.77 8.38 -0.72
C ASN A 44 8.79 7.11 0.14
N ARG A 45 8.39 5.99 -0.47
CA ARG A 45 8.32 4.67 0.17
C ARG A 45 9.35 3.71 -0.44
N THR A 46 9.50 2.55 0.21
CA THR A 46 10.41 1.48 -0.19
C THR A 46 9.62 0.23 -0.53
N SER A 47 10.24 -0.67 -1.30
CA SER A 47 9.64 -1.95 -1.68
C SER A 47 9.28 -2.73 -0.40
N VAL A 48 10.13 -2.61 0.63
CA VAL A 48 9.94 -3.25 1.92
C VAL A 48 8.65 -2.71 2.56
N MET A 49 8.45 -1.39 2.55
CA MET A 49 7.25 -0.81 3.12
C MET A 49 6.02 -1.26 2.32
N LEU A 50 6.06 -1.19 0.98
CA LEU A 50 4.96 -1.63 0.14
C LEU A 50 4.58 -3.07 0.50
N LYS A 51 5.58 -3.95 0.57
CA LYS A 51 5.44 -5.35 0.93
C LYS A 51 4.72 -5.48 2.26
N ASP A 52 5.28 -4.89 3.32
CA ASP A 52 4.73 -4.92 4.66
C ASP A 52 3.25 -4.49 4.66
N ARG A 53 2.98 -3.29 4.15
CA ARG A 53 1.65 -2.70 4.09
C ARG A 53 0.64 -3.65 3.46
N TRP A 54 0.90 -4.09 2.22
CA TRP A 54 0.00 -4.98 1.50
C TRP A 54 -0.17 -6.33 2.19
N ARG A 55 0.95 -6.96 2.57
CA ARG A 55 0.93 -8.27 3.22
C ARG A 55 0.10 -8.22 4.51
N THR A 56 0.21 -7.11 5.27
CA THR A 56 -0.54 -6.92 6.49
C THR A 56 -2.04 -6.83 6.19
N MET A 57 -2.45 -5.97 5.26
CA MET A 57 -3.85 -5.82 4.88
C MET A 57 -4.45 -7.13 4.37
N LYS A 58 -3.72 -7.79 3.47
CA LYS A 58 -4.11 -9.03 2.84
C LYS A 58 -4.15 -10.20 3.83
N LYS A 59 -3.30 -10.21 4.87
CA LYS A 59 -3.20 -11.26 5.88
C LYS A 59 -4.55 -11.91 6.20
N LEU A 60 -5.44 -11.12 6.81
CA LEU A 60 -6.80 -11.48 7.21
C LEU A 60 -7.45 -10.27 7.89
N LYS A 61 -7.17 -9.06 7.40
CA LYS A 61 -7.67 -7.82 7.98
C LYS A 61 -8.80 -7.21 7.15
N LEU A 62 -8.54 -6.95 5.86
CA LEU A 62 -9.52 -6.30 4.99
C LEU A 62 -9.75 -7.04 3.67
N ILE A 63 -8.69 -7.28 2.90
CA ILE A 63 -8.80 -7.92 1.59
C ILE A 63 -8.94 -9.43 1.74
N SER A 64 -7.82 -10.17 1.81
CA SER A 64 -7.77 -11.62 1.94
C SER A 64 -8.76 -12.33 1.01
N SER A 65 -8.78 -11.90 -0.26
CA SER A 65 -9.67 -12.42 -1.30
C SER A 65 -8.91 -12.76 -2.59
N ASP A 66 -7.63 -12.40 -2.67
CA ASP A 66 -6.76 -12.62 -3.81
C ASP A 66 -6.60 -14.13 -4.07
N SER A 67 -6.34 -14.50 -5.33
CA SER A 67 -6.16 -15.88 -5.74
C SER A 67 -5.35 -15.93 -7.04
N GLU A 68 -4.84 -17.12 -7.37
CA GLU A 68 -4.06 -17.36 -8.57
C GLU A 68 -4.98 -17.35 -9.79
N ASP A 69 -6.06 -18.16 -9.70
CA ASP A 69 -7.09 -18.32 -10.72
C ASP A 69 -6.51 -18.84 -12.04
N GLU A 3 -9.58 25.96 14.78
CA GLU A 3 -10.03 24.56 14.88
C GLU A 3 -9.17 23.69 13.97
N LYS A 4 -8.84 22.47 14.43
CA LYS A 4 -8.05 21.52 13.66
C LYS A 4 -8.99 20.80 12.69
N HIS A 5 -9.48 21.52 11.68
CA HIS A 5 -10.40 20.98 10.67
C HIS A 5 -9.81 19.68 10.09
N ARG A 6 -8.58 19.76 9.58
CA ARG A 6 -7.88 18.61 9.03
C ARG A 6 -7.19 17.88 10.18
N ALA A 7 -8.01 17.25 11.03
CA ALA A 7 -7.58 16.51 12.22
C ALA A 7 -6.43 15.54 11.96
N ARG A 8 -6.47 14.84 10.82
CA ARG A 8 -5.46 13.87 10.40
C ARG A 8 -5.35 12.72 11.40
N LYS A 9 -6.39 11.89 11.48
CA LYS A 9 -6.40 10.74 12.36
C LYS A 9 -5.47 9.66 11.79
N ARG A 10 -5.55 9.44 10.47
CA ARG A 10 -4.74 8.49 9.74
C ARG A 10 -3.34 9.09 9.54
N GLN A 11 -2.39 8.73 10.40
CA GLN A 11 -1.02 9.21 10.39
C GLN A 11 -0.26 8.80 9.12
N ALA A 12 -0.08 7.50 8.91
CA ALA A 12 0.65 6.94 7.77
C ALA A 12 -0.29 6.23 6.80
N TRP A 13 0.22 5.97 5.58
CA TRP A 13 -0.50 5.30 4.51
C TRP A 13 -1.84 5.99 4.26
N LEU A 14 -1.80 7.18 3.67
CA LEU A 14 -2.98 7.97 3.36
C LEU A 14 -3.69 7.39 2.14
N TRP A 15 -4.83 8.02 1.81
CA TRP A 15 -5.69 7.63 0.70
C TRP A 15 -4.92 7.44 -0.61
N GLU A 16 -4.02 8.37 -0.95
CA GLU A 16 -3.25 8.31 -2.18
C GLU A 16 -2.51 6.98 -2.30
N GLU A 17 -1.61 6.71 -1.35
CA GLU A 17 -0.81 5.50 -1.30
C GLU A 17 -1.68 4.26 -1.33
N ASP A 18 -2.72 4.21 -0.47
CA ASP A 18 -3.63 3.07 -0.40
C ASP A 18 -4.27 2.80 -1.76
N LYS A 19 -4.96 3.78 -2.35
CA LYS A 19 -5.65 3.61 -3.62
C LYS A 19 -4.68 3.19 -4.71
N ASN A 20 -3.59 3.94 -4.88
CA ASN A 20 -2.62 3.65 -5.93
C ASN A 20 -1.92 2.30 -5.75
N LEU A 21 -1.70 1.85 -4.51
CA LEU A 21 -1.09 0.54 -4.25
C LEU A 21 -2.09 -0.54 -4.65
N ARG A 22 -3.35 -0.41 -4.19
CA ARG A 22 -4.43 -1.34 -4.50
C ARG A 22 -4.53 -1.48 -6.02
N SER A 23 -4.56 -0.35 -6.72
CA SER A 23 -4.61 -0.30 -8.17
C SER A 23 -3.37 -1.00 -8.75
N GLY A 24 -2.19 -0.69 -8.21
CA GLY A 24 -0.91 -1.25 -8.62
C GLY A 24 -0.94 -2.78 -8.63
N VAL A 25 -1.27 -3.38 -7.49
CA VAL A 25 -1.35 -4.83 -7.38
C VAL A 25 -2.46 -5.39 -8.26
N ARG A 26 -3.64 -4.79 -8.24
CA ARG A 26 -4.77 -5.25 -9.04
C ARG A 26 -4.48 -5.23 -10.54
N LYS A 27 -3.62 -4.29 -10.99
CA LYS A 27 -3.26 -4.11 -12.39
C LYS A 27 -2.04 -4.93 -12.83
N TYR A 28 -0.95 -4.90 -12.04
CA TYR A 28 0.33 -5.53 -12.36
C TYR A 28 0.70 -6.75 -11.52
N GLY A 29 -0.01 -7.02 -10.42
CA GLY A 29 0.26 -8.14 -9.54
C GLY A 29 1.29 -7.78 -8.47
N GLU A 30 1.13 -8.34 -7.26
CA GLU A 30 2.05 -8.09 -6.16
C GLU A 30 3.41 -8.72 -6.47
N GLY A 31 4.41 -8.47 -5.63
CA GLY A 31 5.76 -8.96 -5.86
C GLY A 31 6.52 -8.00 -6.77
N ASN A 32 5.83 -7.47 -7.80
CA ASN A 32 6.34 -6.52 -8.78
C ASN A 32 6.38 -5.12 -8.12
N TRP A 33 7.08 -5.00 -6.98
CA TRP A 33 7.16 -3.76 -6.24
C TRP A 33 7.79 -2.64 -7.06
N SER A 34 9.01 -2.84 -7.58
CA SER A 34 9.70 -1.85 -8.39
C SER A 34 8.78 -1.32 -9.50
N LYS A 35 8.10 -2.23 -10.20
CA LYS A 35 7.16 -1.90 -11.26
C LYS A 35 6.06 -0.99 -10.73
N ILE A 36 5.48 -1.34 -9.56
CA ILE A 36 4.44 -0.55 -8.92
C ILE A 36 4.97 0.84 -8.57
N LEU A 37 6.21 0.96 -8.05
CA LEU A 37 6.78 2.28 -7.74
C LEU A 37 6.90 3.13 -9.01
N LEU A 38 7.36 2.52 -10.12
CA LEU A 38 7.52 3.21 -11.39
C LEU A 38 6.17 3.67 -11.96
N HIS A 39 5.19 2.76 -11.99
CA HIS A 39 3.87 3.01 -12.56
C HIS A 39 2.99 3.93 -11.71
N TYR A 40 3.05 3.80 -10.37
CA TYR A 40 2.27 4.59 -9.43
C TYR A 40 3.22 5.25 -8.43
N LYS A 41 3.15 6.59 -8.33
CA LYS A 41 3.97 7.38 -7.43
C LYS A 41 3.53 7.21 -5.98
N PHE A 42 4.40 7.58 -5.04
CA PHE A 42 4.17 7.51 -3.61
C PHE A 42 4.88 8.69 -2.94
N ASN A 43 4.43 9.06 -1.73
CA ASN A 43 5.01 10.15 -0.97
C ASN A 43 6.38 9.73 -0.42
N ASN A 44 6.41 8.66 0.39
CA ASN A 44 7.64 8.14 0.98
C ASN A 44 7.39 6.69 1.42
N ARG A 45 7.11 5.81 0.45
CA ARG A 45 6.86 4.38 0.65
C ARG A 45 7.86 3.62 -0.22
N THR A 46 8.61 2.69 0.38
CA THR A 46 9.63 1.89 -0.30
C THR A 46 9.06 0.53 -0.70
N SER A 47 9.77 -0.21 -1.56
CA SER A 47 9.37 -1.54 -2.00
C SER A 47 9.10 -2.45 -0.79
N VAL A 48 9.99 -2.39 0.21
CA VAL A 48 9.84 -3.18 1.43
C VAL A 48 8.62 -2.71 2.21
N MET A 49 8.35 -1.39 2.27
CA MET A 49 7.19 -0.87 2.97
C MET A 49 5.91 -1.33 2.27
N LEU A 50 5.89 -1.34 0.92
CA LEU A 50 4.75 -1.80 0.13
C LEU A 50 4.48 -3.25 0.46
N LYS A 51 5.54 -4.08 0.39
CA LYS A 51 5.47 -5.51 0.69
C LYS A 51 4.86 -5.72 2.07
N ASP A 52 5.42 -5.05 3.09
CA ASP A 52 4.99 -5.15 4.46
C ASP A 52 3.51 -4.78 4.57
N ARG A 53 3.17 -3.55 4.17
CA ARG A 53 1.82 -3.00 4.18
C ARG A 53 0.81 -3.98 3.58
N TRP A 54 1.06 -4.40 2.34
CA TRP A 54 0.20 -5.29 1.60
C TRP A 54 -0.03 -6.62 2.33
N ARG A 55 1.04 -7.30 2.72
CA ARG A 55 0.94 -8.56 3.42
C ARG A 55 0.25 -8.39 4.78
N THR A 56 0.48 -7.27 5.47
CA THR A 56 -0.14 -6.98 6.75
C THR A 56 -1.65 -6.89 6.58
N MET A 57 -2.13 -6.09 5.62
CA MET A 57 -3.57 -5.93 5.35
C MET A 57 -4.18 -7.33 5.12
N LYS A 58 -3.60 -8.07 4.17
CA LYS A 58 -4.00 -9.43 3.83
C LYS A 58 -4.09 -10.33 5.06
N LYS A 59 -3.08 -10.30 5.93
CA LYS A 59 -3.07 -11.11 7.14
C LYS A 59 -4.11 -10.68 8.17
N LEU A 60 -4.31 -9.36 8.35
CA LEU A 60 -5.29 -8.85 9.30
C LEU A 60 -6.70 -9.31 8.92
N LYS A 61 -7.04 -9.28 7.63
CA LYS A 61 -8.35 -9.70 7.14
C LYS A 61 -8.25 -10.02 5.65
N LEU A 62 -8.02 -8.99 4.85
CA LEU A 62 -7.88 -9.04 3.41
C LEU A 62 -7.38 -7.66 3.01
N ILE A 63 -8.30 -6.68 2.86
CA ILE A 63 -7.99 -5.33 2.51
C ILE A 63 -9.20 -4.43 2.78
N SER A 64 -9.01 -3.13 2.61
CA SER A 64 -10.00 -2.08 2.77
C SER A 64 -9.49 -0.86 1.98
N SER A 65 -9.98 0.33 2.30
CA SER A 65 -9.60 1.60 1.67
C SER A 65 -10.14 1.76 0.24
N ASP A 66 -10.05 0.73 -0.60
CA ASP A 66 -10.50 0.75 -2.00
C ASP A 66 -10.83 -0.67 -2.45
N SER A 67 -12.04 -0.87 -2.97
CA SER A 67 -12.60 -2.11 -3.50
C SER A 67 -13.87 -1.75 -4.26
N GLU A 68 -14.01 -2.23 -5.51
CA GLU A 68 -15.18 -1.97 -6.33
C GLU A 68 -16.37 -2.66 -5.68
N ASP A 69 -16.19 -3.96 -5.39
CA ASP A 69 -17.17 -4.82 -4.76
C ASP A 69 -17.24 -4.47 -3.26
N GLU A 3 -3.63 9.56 23.64
CA GLU A 3 -2.40 8.78 23.48
C GLU A 3 -1.30 9.34 24.38
N LYS A 4 -0.40 8.47 24.84
CA LYS A 4 0.74 8.78 25.70
C LYS A 4 1.97 8.13 25.08
N HIS A 5 3.15 8.74 25.27
CA HIS A 5 4.42 8.26 24.76
C HIS A 5 4.37 8.15 23.23
N ARG A 6 4.41 9.31 22.56
CA ARG A 6 4.39 9.41 21.11
C ARG A 6 5.75 8.97 20.56
N ALA A 7 5.96 7.65 20.51
CA ALA A 7 7.19 7.02 20.05
C ALA A 7 7.38 7.17 18.54
N ARG A 8 7.68 8.40 18.09
CA ARG A 8 7.92 8.79 16.70
C ARG A 8 6.62 8.80 15.89
N LYS A 9 5.94 7.65 15.81
CA LYS A 9 4.69 7.41 15.12
C LYS A 9 4.88 7.36 13.60
N ARG A 10 4.52 6.22 13.00
CA ARG A 10 4.63 5.95 11.57
C ARG A 10 3.69 6.78 10.68
N GLN A 11 2.76 7.54 11.27
CA GLN A 11 1.79 8.39 10.56
C GLN A 11 0.87 7.61 9.62
N ALA A 12 0.73 6.30 9.85
CA ALA A 12 -0.11 5.39 9.07
C ALA A 12 0.16 5.48 7.56
N TRP A 13 -0.86 5.26 6.74
CA TRP A 13 -0.82 5.29 5.29
C TRP A 13 -1.96 6.18 4.80
N LEU A 14 -1.67 7.11 3.88
CA LEU A 14 -2.65 8.02 3.33
C LEU A 14 -3.48 7.35 2.24
N TRP A 15 -4.60 8.00 1.89
CA TRP A 15 -5.50 7.52 0.86
C TRP A 15 -4.77 7.32 -0.46
N GLU A 16 -3.91 8.28 -0.84
CA GLU A 16 -3.13 8.23 -2.08
C GLU A 16 -2.29 6.96 -2.10
N GLU A 17 -1.49 6.76 -1.05
CA GLU A 17 -0.62 5.60 -0.91
C GLU A 17 -1.40 4.31 -1.14
N ASP A 18 -2.48 4.13 -0.38
CA ASP A 18 -3.33 2.94 -0.50
C ASP A 18 -3.85 2.78 -1.93
N LYS A 19 -4.52 3.80 -2.47
CA LYS A 19 -5.08 3.78 -3.81
C LYS A 19 -4.04 3.35 -4.86
N ASN A 20 -2.89 4.01 -4.91
CA ASN A 20 -1.82 3.71 -5.86
C ASN A 20 -1.38 2.26 -5.74
N LEU A 21 -1.05 1.81 -4.52
CA LEU A 21 -0.62 0.44 -4.25
C LEU A 21 -1.68 -0.57 -4.71
N ARG A 22 -2.91 -0.43 -4.21
CA ARG A 22 -4.04 -1.29 -4.52
C ARG A 22 -4.27 -1.37 -6.04
N SER A 23 -4.19 -0.23 -6.73
CA SER A 23 -4.35 -0.19 -8.18
C SER A 23 -3.26 -1.04 -8.83
N GLY A 24 -2.01 -0.83 -8.42
CA GLY A 24 -0.86 -1.56 -8.92
C GLY A 24 -1.03 -3.08 -8.74
N VAL A 25 -1.36 -3.51 -7.53
CA VAL A 25 -1.55 -4.92 -7.24
C VAL A 25 -2.73 -5.49 -8.02
N ARG A 26 -3.85 -4.77 -8.08
CA ARG A 26 -5.03 -5.23 -8.79
C ARG A 26 -4.74 -5.46 -10.27
N LYS A 27 -4.02 -4.53 -10.92
CA LYS A 27 -3.72 -4.63 -12.34
C LYS A 27 -2.56 -5.58 -12.67
N TYR A 28 -1.45 -5.52 -11.92
CA TYR A 28 -0.25 -6.30 -12.23
C TYR A 28 0.19 -7.29 -11.15
N GLY A 29 -0.67 -7.61 -10.19
CA GLY A 29 -0.33 -8.55 -9.12
C GLY A 29 0.68 -7.95 -8.14
N GLU A 30 0.92 -8.64 -7.03
CA GLU A 30 1.88 -8.23 -6.01
C GLU A 30 3.28 -8.74 -6.35
N GLY A 31 4.22 -8.64 -5.42
CA GLY A 31 5.60 -9.09 -5.61
C GLY A 31 6.44 -8.06 -6.38
N ASN A 32 5.91 -7.54 -7.50
CA ASN A 32 6.57 -6.55 -8.35
C ASN A 32 6.46 -5.14 -7.77
N TRP A 33 6.90 -4.99 -6.51
CA TRP A 33 6.88 -3.75 -5.75
C TRP A 33 7.62 -2.62 -6.48
N SER A 34 8.75 -2.94 -7.11
CA SER A 34 9.55 -1.97 -7.86
C SER A 34 8.73 -1.39 -9.01
N LYS A 35 8.11 -2.27 -9.82
CA LYS A 35 7.29 -1.84 -10.95
C LYS A 35 6.12 -0.99 -10.45
N ILE A 36 5.46 -1.42 -9.36
CA ILE A 36 4.35 -0.66 -8.79
C ILE A 36 4.84 0.74 -8.38
N LEU A 37 5.95 0.81 -7.63
CA LEU A 37 6.53 2.08 -7.18
C LEU A 37 6.78 3.00 -8.37
N LEU A 38 7.48 2.50 -9.39
CA LEU A 38 7.84 3.24 -10.59
C LEU A 38 6.62 3.74 -11.39
N HIS A 39 5.63 2.86 -11.63
CA HIS A 39 4.46 3.19 -12.45
C HIS A 39 3.31 3.87 -11.69
N TYR A 40 3.55 4.43 -10.49
CA TYR A 40 2.52 5.10 -9.71
C TYR A 40 3.13 6.23 -8.88
N LYS A 41 2.27 7.01 -8.21
CA LYS A 41 2.65 8.12 -7.36
C LYS A 41 2.67 7.63 -5.92
N PHE A 42 3.65 8.08 -5.13
CA PHE A 42 3.79 7.68 -3.74
C PHE A 42 4.51 8.76 -2.93
N ASN A 43 4.03 8.99 -1.71
CA ASN A 43 4.59 9.94 -0.77
C ASN A 43 5.77 9.27 -0.06
N ASN A 44 6.84 9.05 -0.81
CA ASN A 44 8.09 8.45 -0.37
C ASN A 44 7.89 7.08 0.28
N ARG A 45 7.69 6.03 -0.53
CA ARG A 45 7.50 4.65 -0.11
C ARG A 45 8.53 3.78 -0.83
N THR A 46 9.00 2.74 -0.14
CA THR A 46 9.99 1.79 -0.63
C THR A 46 9.32 0.45 -0.93
N SER A 47 10.04 -0.43 -1.64
CA SER A 47 9.57 -1.77 -1.96
C SER A 47 9.20 -2.51 -0.67
N VAL A 48 9.98 -2.28 0.40
CA VAL A 48 9.77 -2.87 1.71
C VAL A 48 8.43 -2.38 2.27
N MET A 49 8.22 -1.06 2.31
CA MET A 49 6.98 -0.48 2.82
C MET A 49 5.76 -1.01 2.05
N LEU A 50 5.83 -0.98 0.71
CA LEU A 50 4.77 -1.45 -0.17
C LEU A 50 4.44 -2.92 0.16
N LYS A 51 5.48 -3.75 0.20
CA LYS A 51 5.37 -5.17 0.52
C LYS A 51 4.66 -5.37 1.85
N ASP A 52 5.24 -4.84 2.92
CA ASP A 52 4.73 -4.98 4.29
C ASP A 52 3.27 -4.52 4.39
N ARG A 53 2.96 -3.33 3.86
CA ARG A 53 1.62 -2.77 3.88
C ARG A 53 0.60 -3.78 3.34
N TRP A 54 0.81 -4.22 2.08
CA TRP A 54 -0.09 -5.18 1.46
C TRP A 54 -0.11 -6.52 2.21
N ARG A 55 1.07 -7.03 2.57
CA ARG A 55 1.25 -8.29 3.26
C ARG A 55 0.39 -8.35 4.52
N THR A 56 0.54 -7.38 5.42
CA THR A 56 -0.19 -7.31 6.67
C THR A 56 -1.70 -7.25 6.42
N MET A 57 -2.15 -6.31 5.60
CA MET A 57 -3.57 -6.16 5.29
C MET A 57 -4.16 -7.44 4.73
N LYS A 58 -3.49 -8.05 3.75
CA LYS A 58 -3.96 -9.28 3.13
C LYS A 58 -4.05 -10.41 4.17
N LYS A 59 -2.97 -10.65 4.93
CA LYS A 59 -2.92 -11.69 5.96
C LYS A 59 -4.06 -11.54 6.96
N LEU A 60 -4.15 -10.37 7.59
CA LEU A 60 -5.16 -10.06 8.59
C LEU A 60 -6.57 -9.98 7.99
N LYS A 61 -6.66 -9.82 6.66
CA LYS A 61 -7.91 -9.66 5.93
C LYS A 61 -8.57 -8.37 6.38
N LEU A 62 -7.77 -7.30 6.36
CA LEU A 62 -8.13 -5.94 6.73
C LEU A 62 -7.72 -5.03 5.58
N ILE A 63 -8.07 -5.44 4.35
CA ILE A 63 -7.79 -4.69 3.15
C ILE A 63 -8.70 -3.46 3.16
N SER A 64 -9.98 -3.70 3.47
CA SER A 64 -11.06 -2.72 3.59
C SER A 64 -12.29 -3.52 4.00
N SER A 65 -12.26 -4.03 5.23
CA SER A 65 -13.31 -4.86 5.80
C SER A 65 -14.21 -3.98 6.67
N ASP A 66 -14.98 -3.10 6.02
CA ASP A 66 -15.91 -2.17 6.65
C ASP A 66 -16.94 -2.93 7.50
N SER A 67 -17.56 -2.23 8.47
CA SER A 67 -18.54 -2.80 9.38
C SER A 67 -19.44 -1.69 9.94
N GLU A 68 -20.44 -2.11 10.72
CA GLU A 68 -21.47 -1.34 11.41
C GLU A 68 -22.82 -1.61 10.76
N ASP A 69 -23.07 -1.04 9.58
CA ASP A 69 -24.30 -1.21 8.81
C ASP A 69 -24.00 -0.84 7.35
N GLU A 3 3.09 20.61 17.05
CA GLU A 3 2.95 21.17 18.40
C GLU A 3 2.75 22.69 18.28
N LYS A 4 3.69 23.51 18.77
CA LYS A 4 3.61 24.96 18.66
C LYS A 4 3.43 25.35 17.19
N HIS A 5 4.26 24.73 16.32
CA HIS A 5 4.22 24.91 14.88
C HIS A 5 3.65 23.64 14.26
N ARG A 6 2.93 23.78 13.15
CA ARG A 6 2.33 22.68 12.40
C ARG A 6 3.40 22.04 11.51
N ALA A 7 4.46 21.52 12.14
CA ALA A 7 5.59 20.88 11.46
C ALA A 7 5.42 19.37 11.37
N ARG A 8 4.82 18.75 12.39
CA ARG A 8 4.63 17.31 12.47
C ARG A 8 3.58 16.82 11.47
N LYS A 9 3.99 16.69 10.20
CA LYS A 9 3.17 16.21 9.11
C LYS A 9 2.80 14.74 9.36
N ARG A 10 1.58 14.34 8.96
CA ARG A 10 1.08 12.98 9.13
C ARG A 10 2.05 11.96 8.55
N GLN A 11 2.35 12.04 7.24
CA GLN A 11 3.26 11.18 6.49
C GLN A 11 2.76 9.75 6.29
N ALA A 12 2.11 9.16 7.30
CA ALA A 12 1.57 7.81 7.29
C ALA A 12 0.60 7.61 6.11
N TRP A 13 0.42 6.36 5.72
CA TRP A 13 -0.43 5.93 4.62
C TRP A 13 -1.86 6.45 4.72
N LEU A 14 -2.29 7.20 3.70
CA LEU A 14 -3.62 7.77 3.58
C LEU A 14 -4.33 7.12 2.37
N TRP A 15 -5.50 7.64 2.05
CA TRP A 15 -6.34 7.21 0.94
C TRP A 15 -5.56 7.15 -0.38
N GLU A 16 -4.71 8.14 -0.67
CA GLU A 16 -3.94 8.16 -1.90
C GLU A 16 -3.08 6.90 -2.02
N GLU A 17 -2.17 6.70 -1.06
CA GLU A 17 -1.26 5.56 -1.03
C GLU A 17 -2.02 4.23 -1.06
N ASP A 18 -3.10 4.10 -0.29
CA ASP A 18 -3.89 2.88 -0.25
C ASP A 18 -4.51 2.56 -1.62
N LYS A 19 -5.23 3.53 -2.19
CA LYS A 19 -5.88 3.37 -3.50
C LYS A 19 -4.83 3.04 -4.56
N ASN A 20 -3.74 3.80 -4.55
CA ASN A 20 -2.60 3.66 -5.44
C ASN A 20 -2.06 2.23 -5.39
N LEU A 21 -1.68 1.77 -4.19
CA LEU A 21 -1.15 0.43 -3.98
C LEU A 21 -2.15 -0.64 -4.42
N ARG A 22 -3.43 -0.49 -4.04
CA ARG A 22 -4.46 -1.44 -4.43
C ARG A 22 -4.50 -1.57 -5.95
N SER A 23 -4.60 -0.44 -6.66
CA SER A 23 -4.60 -0.40 -8.11
C SER A 23 -3.33 -1.07 -8.63
N GLY A 24 -2.18 -0.74 -8.03
CA GLY A 24 -0.87 -1.28 -8.36
C GLY A 24 -0.89 -2.80 -8.37
N VAL A 25 -1.37 -3.41 -7.28
CA VAL A 25 -1.43 -4.85 -7.16
C VAL A 25 -2.44 -5.44 -8.15
N ARG A 26 -3.63 -4.84 -8.26
CA ARG A 26 -4.65 -5.32 -9.17
C ARG A 26 -4.19 -5.27 -10.64
N LYS A 27 -3.36 -4.28 -11.00
CA LYS A 27 -2.86 -4.08 -12.35
C LYS A 27 -1.56 -4.82 -12.68
N TYR A 28 -0.57 -4.78 -11.78
CA TYR A 28 0.77 -5.35 -11.98
C TYR A 28 1.07 -6.60 -11.15
N GLY A 29 0.23 -6.95 -10.18
CA GLY A 29 0.42 -8.13 -9.34
C GLY A 29 1.37 -7.86 -8.17
N GLU A 30 0.99 -8.28 -6.97
CA GLU A 30 1.79 -8.12 -5.76
C GLU A 30 3.13 -8.81 -5.96
N GLY A 31 4.18 -8.22 -5.37
CA GLY A 31 5.55 -8.72 -5.51
C GLY A 31 6.30 -7.80 -6.47
N ASN A 32 5.63 -7.33 -7.53
CA ASN A 32 6.20 -6.45 -8.54
C ASN A 32 6.20 -5.00 -8.02
N TRP A 33 6.82 -4.80 -6.86
CA TRP A 33 6.93 -3.50 -6.19
C TRP A 33 7.62 -2.48 -7.09
N SER A 34 8.65 -2.92 -7.83
CA SER A 34 9.38 -2.09 -8.77
C SER A 34 8.42 -1.51 -9.80
N LYS A 35 7.58 -2.36 -10.41
CA LYS A 35 6.60 -1.94 -11.40
C LYS A 35 5.62 -0.96 -10.76
N ILE A 36 5.00 -1.36 -9.65
CA ILE A 36 4.02 -0.55 -8.93
C ILE A 36 4.58 0.86 -8.69
N LEU A 37 5.76 0.95 -8.08
CA LEU A 37 6.44 2.20 -7.76
C LEU A 37 6.85 2.99 -9.00
N LEU A 38 7.25 2.29 -10.08
CA LEU A 38 7.68 2.93 -11.32
C LEU A 38 6.50 3.60 -12.01
N HIS A 39 5.42 2.84 -12.21
CA HIS A 39 4.22 3.32 -12.88
C HIS A 39 3.51 4.38 -12.06
N TYR A 40 3.26 4.10 -10.77
CA TYR A 40 2.56 5.02 -9.88
C TYR A 40 3.53 5.55 -8.82
N LYS A 41 3.70 6.88 -8.75
CA LYS A 41 4.57 7.53 -7.78
C LYS A 41 4.06 7.30 -6.36
N PHE A 42 4.91 7.53 -5.36
CA PHE A 42 4.56 7.42 -3.94
C PHE A 42 5.31 8.50 -3.17
N ASN A 43 4.71 8.94 -2.05
CA ASN A 43 5.25 9.94 -1.16
C ASN A 43 6.32 9.33 -0.25
N ASN A 44 7.49 9.05 -0.83
CA ASN A 44 8.66 8.50 -0.15
C ASN A 44 8.39 7.14 0.51
N ARG A 45 8.07 6.13 -0.32
CA ARG A 45 7.84 4.75 0.11
C ARG A 45 8.93 3.87 -0.50
N THR A 46 9.03 2.63 -0.01
CA THR A 46 10.01 1.64 -0.45
C THR A 46 9.29 0.31 -0.70
N SER A 47 9.97 -0.60 -1.41
CA SER A 47 9.45 -1.93 -1.69
C SER A 47 9.16 -2.64 -0.36
N VAL A 48 9.98 -2.36 0.67
CA VAL A 48 9.83 -2.91 2.01
C VAL A 48 8.49 -2.44 2.59
N MET A 49 8.24 -1.13 2.58
CA MET A 49 7.00 -0.57 3.10
C MET A 49 5.80 -1.17 2.36
N LEU A 50 5.84 -1.16 1.03
CA LEU A 50 4.78 -1.71 0.19
C LEU A 50 4.48 -3.17 0.54
N LYS A 51 5.49 -4.04 0.47
CA LYS A 51 5.31 -5.46 0.73
C LYS A 51 4.83 -5.75 2.15
N ASP A 52 5.44 -5.13 3.16
CA ASP A 52 5.09 -5.35 4.55
C ASP A 52 3.63 -4.95 4.80
N ARG A 53 3.29 -3.70 4.44
CA ARG A 53 1.96 -3.18 4.62
C ARG A 53 0.92 -4.04 3.89
N TRP A 54 1.17 -4.35 2.61
CA TRP A 54 0.25 -5.14 1.83
C TRP A 54 0.07 -6.54 2.42
N ARG A 55 1.18 -7.20 2.77
CA ARG A 55 1.16 -8.53 3.36
C ARG A 55 0.29 -8.51 4.63
N THR A 56 0.53 -7.52 5.49
CA THR A 56 -0.19 -7.34 6.74
C THR A 56 -1.69 -7.18 6.49
N MET A 57 -2.07 -6.17 5.69
CA MET A 57 -3.47 -5.91 5.38
C MET A 57 -4.14 -7.15 4.78
N LYS A 58 -3.53 -7.73 3.75
CA LYS A 58 -4.03 -8.89 3.04
C LYS A 58 -4.25 -10.08 3.99
N LYS A 59 -3.27 -10.43 4.83
CA LYS A 59 -3.43 -11.56 5.75
C LYS A 59 -4.52 -11.26 6.78
N LEU A 60 -4.59 -10.03 7.29
CA LEU A 60 -5.59 -9.62 8.26
C LEU A 60 -6.96 -9.32 7.61
N LYS A 61 -7.11 -9.60 6.30
CA LYS A 61 -8.34 -9.43 5.55
C LYS A 61 -8.81 -7.97 5.46
N LEU A 62 -7.90 -7.01 5.68
CA LEU A 62 -8.20 -5.58 5.62
C LEU A 62 -8.36 -5.12 4.17
N ILE A 63 -8.06 -5.98 3.19
CA ILE A 63 -8.22 -5.70 1.76
C ILE A 63 -9.71 -5.88 1.43
N SER A 64 -10.56 -5.08 2.09
CA SER A 64 -12.01 -5.11 1.95
C SER A 64 -12.54 -3.71 1.66
N SER A 65 -12.55 -3.34 0.38
CA SER A 65 -13.08 -2.05 -0.07
C SER A 65 -13.53 -2.22 -1.53
N ASP A 66 -14.09 -3.39 -1.82
CA ASP A 66 -14.58 -3.82 -3.12
C ASP A 66 -15.95 -4.47 -2.82
N SER A 67 -16.84 -3.66 -2.25
CA SER A 67 -18.19 -4.01 -1.80
C SER A 67 -19.05 -4.73 -2.84
N GLU A 68 -19.99 -5.55 -2.34
CA GLU A 68 -20.95 -6.28 -3.14
C GLU A 68 -22.12 -5.36 -3.50
N ASP A 69 -22.49 -4.48 -2.56
CA ASP A 69 -23.54 -3.48 -2.67
C ASP A 69 -22.97 -2.18 -3.23
N GLU A 3 7.26 15.98 5.59
CA GLU A 3 8.20 17.10 5.41
C GLU A 3 9.53 16.79 6.09
N LYS A 4 10.53 17.66 5.89
CA LYS A 4 11.86 17.51 6.45
C LYS A 4 11.84 17.92 7.94
N HIS A 5 11.19 17.10 8.76
CA HIS A 5 11.08 17.32 10.19
C HIS A 5 10.80 16.00 10.92
N ARG A 6 9.54 15.55 10.90
CA ARG A 6 9.11 14.36 11.60
C ARG A 6 7.75 13.92 11.07
N ALA A 7 7.76 13.06 10.05
CA ALA A 7 6.55 12.54 9.43
C ALA A 7 5.94 11.48 10.34
N ARG A 8 5.08 11.90 11.27
CA ARG A 8 4.42 11.01 12.23
C ARG A 8 3.62 9.89 11.56
N LYS A 9 3.14 10.10 10.32
CA LYS A 9 2.41 9.10 9.55
C LYS A 9 3.43 8.09 8.98
N ARG A 10 4.02 7.30 9.88
CA ARG A 10 5.01 6.28 9.57
C ARG A 10 4.29 4.99 9.19
N GLN A 11 3.67 4.35 10.19
CA GLN A 11 2.95 3.10 10.06
C GLN A 11 1.74 3.27 9.15
N ALA A 12 0.89 4.24 9.48
CA ALA A 12 -0.30 4.53 8.70
C ALA A 12 0.10 5.15 7.37
N TRP A 13 -0.74 4.96 6.35
CA TRP A 13 -0.53 5.47 5.00
C TRP A 13 -1.64 6.45 4.65
N LEU A 14 -1.51 7.09 3.49
CA LEU A 14 -2.46 8.08 3.01
C LEU A 14 -3.40 7.43 2.00
N TRP A 15 -4.64 7.93 1.94
CA TRP A 15 -5.71 7.47 1.07
C TRP A 15 -5.23 7.31 -0.39
N GLU A 16 -4.41 8.25 -0.87
CA GLU A 16 -3.89 8.18 -2.22
C GLU A 16 -2.97 6.95 -2.35
N GLU A 17 -1.96 6.82 -1.48
CA GLU A 17 -1.00 5.72 -1.49
C GLU A 17 -1.70 4.36 -1.47
N ASP A 18 -2.63 4.16 -0.53
CA ASP A 18 -3.35 2.89 -0.40
C ASP A 18 -4.14 2.57 -1.66
N LYS A 19 -4.88 3.55 -2.18
CA LYS A 19 -5.65 3.39 -3.40
C LYS A 19 -4.72 3.03 -4.57
N ASN A 20 -3.60 3.76 -4.67
CA ASN A 20 -2.57 3.57 -5.69
C ASN A 20 -1.99 2.15 -5.60
N LEU A 21 -1.75 1.67 -4.38
CA LEU A 21 -1.23 0.33 -4.12
C LEU A 21 -2.22 -0.71 -4.62
N ARG A 22 -3.49 -0.55 -4.26
CA ARG A 22 -4.55 -1.46 -4.66
C ARG A 22 -4.59 -1.56 -6.20
N SER A 23 -4.61 -0.42 -6.88
CA SER A 23 -4.61 -0.39 -8.34
C SER A 23 -3.33 -1.04 -8.88
N GLY A 24 -2.18 -0.75 -8.26
CA GLY A 24 -0.89 -1.31 -8.65
C GLY A 24 -0.92 -2.82 -8.66
N VAL A 25 -1.30 -3.42 -7.53
CA VAL A 25 -1.39 -4.86 -7.37
C VAL A 25 -2.42 -5.42 -8.36
N ARG A 26 -3.57 -4.77 -8.54
CA ARG A 26 -4.58 -5.27 -9.47
C ARG A 26 -4.07 -5.19 -10.93
N LYS A 27 -3.26 -4.18 -11.25
CA LYS A 27 -2.73 -3.93 -12.59
C LYS A 27 -1.58 -4.86 -12.97
N TYR A 28 -0.60 -5.08 -12.08
CA TYR A 28 0.58 -5.87 -12.37
C TYR A 28 0.85 -7.04 -11.43
N GLY A 29 0.01 -7.26 -10.41
CA GLY A 29 0.22 -8.34 -9.44
C GLY A 29 1.24 -7.92 -8.38
N GLU A 30 1.36 -8.71 -7.31
CA GLU A 30 2.30 -8.45 -6.22
C GLU A 30 3.72 -8.82 -6.63
N GLY A 31 4.68 -8.69 -5.70
CA GLY A 31 6.08 -9.04 -5.93
C GLY A 31 6.84 -7.96 -6.71
N ASN A 32 6.31 -7.51 -7.84
CA ASN A 32 6.93 -6.49 -8.69
C ASN A 32 6.69 -5.09 -8.15
N TRP A 33 7.16 -4.88 -6.91
CA TRP A 33 7.06 -3.64 -6.18
C TRP A 33 7.73 -2.49 -6.93
N SER A 34 8.85 -2.77 -7.61
CA SER A 34 9.59 -1.78 -8.38
C SER A 34 8.69 -1.19 -9.47
N LYS A 35 8.01 -2.07 -10.23
CA LYS A 35 7.09 -1.64 -11.28
C LYS A 35 5.98 -0.80 -10.65
N ILE A 36 5.28 -1.35 -9.66
CA ILE A 36 4.20 -0.65 -8.96
C ILE A 36 4.64 0.77 -8.58
N LEU A 37 5.79 0.86 -7.89
CA LEU A 37 6.40 2.11 -7.44
C LEU A 37 6.56 3.10 -8.59
N LEU A 38 7.03 2.64 -9.75
CA LEU A 38 7.24 3.50 -10.91
C LEU A 38 5.92 3.92 -11.57
N HIS A 39 4.93 3.03 -11.59
CA HIS A 39 3.64 3.27 -12.24
C HIS A 39 2.66 4.13 -11.42
N TYR A 40 2.64 3.99 -10.10
CA TYR A 40 1.69 4.70 -9.23
C TYR A 40 2.37 5.62 -8.21
N LYS A 41 1.58 6.53 -7.59
CA LYS A 41 2.01 7.52 -6.61
C LYS A 41 2.22 6.91 -5.23
N PHE A 42 3.36 7.25 -4.60
CA PHE A 42 3.77 6.84 -3.26
C PHE A 42 4.71 7.91 -2.72
N ASN A 43 4.56 8.29 -1.45
CA ASN A 43 5.41 9.33 -0.86
C ASN A 43 6.71 8.72 -0.35
N ASN A 44 7.56 8.32 -1.30
CA ASN A 44 8.87 7.72 -1.03
C ASN A 44 8.76 6.44 -0.20
N ARG A 45 7.77 5.59 -0.52
CA ARG A 45 7.57 4.32 0.18
C ARG A 45 8.51 3.29 -0.46
N THR A 46 9.34 2.66 0.36
CA THR A 46 10.32 1.67 -0.09
C THR A 46 9.65 0.37 -0.51
N SER A 47 10.37 -0.48 -1.25
CA SER A 47 9.88 -1.77 -1.70
C SER A 47 9.51 -2.65 -0.50
N VAL A 48 10.27 -2.53 0.60
CA VAL A 48 10.00 -3.28 1.82
C VAL A 48 8.74 -2.74 2.49
N MET A 49 8.59 -1.41 2.57
CA MET A 49 7.41 -0.79 3.15
C MET A 49 6.16 -1.19 2.37
N LEU A 50 6.24 -1.13 1.03
CA LEU A 50 5.18 -1.50 0.11
C LEU A 50 4.71 -2.92 0.40
N LYS A 51 5.63 -3.90 0.33
CA LYS A 51 5.28 -5.29 0.55
C LYS A 51 4.75 -5.53 1.97
N ASP A 52 5.37 -4.94 2.99
CA ASP A 52 4.95 -5.13 4.37
C ASP A 52 3.54 -4.58 4.61
N ARG A 53 3.28 -3.36 4.14
CA ARG A 53 1.99 -2.71 4.30
C ARG A 53 0.92 -3.56 3.60
N TRP A 54 1.19 -4.04 2.38
CA TRP A 54 0.24 -4.89 1.70
C TRP A 54 0.04 -6.20 2.44
N ARG A 55 1.14 -6.82 2.89
CA ARG A 55 1.18 -8.07 3.64
C ARG A 55 0.28 -7.99 4.86
N THR A 56 0.42 -6.93 5.68
CA THR A 56 -0.39 -6.79 6.86
C THR A 56 -1.86 -6.63 6.48
N MET A 57 -2.21 -5.70 5.59
CA MET A 57 -3.58 -5.50 5.17
C MET A 57 -4.25 -6.78 4.69
N LYS A 58 -3.58 -7.56 3.81
CA LYS A 58 -4.19 -8.77 3.29
C LYS A 58 -4.67 -9.75 4.36
N LYS A 59 -3.88 -10.01 5.41
CA LYS A 59 -4.27 -10.96 6.46
C LYS A 59 -5.08 -10.31 7.58
N LEU A 60 -4.83 -9.04 7.91
CA LEU A 60 -5.55 -8.36 8.99
C LEU A 60 -6.97 -8.05 8.52
N LYS A 61 -7.13 -7.47 7.32
CA LYS A 61 -8.43 -7.16 6.77
C LYS A 61 -8.94 -8.43 6.07
N LEU A 62 -8.63 -8.60 4.78
CA LEU A 62 -9.04 -9.76 3.98
C LEU A 62 -8.65 -9.63 2.49
N ILE A 63 -7.53 -8.96 2.17
CA ILE A 63 -7.10 -8.77 0.77
C ILE A 63 -6.34 -10.00 0.24
N SER A 64 -6.96 -11.17 0.42
CA SER A 64 -6.52 -12.49 0.01
C SER A 64 -7.60 -13.50 0.42
N SER A 65 -8.86 -13.13 0.14
CA SER A 65 -10.07 -13.89 0.45
C SER A 65 -10.31 -13.87 1.96
N ASP A 66 -9.52 -14.66 2.71
CA ASP A 66 -9.55 -14.84 4.17
C ASP A 66 -10.90 -14.45 4.80
N SER A 67 -11.94 -15.23 4.50
CA SER A 67 -13.29 -15.01 4.99
C SER A 67 -14.07 -16.33 5.01
N GLU A 68 -15.19 -16.36 5.72
CA GLU A 68 -16.06 -17.51 5.89
C GLU A 68 -16.89 -17.75 4.62
N ASP A 69 -16.22 -18.14 3.54
CA ASP A 69 -16.81 -18.43 2.24
C ASP A 69 -16.31 -19.79 1.77
N GLU A 3 -7.87 15.95 6.77
CA GLU A 3 -8.38 14.56 6.87
C GLU A 3 -9.31 14.42 8.06
N LYS A 4 -10.27 13.50 7.97
CA LYS A 4 -11.23 13.24 9.04
C LYS A 4 -10.52 12.66 10.27
N HIS A 5 -9.80 11.55 10.07
CA HIS A 5 -9.07 10.87 11.14
C HIS A 5 -7.90 11.75 11.61
N ARG A 6 -6.97 12.04 10.69
CA ARG A 6 -5.78 12.86 10.91
C ARG A 6 -4.80 12.21 11.90
N ALA A 7 -5.16 12.18 13.19
CA ALA A 7 -4.37 11.63 14.27
C ALA A 7 -3.02 12.36 14.40
N ARG A 8 -2.03 11.71 15.01
CA ARG A 8 -0.68 12.24 15.21
C ARG A 8 0.30 11.17 14.73
N LYS A 9 0.73 11.26 13.47
CA LYS A 9 1.64 10.31 12.84
C LYS A 9 2.31 10.97 11.65
N ARG A 10 3.49 10.48 11.25
CA ARG A 10 4.23 10.99 10.10
C ARG A 10 3.64 10.41 8.81
N GLN A 11 2.35 10.70 8.57
CA GLN A 11 1.57 10.25 7.43
C GLN A 11 1.84 8.79 7.07
N ALA A 12 1.49 7.88 7.98
CA ALA A 12 1.69 6.45 7.78
C ALA A 12 0.63 5.92 6.81
N TRP A 13 0.94 6.02 5.51
CA TRP A 13 0.15 5.59 4.36
C TRP A 13 -1.09 6.47 4.14
N LEU A 14 -1.10 7.20 3.02
CA LEU A 14 -2.21 8.06 2.64
C LEU A 14 -3.20 7.21 1.83
N TRP A 15 -4.47 7.65 1.81
CA TRP A 15 -5.53 6.98 1.06
C TRP A 15 -5.15 6.84 -0.42
N GLU A 16 -4.56 7.87 -1.02
CA GLU A 16 -4.14 7.83 -2.41
C GLU A 16 -3.10 6.73 -2.63
N GLU A 17 -2.13 6.61 -1.72
CA GLU A 17 -1.08 5.61 -1.79
C GLU A 17 -1.69 4.21 -1.76
N ASP A 18 -2.50 3.90 -0.75
CA ASP A 18 -3.15 2.61 -0.62
C ASP A 18 -4.03 2.31 -1.84
N LYS A 19 -4.80 3.30 -2.30
CA LYS A 19 -5.67 3.17 -3.45
C LYS A 19 -4.87 2.78 -4.70
N ASN A 20 -3.85 3.56 -5.05
CA ASN A 20 -3.04 3.27 -6.23
C ASN A 20 -2.25 1.97 -6.06
N LEU A 21 -1.82 1.64 -4.83
CA LEU A 21 -1.12 0.40 -4.53
C LEU A 21 -2.05 -0.75 -4.87
N ARG A 22 -3.32 -0.68 -4.44
CA ARG A 22 -4.32 -1.69 -4.73
C ARG A 22 -4.46 -1.86 -6.24
N SER A 23 -4.61 -0.75 -6.98
CA SER A 23 -4.69 -0.78 -8.43
C SER A 23 -3.44 -1.44 -9.02
N GLY A 24 -2.28 -1.16 -8.42
CA GLY A 24 -0.99 -1.70 -8.80
C GLY A 24 -0.97 -3.22 -8.68
N VAL A 25 -1.25 -3.74 -7.48
CA VAL A 25 -1.26 -5.19 -7.27
C VAL A 25 -2.28 -5.85 -8.19
N ARG A 26 -3.47 -5.26 -8.32
CA ARG A 26 -4.54 -5.78 -9.16
C ARG A 26 -4.17 -5.86 -10.65
N LYS A 27 -3.68 -4.76 -11.24
CA LYS A 27 -3.36 -4.71 -12.67
C LYS A 27 -1.97 -5.23 -13.07
N TYR A 28 -0.98 -5.20 -12.17
CA TYR A 28 0.39 -5.61 -12.46
C TYR A 28 0.76 -6.92 -11.76
N GLY A 29 -0.01 -7.36 -10.77
CA GLY A 29 0.24 -8.60 -10.05
C GLY A 29 1.07 -8.34 -8.79
N GLU A 30 0.74 -9.06 -7.71
CA GLU A 30 1.42 -8.94 -6.43
C GLU A 30 2.89 -9.33 -6.60
N GLY A 31 3.78 -8.75 -5.79
CA GLY A 31 5.21 -9.03 -5.86
C GLY A 31 5.97 -7.95 -6.63
N ASN A 32 5.34 -7.33 -7.63
CA ASN A 32 5.93 -6.28 -8.46
C ASN A 32 5.94 -4.93 -7.75
N TRP A 33 6.46 -4.90 -6.52
CA TRP A 33 6.53 -3.72 -5.66
C TRP A 33 7.28 -2.56 -6.32
N SER A 34 8.52 -2.79 -6.73
CA SER A 34 9.37 -1.78 -7.36
C SER A 34 8.67 -1.17 -8.58
N LYS A 35 8.09 -2.02 -9.44
CA LYS A 35 7.37 -1.57 -10.62
C LYS A 35 6.24 -0.64 -10.19
N ILE A 36 5.37 -1.10 -9.29
CA ILE A 36 4.24 -0.32 -8.77
C ILE A 36 4.75 1.04 -8.27
N LEU A 37 5.86 1.05 -7.52
CA LEU A 37 6.49 2.25 -6.98
C LEU A 37 6.76 3.24 -8.12
N LEU A 38 7.34 2.77 -9.23
CA LEU A 38 7.64 3.61 -10.38
C LEU A 38 6.38 4.05 -11.11
N HIS A 39 5.39 3.16 -11.24
CA HIS A 39 4.14 3.42 -11.95
C HIS A 39 3.22 4.43 -11.26
N TYR A 40 3.17 4.47 -9.92
CA TYR A 40 2.25 5.36 -9.21
C TYR A 40 2.92 6.24 -8.15
N LYS A 41 2.16 7.23 -7.69
CA LYS A 41 2.60 8.22 -6.70
C LYS A 41 2.72 7.63 -5.29
N PHE A 42 3.84 7.95 -4.63
CA PHE A 42 4.17 7.56 -3.27
C PHE A 42 5.07 8.66 -2.73
N ASN A 43 4.77 9.20 -1.55
CA ASN A 43 5.55 10.32 -1.00
C ASN A 43 6.88 9.86 -0.41
N ASN A 44 6.87 8.86 0.48
CA ASN A 44 8.07 8.33 1.14
C ASN A 44 7.85 6.86 1.44
N ARG A 45 7.97 6.01 0.41
CA ARG A 45 7.78 4.56 0.49
C ARG A 45 8.95 3.86 -0.22
N THR A 46 9.04 2.54 -0.04
CA THR A 46 10.06 1.69 -0.62
C THR A 46 9.43 0.35 -1.00
N SER A 47 10.16 -0.49 -1.75
CA SER A 47 9.70 -1.81 -2.17
C SER A 47 9.28 -2.63 -0.94
N VAL A 48 10.14 -2.68 0.08
CA VAL A 48 9.84 -3.40 1.30
C VAL A 48 8.62 -2.80 2.02
N MET A 49 8.49 -1.47 2.03
CA MET A 49 7.34 -0.82 2.66
C MET A 49 6.05 -1.28 1.98
N LEU A 50 5.98 -1.17 0.64
CA LEU A 50 4.84 -1.57 -0.17
C LEU A 50 4.49 -3.04 0.10
N LYS A 51 5.51 -3.90 0.03
CA LYS A 51 5.41 -5.33 0.27
C LYS A 51 4.73 -5.62 1.60
N ASP A 52 5.38 -5.19 2.69
CA ASP A 52 4.90 -5.45 4.04
C ASP A 52 3.58 -4.75 4.33
N ARG A 53 3.33 -3.57 3.76
CA ARG A 53 2.06 -2.86 3.92
C ARG A 53 0.95 -3.77 3.42
N TRP A 54 1.06 -4.21 2.17
CA TRP A 54 0.08 -5.08 1.55
C TRP A 54 -0.06 -6.39 2.33
N ARG A 55 1.07 -7.02 2.69
CA ARG A 55 1.10 -8.27 3.41
C ARG A 55 0.32 -8.17 4.73
N THR A 56 0.69 -7.19 5.58
CA THR A 56 0.06 -6.96 6.87
C THR A 56 -1.42 -6.61 6.70
N MET A 57 -1.74 -5.68 5.79
CA MET A 57 -3.12 -5.27 5.53
C MET A 57 -3.97 -6.49 5.14
N LYS A 58 -3.52 -7.22 4.11
CA LYS A 58 -4.18 -8.41 3.60
C LYS A 58 -4.42 -9.43 4.72
N LYS A 59 -3.40 -9.70 5.54
CA LYS A 59 -3.50 -10.67 6.61
C LYS A 59 -4.41 -10.25 7.77
N LEU A 60 -4.26 -9.02 8.28
CA LEU A 60 -5.02 -8.53 9.43
C LEU A 60 -6.41 -7.98 9.10
N LYS A 61 -6.52 -7.07 8.12
CA LYS A 61 -7.81 -6.49 7.75
C LYS A 61 -8.65 -7.45 6.92
N LEU A 62 -8.03 -8.38 6.18
CA LEU A 62 -8.73 -9.29 5.28
C LEU A 62 -9.29 -8.39 4.18
N ILE A 63 -8.37 -7.78 3.42
CA ILE A 63 -8.61 -6.84 2.33
C ILE A 63 -9.79 -7.22 1.42
N SER A 64 -10.07 -8.52 1.29
CA SER A 64 -11.18 -9.08 0.52
C SER A 64 -12.50 -8.37 0.87
N SER A 65 -12.62 -7.86 2.10
CA SER A 65 -13.77 -7.12 2.58
C SER A 65 -14.19 -6.02 1.60
N ASP A 66 -13.18 -5.36 1.00
CA ASP A 66 -13.37 -4.28 0.05
C ASP A 66 -13.70 -4.87 -1.32
N SER A 67 -14.83 -5.59 -1.41
CA SER A 67 -15.32 -6.23 -2.61
C SER A 67 -16.81 -6.54 -2.41
N GLU A 68 -17.29 -7.66 -2.96
CA GLU A 68 -18.67 -8.11 -2.88
C GLU A 68 -18.70 -9.64 -2.72
N ASP A 69 -19.78 -10.15 -2.10
CA ASP A 69 -20.00 -11.57 -1.85
C ASP A 69 -21.51 -11.75 -1.62
N GLU A 3 2.78 -4.33 23.41
CA GLU A 3 2.76 -3.45 22.21
C GLU A 3 1.92 -2.21 22.50
N LYS A 4 0.95 -1.87 21.64
CA LYS A 4 0.08 -0.70 21.81
C LYS A 4 -1.40 -1.08 21.69
N HIS A 5 -1.70 -2.07 20.84
CA HIS A 5 -3.01 -2.61 20.51
C HIS A 5 -3.70 -1.70 19.49
N ARG A 6 -3.99 -2.25 18.30
CA ARG A 6 -4.68 -1.57 17.20
C ARG A 6 -3.83 -0.54 16.48
N ALA A 7 -3.00 0.22 17.21
CA ALA A 7 -2.12 1.25 16.69
C ALA A 7 -2.94 2.30 15.91
N ARG A 8 -3.79 3.01 16.66
CA ARG A 8 -4.65 4.06 16.16
C ARG A 8 -3.80 5.26 15.73
N LYS A 9 -2.82 5.62 16.56
CA LYS A 9 -1.88 6.71 16.31
C LYS A 9 -0.88 6.21 15.27
N ARG A 10 -1.34 6.10 14.02
CA ARG A 10 -0.56 5.61 12.89
C ARG A 10 -1.02 6.35 11.63
N GLN A 11 -0.56 7.61 11.51
CA GLN A 11 -0.87 8.49 10.39
C GLN A 11 -0.16 8.03 9.11
N ALA A 12 0.95 7.30 9.25
CA ALA A 12 1.75 6.80 8.13
C ALA A 12 0.87 6.06 7.11
N TRP A 13 1.19 6.23 5.83
CA TRP A 13 0.48 5.67 4.69
C TRP A 13 -0.86 6.36 4.51
N LEU A 14 -0.92 7.32 3.58
CA LEU A 14 -2.13 8.07 3.29
C LEU A 14 -3.05 7.29 2.35
N TRP A 15 -4.35 7.61 2.40
CA TRP A 15 -5.39 7.00 1.59
C TRP A 15 -5.04 7.04 0.10
N GLU A 16 -4.46 8.15 -0.36
CA GLU A 16 -4.06 8.34 -1.74
C GLU A 16 -3.07 7.24 -2.12
N GLU A 17 -2.03 7.06 -1.30
CA GLU A 17 -1.01 6.05 -1.50
C GLU A 17 -1.64 4.66 -1.50
N ASP A 18 -2.56 4.39 -0.57
CA ASP A 18 -3.25 3.11 -0.49
C ASP A 18 -3.99 2.85 -1.80
N LYS A 19 -4.75 3.83 -2.31
CA LYS A 19 -5.47 3.69 -3.58
C LYS A 19 -4.49 3.28 -4.69
N ASN A 20 -3.33 3.96 -4.77
CA ASN A 20 -2.30 3.64 -5.74
C ASN A 20 -1.83 2.19 -5.55
N LEU A 21 -1.68 1.73 -4.30
CA LEU A 21 -1.26 0.37 -3.98
C LEU A 21 -2.28 -0.66 -4.46
N ARG A 22 -3.56 -0.43 -4.16
CA ARG A 22 -4.65 -1.32 -4.55
C ARG A 22 -4.61 -1.53 -6.06
N SER A 23 -4.58 -0.41 -6.81
CA SER A 23 -4.49 -0.43 -8.26
C SER A 23 -3.22 -1.16 -8.70
N GLY A 24 -2.09 -0.80 -8.08
CA GLY A 24 -0.76 -1.32 -8.34
C GLY A 24 -0.72 -2.84 -8.31
N VAL A 25 -0.98 -3.46 -7.15
CA VAL A 25 -0.94 -4.92 -7.03
C VAL A 25 -2.02 -5.56 -7.89
N ARG A 26 -3.23 -5.00 -7.93
CA ARG A 26 -4.30 -5.60 -8.74
C ARG A 26 -3.90 -5.71 -10.21
N LYS A 27 -3.18 -4.72 -10.74
CA LYS A 27 -2.77 -4.69 -12.14
C LYS A 27 -1.42 -5.36 -12.43
N TYR A 28 -0.41 -5.21 -11.56
CA TYR A 28 0.94 -5.74 -11.78
C TYR A 28 1.27 -7.00 -10.98
N GLY A 29 0.46 -7.36 -9.99
CA GLY A 29 0.67 -8.55 -9.17
C GLY A 29 1.69 -8.32 -8.05
N GLU A 30 1.85 -9.33 -7.19
CA GLU A 30 2.78 -9.32 -6.07
C GLU A 30 4.22 -9.25 -6.59
N GLY A 31 5.16 -8.90 -5.71
CA GLY A 31 6.58 -8.84 -6.06
C GLY A 31 6.98 -7.65 -6.94
N ASN A 32 6.10 -7.21 -7.85
CA ASN A 32 6.33 -6.12 -8.79
C ASN A 32 6.22 -4.74 -8.11
N TRP A 33 6.86 -4.61 -6.95
CA TRP A 33 6.90 -3.38 -6.16
C TRP A 33 7.55 -2.25 -6.96
N SER A 34 8.50 -2.60 -7.84
CA SER A 34 9.18 -1.68 -8.72
C SER A 34 8.16 -1.03 -9.67
N LYS A 35 7.39 -1.85 -10.40
CA LYS A 35 6.38 -1.37 -11.32
C LYS A 35 5.41 -0.46 -10.58
N ILE A 36 4.93 -0.91 -9.41
CA ILE A 36 4.01 -0.14 -8.59
C ILE A 36 4.60 1.24 -8.29
N LEU A 37 5.77 1.27 -7.64
CA LEU A 37 6.46 2.50 -7.25
C LEU A 37 6.71 3.46 -8.42
N LEU A 38 7.18 2.93 -9.55
CA LEU A 38 7.50 3.73 -10.74
C LEU A 38 6.27 4.24 -11.47
N HIS A 39 5.30 3.37 -11.74
CA HIS A 39 4.11 3.69 -12.51
C HIS A 39 3.08 4.52 -11.74
N TYR A 40 2.87 4.22 -10.45
CA TYR A 40 1.89 4.91 -9.62
C TYR A 40 2.55 5.85 -8.59
N LYS A 41 1.74 6.74 -8.00
CA LYS A 41 2.18 7.76 -7.05
C LYS A 41 2.30 7.22 -5.63
N PHE A 42 3.45 7.51 -5.00
CA PHE A 42 3.78 7.17 -3.62
C PHE A 42 4.80 8.17 -3.13
N ASN A 43 4.72 8.56 -1.85
CA ASN A 43 5.66 9.51 -1.25
C ASN A 43 6.91 8.73 -0.82
N ASN A 44 7.61 8.18 -1.82
CA ASN A 44 8.83 7.39 -1.67
C ASN A 44 8.63 6.19 -0.75
N ARG A 45 7.82 5.22 -1.17
CA ARG A 45 7.53 4.00 -0.41
C ARG A 45 8.39 2.86 -0.94
N THR A 46 9.30 2.36 -0.10
CA THR A 46 10.22 1.28 -0.40
C THR A 46 9.47 -0.04 -0.63
N SER A 47 10.14 -1.00 -1.26
CA SER A 47 9.59 -2.33 -1.50
C SER A 47 9.16 -2.97 -0.17
N VAL A 48 9.93 -2.70 0.90
CA VAL A 48 9.67 -3.17 2.24
C VAL A 48 8.33 -2.64 2.72
N MET A 49 8.15 -1.31 2.71
CA MET A 49 6.91 -0.68 3.15
C MET A 49 5.73 -1.09 2.26
N LEU A 50 5.95 -1.22 0.94
CA LEU A 50 4.94 -1.62 -0.01
C LEU A 50 4.40 -3.01 0.37
N LYS A 51 5.28 -4.01 0.44
CA LYS A 51 4.87 -5.36 0.79
C LYS A 51 4.29 -5.44 2.20
N ASP A 52 4.85 -4.71 3.17
CA ASP A 52 4.35 -4.74 4.54
C ASP A 52 2.92 -4.21 4.61
N ARG A 53 2.69 -3.01 4.06
CA ARG A 53 1.37 -2.39 4.03
C ARG A 53 0.35 -3.33 3.39
N TRP A 54 0.72 -3.91 2.24
CA TRP A 54 -0.13 -4.84 1.52
C TRP A 54 -0.46 -6.07 2.36
N ARG A 55 0.58 -6.74 2.88
CA ARG A 55 0.48 -7.92 3.70
C ARG A 55 -0.39 -7.68 4.93
N THR A 56 -0.27 -6.51 5.58
CA THR A 56 -1.06 -6.18 6.76
C THR A 56 -2.56 -6.45 6.52
N MET A 57 -3.05 -6.09 5.33
CA MET A 57 -4.44 -6.30 4.93
C MET A 57 -4.65 -7.76 4.50
N LYS A 58 -3.77 -8.25 3.61
CA LYS A 58 -3.84 -9.57 3.02
C LYS A 58 -3.89 -10.73 4.03
N LYS A 59 -3.07 -10.65 5.10
CA LYS A 59 -2.91 -11.63 6.17
C LYS A 59 -4.14 -12.51 6.42
N LEU A 60 -5.24 -11.92 6.90
CA LEU A 60 -6.47 -12.64 7.19
C LEU A 60 -7.61 -12.23 6.25
N LYS A 61 -7.27 -12.03 4.97
CA LYS A 61 -8.18 -11.67 3.89
C LYS A 61 -8.92 -10.34 4.10
N LEU A 62 -8.51 -9.50 5.04
CA LEU A 62 -9.13 -8.20 5.27
C LEU A 62 -8.54 -7.20 4.27
N ILE A 63 -8.71 -7.53 2.99
CA ILE A 63 -8.24 -6.78 1.85
C ILE A 63 -9.36 -6.69 0.81
N SER A 64 -10.01 -7.83 0.52
CA SER A 64 -11.10 -7.93 -0.42
C SER A 64 -12.34 -7.27 0.18
N SER A 65 -13.01 -6.42 -0.59
CA SER A 65 -14.21 -5.68 -0.21
C SER A 65 -13.87 -4.56 0.78
N ASP A 66 -14.88 -3.77 1.16
CA ASP A 66 -14.77 -2.66 2.09
C ASP A 66 -15.38 -2.99 3.46
N SER A 67 -15.67 -4.28 3.70
CA SER A 67 -16.26 -4.81 4.93
C SER A 67 -17.71 -4.37 5.14
N GLU A 68 -18.36 -4.93 6.16
CA GLU A 68 -19.74 -4.66 6.53
C GLU A 68 -19.88 -5.16 7.97
N ASP A 69 -20.12 -4.23 8.91
CA ASP A 69 -20.26 -4.51 10.33
C ASP A 69 -21.35 -3.60 10.90
N GLU A 3 -4.92 18.14 9.05
CA GLU A 3 -4.86 17.04 10.02
C GLU A 3 -5.01 17.58 11.44
N LYS A 4 -5.53 16.75 12.34
CA LYS A 4 -5.77 17.07 13.74
C LYS A 4 -4.86 16.18 14.59
N HIS A 5 -3.65 16.68 14.89
CA HIS A 5 -2.64 15.99 15.69
C HIS A 5 -2.32 14.61 15.10
N ARG A 6 -2.00 14.59 13.79
CA ARG A 6 -1.65 13.42 13.00
C ARG A 6 -2.88 12.56 12.67
N ALA A 7 -3.33 12.56 11.41
CA ALA A 7 -4.47 11.74 11.02
C ALA A 7 -4.06 10.28 11.02
N ARG A 8 -5.02 9.38 11.34
CA ARG A 8 -4.84 7.94 11.44
C ARG A 8 -4.08 7.61 12.74
N LYS A 9 -2.83 8.06 12.84
CA LYS A 9 -1.90 7.92 13.95
C LYS A 9 -0.58 8.56 13.50
N ARG A 10 0.51 8.33 14.24
CA ARG A 10 1.82 8.87 13.91
C ARG A 10 2.43 8.16 12.69
N GLN A 11 1.88 8.46 11.50
CA GLN A 11 2.24 7.95 10.19
C GLN A 11 1.66 6.55 9.98
N ALA A 12 0.78 6.43 8.97
CA ALA A 12 0.13 5.18 8.61
C ALA A 12 -0.44 5.31 7.20
N TRP A 13 0.39 5.81 6.26
CA TRP A 13 0.08 6.03 4.85
C TRP A 13 -1.09 6.99 4.61
N LEU A 14 -1.28 7.37 3.35
CA LEU A 14 -2.35 8.26 2.91
C LEU A 14 -3.37 7.47 2.09
N TRP A 15 -4.59 7.99 1.97
CA TRP A 15 -5.67 7.37 1.22
C TRP A 15 -5.27 7.11 -0.23
N GLU A 16 -4.59 8.08 -0.86
CA GLU A 16 -4.17 7.93 -2.23
C GLU A 16 -3.13 6.81 -2.36
N GLU A 17 -2.22 6.69 -1.39
CA GLU A 17 -1.21 5.64 -1.38
C GLU A 17 -1.90 4.28 -1.29
N ASP A 18 -2.87 4.14 -0.39
CA ASP A 18 -3.63 2.90 -0.23
C ASP A 18 -4.30 2.54 -1.55
N LYS A 19 -4.96 3.51 -2.20
CA LYS A 19 -5.62 3.33 -3.48
C LYS A 19 -4.62 2.90 -4.56
N ASN A 20 -3.47 3.58 -4.61
CA ASN A 20 -2.39 3.30 -5.56
C ASN A 20 -1.90 1.87 -5.37
N LEU A 21 -1.77 1.43 -4.11
CA LEU A 21 -1.33 0.08 -3.78
C LEU A 21 -2.37 -0.94 -4.21
N ARG A 22 -3.65 -0.69 -3.89
CA ARG A 22 -4.76 -1.55 -4.26
C ARG A 22 -4.70 -1.77 -5.77
N SER A 23 -4.83 -0.69 -6.53
CA SER A 23 -4.81 -0.73 -7.99
C SER A 23 -3.48 -1.31 -8.50
N GLY A 24 -2.39 -1.06 -7.78
CA GLY A 24 -1.06 -1.55 -8.11
C GLY A 24 -1.07 -3.08 -8.13
N VAL A 25 -1.54 -3.72 -7.05
CA VAL A 25 -1.61 -5.17 -6.98
C VAL A 25 -2.66 -5.67 -7.98
N ARG A 26 -3.77 -4.96 -8.13
CA ARG A 26 -4.83 -5.34 -9.07
C ARG A 26 -4.31 -5.40 -10.52
N LYS A 27 -3.46 -4.43 -10.91
CA LYS A 27 -2.91 -4.30 -12.25
C LYS A 27 -1.60 -5.04 -12.52
N TYR A 28 -0.68 -5.10 -11.55
CA TYR A 28 0.64 -5.71 -11.70
C TYR A 28 0.90 -6.88 -10.76
N GLY A 29 0.06 -7.11 -9.75
CA GLY A 29 0.25 -8.19 -8.79
C GLY A 29 1.36 -7.87 -7.80
N GLU A 30 1.49 -8.71 -6.76
CA GLU A 30 2.51 -8.56 -5.73
C GLU A 30 3.88 -8.89 -6.34
N GLY A 31 4.95 -8.63 -5.59
CA GLY A 31 6.30 -8.91 -6.05
C GLY A 31 6.82 -7.78 -6.95
N ASN A 32 6.02 -7.34 -7.93
CA ASN A 32 6.37 -6.27 -8.87
C ASN A 32 6.26 -4.89 -8.22
N TRP A 33 6.81 -4.76 -7.01
CA TRP A 33 6.83 -3.54 -6.21
C TRP A 33 7.57 -2.42 -6.93
N SER A 34 8.69 -2.75 -7.60
CA SER A 34 9.46 -1.77 -8.32
C SER A 34 8.61 -1.15 -9.43
N LYS A 35 7.93 -1.99 -10.22
CA LYS A 35 7.08 -1.55 -11.31
C LYS A 35 5.96 -0.63 -10.78
N ILE A 36 5.29 -1.07 -9.71
CA ILE A 36 4.22 -0.32 -9.06
C ILE A 36 4.78 1.04 -8.62
N LEU A 37 5.85 1.04 -7.84
CA LEU A 37 6.50 2.23 -7.30
C LEU A 37 6.87 3.22 -8.42
N LEU A 38 7.44 2.71 -9.52
CA LEU A 38 7.84 3.53 -10.66
C LEU A 38 6.64 4.22 -11.31
N HIS A 39 5.56 3.48 -11.55
CA HIS A 39 4.38 4.01 -12.23
C HIS A 39 3.52 4.93 -11.36
N TYR A 40 3.22 4.51 -10.13
CA TYR A 40 2.38 5.28 -9.23
C TYR A 40 3.14 6.41 -8.53
N LYS A 41 2.44 7.51 -8.27
CA LYS A 41 2.98 8.72 -7.64
C LYS A 41 3.14 8.56 -6.13
N PHE A 42 3.87 7.54 -5.68
CA PHE A 42 4.11 7.32 -4.25
C PHE A 42 5.11 8.35 -3.74
N ASN A 43 4.73 9.09 -2.69
CA ASN A 43 5.56 10.11 -2.06
C ASN A 43 6.63 9.47 -1.17
N ASN A 44 7.56 8.75 -1.81
CA ASN A 44 8.69 8.07 -1.19
C ASN A 44 8.26 6.93 -0.27
N ARG A 45 8.22 5.71 -0.83
CA ARG A 45 7.87 4.47 -0.14
C ARG A 45 8.83 3.40 -0.68
N THR A 46 9.28 2.49 0.18
CA THR A 46 10.22 1.44 -0.18
C THR A 46 9.50 0.15 -0.56
N SER A 47 10.21 -0.74 -1.28
CA SER A 47 9.69 -2.04 -1.68
C SER A 47 9.23 -2.80 -0.44
N VAL A 48 10.08 -2.82 0.61
CA VAL A 48 9.78 -3.48 1.87
C VAL A 48 8.50 -2.89 2.46
N MET A 49 8.37 -1.56 2.51
CA MET A 49 7.17 -0.93 3.04
C MET A 49 5.95 -1.37 2.23
N LEU A 50 6.04 -1.39 0.90
CA LEU A 50 4.94 -1.81 0.03
C LEU A 50 4.47 -3.23 0.40
N LYS A 51 5.38 -4.22 0.42
CA LYS A 51 4.98 -5.58 0.76
C LYS A 51 4.41 -5.66 2.18
N ASP A 52 5.09 -5.09 3.17
CA ASP A 52 4.64 -5.16 4.56
C ASP A 52 3.23 -4.57 4.71
N ARG A 53 3.06 -3.32 4.24
CA ARG A 53 1.79 -2.60 4.30
C ARG A 53 0.68 -3.40 3.61
N TRP A 54 0.97 -4.05 2.47
CA TRP A 54 -0.02 -4.85 1.77
C TRP A 54 -0.36 -6.12 2.56
N ARG A 55 0.68 -6.91 2.89
CA ARG A 55 0.62 -8.17 3.61
C ARG A 55 -0.24 -8.01 4.87
N THR A 56 -0.05 -6.92 5.61
CA THR A 56 -0.82 -6.63 6.82
C THR A 56 -2.32 -6.81 6.58
N MET A 57 -2.83 -6.32 5.45
CA MET A 57 -4.23 -6.42 5.09
C MET A 57 -4.54 -7.81 4.52
N LYS A 58 -3.83 -8.18 3.45
CA LYS A 58 -3.98 -9.45 2.74
C LYS A 58 -3.95 -10.67 3.69
N LYS A 59 -3.20 -10.58 4.80
CA LYS A 59 -3.05 -11.63 5.81
C LYS A 59 -4.38 -12.28 6.16
N LEU A 60 -5.40 -11.48 6.50
CA LEU A 60 -6.73 -11.98 6.84
C LEU A 60 -7.73 -11.57 5.76
N LYS A 61 -7.23 -11.42 4.53
CA LYS A 61 -7.96 -11.05 3.33
C LYS A 61 -8.72 -9.74 3.45
N LEU A 62 -8.12 -8.68 4.01
CA LEU A 62 -8.76 -7.37 4.10
C LEU A 62 -8.52 -6.66 2.75
N ILE A 63 -8.95 -7.31 1.68
CA ILE A 63 -8.84 -6.82 0.31
C ILE A 63 -10.23 -6.30 -0.04
N SER A 64 -10.36 -4.98 -0.21
CA SER A 64 -11.63 -4.35 -0.53
C SER A 64 -12.28 -4.97 -1.77
N SER A 65 -13.59 -5.17 -1.71
CA SER A 65 -14.41 -5.72 -2.79
C SER A 65 -15.65 -4.84 -2.99
N ASP A 66 -15.52 -3.54 -2.73
CA ASP A 66 -16.60 -2.58 -2.88
C ASP A 66 -16.81 -2.32 -4.36
N SER A 67 -17.73 -3.08 -4.97
CA SER A 67 -18.05 -3.02 -6.39
C SER A 67 -16.81 -3.42 -7.20
N GLU A 68 -16.11 -4.44 -6.71
CA GLU A 68 -14.90 -5.04 -7.27
C GLU A 68 -14.85 -6.48 -6.78
N ASP A 69 -14.31 -7.38 -7.59
CA ASP A 69 -14.15 -8.80 -7.28
C ASP A 69 -12.96 -9.32 -8.08
N GLU A 3 -4.87 29.84 14.47
CA GLU A 3 -5.86 28.79 14.71
C GLU A 3 -5.73 27.67 13.68
N LYS A 4 -6.46 26.57 13.93
CA LYS A 4 -6.56 25.38 13.09
C LYS A 4 -5.18 24.76 12.85
N HIS A 5 -4.35 24.71 13.90
CA HIS A 5 -3.00 24.18 13.87
C HIS A 5 -3.03 22.65 13.84
N ARG A 6 -3.45 22.08 12.71
CA ARG A 6 -3.55 20.64 12.51
C ARG A 6 -2.22 19.92 12.80
N ALA A 7 -1.11 20.45 12.25
CA ALA A 7 0.25 19.94 12.40
C ALA A 7 0.32 18.41 12.30
N ARG A 8 -0.45 17.84 11.37
CA ARG A 8 -0.53 16.40 11.15
C ARG A 8 0.33 15.99 9.97
N LYS A 9 0.05 16.58 8.80
CA LYS A 9 0.77 16.33 7.56
C LYS A 9 0.78 14.85 7.17
N ARG A 10 1.96 14.27 6.91
CA ARG A 10 2.16 12.88 6.51
C ARG A 10 1.92 11.88 7.64
N GLN A 11 0.66 11.71 8.04
CA GLN A 11 0.25 10.76 9.08
C GLN A 11 0.36 9.33 8.55
N ALA A 12 1.58 8.78 8.54
CA ALA A 12 1.86 7.43 8.06
C ALA A 12 1.48 7.34 6.58
N TRP A 13 0.86 6.22 6.18
CA TRP A 13 0.41 5.96 4.82
C TRP A 13 -0.93 6.65 4.56
N LEU A 14 -1.08 7.28 3.40
CA LEU A 14 -2.30 7.97 3.01
C LEU A 14 -3.21 7.06 2.17
N TRP A 15 -4.51 7.38 2.17
CA TRP A 15 -5.54 6.65 1.46
C TRP A 15 -5.19 6.48 -0.03
N GLU A 16 -4.69 7.54 -0.66
CA GLU A 16 -4.30 7.53 -2.06
C GLU A 16 -3.20 6.50 -2.29
N GLU A 17 -2.23 6.41 -1.38
CA GLU A 17 -1.14 5.45 -1.48
C GLU A 17 -1.69 4.03 -1.38
N ASP A 18 -2.59 3.77 -0.42
CA ASP A 18 -3.20 2.45 -0.30
C ASP A 18 -3.97 2.11 -1.57
N LYS A 19 -4.69 3.09 -2.14
CA LYS A 19 -5.45 2.92 -3.37
C LYS A 19 -4.48 2.55 -4.49
N ASN A 20 -3.38 3.30 -4.62
CA ASN A 20 -2.34 3.08 -5.63
C ASN A 20 -1.77 1.68 -5.51
N LEU A 21 -1.45 1.27 -4.28
CA LEU A 21 -0.91 -0.04 -3.96
C LEU A 21 -1.88 -1.13 -4.44
N ARG A 22 -3.15 -1.05 -4.04
CA ARG A 22 -4.16 -2.01 -4.46
C ARG A 22 -4.27 -2.04 -5.99
N SER A 23 -4.39 -0.87 -6.61
CA SER A 23 -4.51 -0.73 -8.07
C SER A 23 -3.34 -1.45 -8.76
N GLY A 24 -2.12 -1.16 -8.31
CA GLY A 24 -0.90 -1.75 -8.83
C GLY A 24 -0.87 -3.26 -8.68
N VAL A 25 -1.04 -3.75 -7.46
CA VAL A 25 -1.05 -5.18 -7.17
C VAL A 25 -2.08 -5.91 -8.03
N ARG A 26 -3.31 -5.40 -8.07
CA ARG A 26 -4.39 -6.01 -8.83
C ARG A 26 -4.16 -5.97 -10.33
N LYS A 27 -3.67 -4.85 -10.86
CA LYS A 27 -3.44 -4.65 -12.29
C LYS A 27 -2.22 -5.41 -12.84
N TYR A 28 -1.11 -5.43 -12.10
CA TYR A 28 0.15 -6.06 -12.55
C TYR A 28 0.44 -7.41 -11.91
N GLY A 29 -0.04 -7.61 -10.68
CA GLY A 29 0.17 -8.81 -9.89
C GLY A 29 0.97 -8.42 -8.64
N GLU A 30 0.86 -9.22 -7.57
CA GLU A 30 1.57 -8.98 -6.33
C GLU A 30 3.08 -9.19 -6.57
N GLY A 31 3.93 -8.73 -5.64
CA GLY A 31 5.37 -8.87 -5.77
C GLY A 31 6.02 -7.83 -6.69
N ASN A 32 5.25 -7.20 -7.60
CA ASN A 32 5.72 -6.21 -8.56
C ASN A 32 5.95 -4.84 -7.90
N TRP A 33 6.53 -4.80 -6.71
CA TRP A 33 6.79 -3.60 -5.92
C TRP A 33 7.56 -2.53 -6.71
N SER A 34 8.53 -2.95 -7.53
CA SER A 34 9.33 -2.06 -8.36
C SER A 34 8.41 -1.27 -9.30
N LYS A 35 7.74 -1.98 -10.20
CA LYS A 35 6.81 -1.42 -11.17
C LYS A 35 5.79 -0.53 -10.49
N ILE A 36 5.16 -1.03 -9.43
CA ILE A 36 4.16 -0.29 -8.67
C ILE A 36 4.74 1.05 -8.19
N LEU A 37 5.86 1.01 -7.47
CA LEU A 37 6.54 2.19 -6.96
C LEU A 37 6.84 3.19 -8.07
N LEU A 38 7.41 2.72 -9.18
CA LEU A 38 7.75 3.57 -10.32
C LEU A 38 6.53 4.25 -10.93
N HIS A 39 5.44 3.49 -11.13
CA HIS A 39 4.23 3.99 -11.77
C HIS A 39 3.43 4.99 -10.95
N TYR A 40 3.14 4.69 -9.68
CA TYR A 40 2.33 5.59 -8.85
C TYR A 40 3.21 6.54 -8.04
N LYS A 41 2.73 7.77 -7.84
CA LYS A 41 3.43 8.81 -7.11
C LYS A 41 3.34 8.63 -5.59
N PHE A 42 4.02 7.60 -5.06
CA PHE A 42 4.07 7.34 -3.63
C PHE A 42 4.91 8.42 -2.93
N ASN A 43 4.63 8.71 -1.66
CA ASN A 43 5.37 9.72 -0.90
C ASN A 43 6.63 9.07 -0.33
N ASN A 44 7.56 8.70 -1.23
CA ASN A 44 8.83 8.07 -0.92
C ASN A 44 8.64 6.84 -0.02
N ARG A 45 8.01 5.80 -0.58
CA ARG A 45 7.74 4.53 0.08
C ARG A 45 8.61 3.47 -0.58
N THR A 46 9.44 2.77 0.21
CA THR A 46 10.34 1.75 -0.31
C THR A 46 9.57 0.48 -0.71
N SER A 47 10.22 -0.38 -1.50
CA SER A 47 9.65 -1.66 -1.91
C SER A 47 9.21 -2.46 -0.69
N VAL A 48 10.01 -2.39 0.39
CA VAL A 48 9.75 -3.05 1.66
C VAL A 48 8.47 -2.49 2.26
N MET A 49 8.35 -1.14 2.29
CA MET A 49 7.16 -0.50 2.82
C MET A 49 5.92 -0.92 2.01
N LEU A 50 5.99 -0.91 0.68
CA LEU A 50 4.89 -1.34 -0.18
C LEU A 50 4.49 -2.77 0.17
N LYS A 51 5.49 -3.67 0.20
CA LYS A 51 5.33 -5.07 0.51
C LYS A 51 4.61 -5.29 1.85
N ASP A 52 5.23 -4.87 2.95
CA ASP A 52 4.66 -5.06 4.28
C ASP A 52 3.37 -4.27 4.50
N ARG A 53 3.17 -3.16 3.77
CA ARG A 53 1.92 -2.43 3.86
C ARG A 53 0.84 -3.36 3.29
N TRP A 54 1.06 -3.93 2.10
CA TRP A 54 0.12 -4.84 1.49
C TRP A 54 -0.09 -6.08 2.36
N ARG A 55 0.99 -6.54 3.03
CA ARG A 55 0.93 -7.69 3.94
C ARG A 55 -0.12 -7.45 5.03
N THR A 56 -0.37 -6.18 5.40
CA THR A 56 -1.37 -5.82 6.38
C THR A 56 -2.76 -6.17 5.81
N MET A 57 -3.05 -5.65 4.61
CA MET A 57 -4.30 -5.92 3.92
C MET A 57 -4.48 -7.44 3.72
N LYS A 58 -3.42 -8.12 3.26
CA LYS A 58 -3.39 -9.56 3.04
C LYS A 58 -3.82 -10.29 4.32
N LYS A 59 -3.16 -9.97 5.44
CA LYS A 59 -3.44 -10.57 6.73
C LYS A 59 -4.93 -10.39 7.08
N LEU A 60 -5.44 -9.17 6.91
CA LEU A 60 -6.83 -8.82 7.19
C LEU A 60 -7.80 -9.32 6.11
N LYS A 61 -7.31 -10.01 5.06
CA LYS A 61 -8.09 -10.55 3.96
C LYS A 61 -8.77 -9.46 3.12
N LEU A 62 -8.21 -8.24 3.12
CA LEU A 62 -8.75 -7.10 2.37
C LEU A 62 -8.20 -7.08 0.94
N ILE A 63 -8.10 -8.25 0.31
CA ILE A 63 -7.63 -8.40 -1.07
C ILE A 63 -8.88 -8.24 -1.92
N SER A 64 -9.32 -6.98 -2.10
CA SER A 64 -10.55 -6.64 -2.82
C SER A 64 -11.71 -7.31 -2.10
N SER A 65 -11.83 -7.01 -0.80
CA SER A 65 -12.81 -7.49 0.17
C SER A 65 -14.07 -8.08 -0.45
N ASP A 66 -14.19 -9.41 -0.37
CA ASP A 66 -15.26 -10.25 -0.88
C ASP A 66 -16.62 -9.55 -0.96
N SER A 67 -17.13 -9.09 0.18
CA SER A 67 -18.39 -8.38 0.25
C SER A 67 -18.21 -6.92 -0.19
N GLU A 68 -17.65 -6.10 0.69
CA GLU A 68 -17.36 -4.68 0.50
C GLU A 68 -16.17 -4.32 1.38
N ASP A 69 -15.54 -3.16 1.12
CA ASP A 69 -14.42 -2.66 1.90
C ASP A 69 -14.95 -1.81 3.05
N GLU A 3 1.84 13.81 30.67
CA GLU A 3 0.78 14.15 29.70
C GLU A 3 1.41 14.45 28.34
N LYS A 4 0.67 15.05 27.41
CA LYS A 4 1.15 15.38 26.07
C LYS A 4 2.28 16.41 26.11
N HIS A 5 3.21 16.29 25.16
CA HIS A 5 4.37 17.17 25.00
C HIS A 5 4.64 17.28 23.50
N ARG A 6 3.70 17.89 22.78
CA ARG A 6 3.72 18.08 21.33
C ARG A 6 3.46 16.74 20.63
N ALA A 7 3.41 16.77 19.29
CA ALA A 7 3.18 15.59 18.46
C ALA A 7 3.60 15.89 17.02
N ARG A 8 3.69 14.85 16.18
CA ARG A 8 4.07 14.97 14.79
C ARG A 8 3.55 13.73 14.05
N LYS A 9 3.23 13.90 12.76
CA LYS A 9 2.74 12.81 11.93
C LYS A 9 3.93 11.96 11.50
N ARG A 10 3.69 10.66 11.30
CA ARG A 10 4.66 9.67 10.87
C ARG A 10 4.47 9.40 9.38
N GLN A 11 5.10 8.35 8.84
CA GLN A 11 4.97 7.97 7.43
C GLN A 11 3.66 7.21 7.22
N ALA A 12 2.54 7.84 7.59
CA ALA A 12 1.22 7.27 7.52
C ALA A 12 0.83 6.91 6.08
N TRP A 13 -0.02 5.88 5.97
CA TRP A 13 -0.54 5.36 4.72
C TRP A 13 -1.92 5.97 4.50
N LEU A 14 -1.93 7.08 3.77
CA LEU A 14 -3.12 7.86 3.44
C LEU A 14 -4.03 7.11 2.45
N TRP A 15 -5.17 7.75 2.12
CA TRP A 15 -6.14 7.20 1.19
C TRP A 15 -5.50 6.97 -0.18
N GLU A 16 -4.84 7.98 -0.77
CA GLU A 16 -4.21 7.82 -2.08
C GLU A 16 -3.19 6.69 -2.02
N GLU A 17 -2.38 6.63 -0.96
CA GLU A 17 -1.36 5.61 -0.77
C GLU A 17 -1.97 4.20 -0.88
N ASP A 18 -2.93 3.86 -0.02
CA ASP A 18 -3.58 2.54 -0.03
C ASP A 18 -4.28 2.27 -1.38
N LYS A 19 -5.01 3.26 -1.92
CA LYS A 19 -5.71 3.11 -3.19
C LYS A 19 -4.72 2.78 -4.32
N ASN A 20 -3.62 3.54 -4.38
CA ASN A 20 -2.56 3.38 -5.37
C ASN A 20 -1.91 2.01 -5.22
N LEU A 21 -1.70 1.54 -3.97
CA LEU A 21 -1.11 0.24 -3.71
C LEU A 21 -2.01 -0.86 -4.27
N ARG A 22 -3.29 -0.84 -3.89
CA ARG A 22 -4.29 -1.79 -4.36
C ARG A 22 -4.30 -1.83 -5.89
N SER A 23 -4.42 -0.65 -6.51
CA SER A 23 -4.45 -0.53 -7.97
C SER A 23 -3.17 -1.08 -8.58
N GLY A 24 -2.02 -0.77 -7.99
CA GLY A 24 -0.71 -1.22 -8.43
C GLY A 24 -0.65 -2.74 -8.44
N VAL A 25 -1.00 -3.37 -7.32
CA VAL A 25 -1.00 -4.82 -7.18
C VAL A 25 -1.92 -5.44 -8.23
N ARG A 26 -3.14 -4.95 -8.38
CA ARG A 26 -4.07 -5.48 -9.36
C ARG A 26 -3.56 -5.31 -10.80
N LYS A 27 -2.92 -4.17 -11.09
CA LYS A 27 -2.42 -3.83 -12.42
C LYS A 27 -1.14 -4.57 -12.81
N TYR A 28 -0.19 -4.76 -11.89
CA TYR A 28 1.11 -5.35 -12.18
C TYR A 28 1.47 -6.64 -11.42
N GLY A 29 0.61 -7.12 -10.52
CA GLY A 29 0.84 -8.36 -9.77
C GLY A 29 1.44 -8.10 -8.39
N GLU A 30 1.04 -8.93 -7.43
CA GLU A 30 1.47 -8.89 -6.04
C GLU A 30 2.93 -9.39 -5.94
N GLY A 31 3.89 -8.51 -6.22
CA GLY A 31 5.30 -8.86 -6.18
C GLY A 31 6.18 -7.86 -6.94
N ASN A 32 5.66 -7.29 -8.03
CA ASN A 32 6.39 -6.34 -8.86
C ASN A 32 6.40 -4.94 -8.25
N TRP A 33 6.97 -4.83 -7.05
CA TRP A 33 7.06 -3.60 -6.29
C TRP A 33 7.83 -2.50 -7.02
N SER A 34 8.86 -2.87 -7.81
CA SER A 34 9.63 -1.90 -8.58
C SER A 34 8.71 -1.22 -9.59
N LYS A 35 8.04 -2.02 -10.42
CA LYS A 35 7.11 -1.53 -11.43
C LYS A 35 6.04 -0.67 -10.74
N ILE A 36 5.41 -1.20 -9.69
CA ILE A 36 4.37 -0.50 -8.94
C ILE A 36 4.87 0.86 -8.44
N LEU A 37 6.06 0.91 -7.82
CA LEU A 37 6.64 2.14 -7.28
C LEU A 37 6.82 3.21 -8.36
N LEU A 38 7.30 2.82 -9.55
CA LEU A 38 7.51 3.76 -10.64
C LEU A 38 6.20 4.17 -11.32
N HIS A 39 5.31 3.21 -11.57
CA HIS A 39 4.04 3.43 -12.25
C HIS A 39 3.05 4.21 -11.39
N TYR A 40 2.79 3.75 -10.16
CA TYR A 40 1.88 4.38 -9.22
C TYR A 40 2.69 5.21 -8.24
N LYS A 41 2.27 6.45 -8.02
CA LYS A 41 2.95 7.37 -7.12
C LYS A 41 2.68 7.01 -5.66
N PHE A 42 3.64 7.37 -4.79
CA PHE A 42 3.58 7.19 -3.35
C PHE A 42 4.48 8.26 -2.73
N ASN A 43 4.23 8.63 -1.47
CA ASN A 43 4.99 9.65 -0.75
C ASN A 43 6.36 9.14 -0.27
N ASN A 44 7.12 8.48 -1.16
CA ASN A 44 8.45 7.91 -0.94
C ASN A 44 8.35 6.60 -0.16
N ARG A 45 8.18 5.49 -0.89
CA ARG A 45 8.08 4.15 -0.33
C ARG A 45 9.11 3.25 -0.99
N THR A 46 9.55 2.21 -0.27
CA THR A 46 10.49 1.21 -0.73
C THR A 46 9.75 -0.09 -1.01
N SER A 47 10.44 -1.06 -1.63
CA SER A 47 9.88 -2.37 -1.91
C SER A 47 9.40 -3.00 -0.61
N VAL A 48 10.16 -2.78 0.48
CA VAL A 48 9.86 -3.28 1.81
C VAL A 48 8.55 -2.66 2.30
N MET A 49 8.43 -1.32 2.23
CA MET A 49 7.21 -0.62 2.66
C MET A 49 5.99 -1.14 1.89
N LEU A 50 6.09 -1.19 0.56
CA LEU A 50 5.01 -1.65 -0.31
C LEU A 50 4.59 -3.07 0.06
N LYS A 51 5.56 -4.00 0.08
CA LYS A 51 5.35 -5.39 0.42
C LYS A 51 4.70 -5.54 1.79
N ASP A 52 5.33 -5.00 2.82
CA ASP A 52 4.84 -5.09 4.20
C ASP A 52 3.45 -4.50 4.36
N ARG A 53 3.21 -3.31 3.80
CA ARG A 53 1.91 -2.66 3.87
C ARG A 53 0.85 -3.61 3.32
N TRP A 54 1.10 -4.17 2.12
CA TRP A 54 0.16 -5.07 1.49
C TRP A 54 -0.06 -6.34 2.31
N ARG A 55 1.01 -6.93 2.86
CA ARG A 55 0.91 -8.12 3.70
C ARG A 55 -0.05 -7.83 4.86
N THR A 56 0.24 -6.74 5.58
CA THR A 56 -0.54 -6.29 6.73
C THR A 56 -1.99 -6.03 6.34
N MET A 57 -2.22 -5.29 5.25
CA MET A 57 -3.55 -4.96 4.75
C MET A 57 -4.36 -6.23 4.51
N LYS A 58 -3.81 -7.19 3.75
CA LYS A 58 -4.51 -8.43 3.48
C LYS A 58 -4.79 -9.19 4.77
N LYS A 59 -3.77 -9.40 5.61
CA LYS A 59 -3.90 -10.15 6.85
C LYS A 59 -4.92 -9.56 7.82
N LEU A 60 -4.93 -8.23 8.01
CA LEU A 60 -5.82 -7.56 8.95
C LEU A 60 -7.17 -7.16 8.36
N LYS A 61 -7.18 -6.52 7.18
CA LYS A 61 -8.42 -6.05 6.56
C LYS A 61 -9.13 -7.12 5.73
N LEU A 62 -8.41 -8.12 5.21
CA LEU A 62 -8.98 -9.19 4.38
C LEU A 62 -9.59 -8.56 3.13
N ILE A 63 -8.73 -7.97 2.30
CA ILE A 63 -9.12 -7.30 1.06
C ILE A 63 -9.87 -8.26 0.14
N SER A 64 -11.11 -7.89 -0.22
CA SER A 64 -11.99 -8.63 -1.10
C SER A 64 -12.46 -9.96 -0.50
N SER A 65 -13.19 -9.89 0.62
CA SER A 65 -13.75 -11.07 1.28
C SER A 65 -15.05 -11.44 0.57
N ASP A 66 -14.94 -11.91 -0.68
CA ASP A 66 -16.08 -12.30 -1.51
C ASP A 66 -16.54 -13.71 -1.14
N SER A 67 -15.61 -14.67 -1.18
CA SER A 67 -15.87 -16.07 -0.85
C SER A 67 -15.89 -16.21 0.68
N GLU A 68 -17.10 -16.11 1.26
CA GLU A 68 -17.37 -16.21 2.68
C GLU A 68 -16.83 -15.00 3.46
N ASP A 69 -17.30 -14.85 4.71
CA ASP A 69 -16.93 -13.79 5.62
C ASP A 69 -15.45 -13.88 5.98
N GLU A 3 11.19 26.33 15.94
CA GLU A 3 9.74 26.03 15.87
C GLU A 3 9.22 25.32 17.12
N LYS A 4 10.01 24.38 17.66
CA LYS A 4 9.76 23.56 18.83
C LYS A 4 8.83 22.39 18.48
N HIS A 5 9.26 21.60 17.49
CA HIS A 5 8.59 20.42 16.96
C HIS A 5 7.40 20.79 16.07
N ARG A 6 6.34 21.32 16.69
CA ARG A 6 5.09 21.73 16.06
C ARG A 6 4.33 20.52 15.49
N ALA A 7 3.13 20.77 14.95
CA ALA A 7 2.26 19.74 14.39
C ALA A 7 2.76 19.30 13.02
N ARG A 8 3.84 18.50 12.98
CA ARG A 8 4.43 17.97 11.77
C ARG A 8 3.45 17.03 11.04
N LYS A 9 2.67 16.26 11.83
CA LYS A 9 1.68 15.29 11.40
C LYS A 9 2.33 13.99 10.92
N ARG A 10 1.70 12.86 11.23
CA ARG A 10 2.17 11.54 10.86
C ARG A 10 1.77 11.26 9.40
N GLN A 11 2.63 11.64 8.45
CA GLN A 11 2.40 11.46 7.02
C GLN A 11 2.67 10.00 6.60
N ALA A 12 1.99 9.06 7.25
CA ALA A 12 2.08 7.63 6.99
C ALA A 12 1.27 7.29 5.74
N TRP A 13 0.87 6.03 5.59
CA TRP A 13 0.09 5.57 4.46
C TRP A 13 -1.29 6.21 4.45
N LEU A 14 -1.51 7.17 3.52
CA LEU A 14 -2.76 7.87 3.34
C LEU A 14 -3.69 7.04 2.46
N TRP A 15 -4.98 7.42 2.44
CA TRP A 15 -6.01 6.78 1.64
C TRP A 15 -5.58 6.65 0.17
N GLU A 16 -4.98 7.72 -0.37
CA GLU A 16 -4.53 7.75 -1.76
C GLU A 16 -3.41 6.74 -1.98
N GLU A 17 -2.41 6.73 -1.09
CA GLU A 17 -1.29 5.80 -1.16
C GLU A 17 -1.82 4.37 -1.16
N ASP A 18 -2.68 4.04 -0.18
CA ASP A 18 -3.26 2.70 -0.08
C ASP A 18 -4.03 2.34 -1.35
N LYS A 19 -4.99 3.19 -1.75
CA LYS A 19 -5.80 2.99 -2.95
C LYS A 19 -4.90 2.70 -4.15
N ASN A 20 -3.88 3.54 -4.35
CA ASN A 20 -2.92 3.41 -5.43
C ASN A 20 -2.22 2.05 -5.37
N LEU A 21 -1.73 1.67 -4.18
CA LEU A 21 -1.05 0.41 -3.98
C LEU A 21 -1.95 -0.75 -4.39
N ARG A 22 -3.20 -0.79 -3.90
CA ARG A 22 -4.15 -1.84 -4.26
C ARG A 22 -4.32 -1.92 -5.78
N SER A 23 -4.52 -0.76 -6.41
CA SER A 23 -4.68 -0.68 -7.86
C SER A 23 -3.46 -1.30 -8.54
N GLY A 24 -2.25 -0.92 -8.09
CA GLY A 24 -0.99 -1.42 -8.61
C GLY A 24 -0.87 -2.93 -8.46
N VAL A 25 -1.23 -3.47 -7.28
CA VAL A 25 -1.18 -4.91 -7.02
C VAL A 25 -2.03 -5.63 -8.06
N ARG A 26 -3.27 -5.19 -8.30
CA ARG A 26 -4.13 -5.83 -9.28
C ARG A 26 -3.59 -5.65 -10.71
N LYS A 27 -3.15 -4.43 -11.05
CA LYS A 27 -2.67 -4.08 -12.38
C LYS A 27 -1.39 -4.81 -12.82
N TYR A 28 -0.37 -4.84 -11.96
CA TYR A 28 0.94 -5.44 -12.27
C TYR A 28 1.19 -6.77 -11.58
N GLY A 29 0.42 -7.13 -10.55
CA GLY A 29 0.56 -8.38 -9.82
C GLY A 29 1.24 -8.17 -8.47
N GLU A 30 0.85 -8.97 -7.48
CA GLU A 30 1.42 -8.92 -6.14
C GLU A 30 2.87 -9.38 -6.25
N GLY A 31 3.80 -8.61 -5.67
CA GLY A 31 5.22 -8.90 -5.72
C GLY A 31 5.96 -7.98 -6.68
N ASN A 32 5.27 -7.44 -7.71
CA ASN A 32 5.84 -6.56 -8.72
C ASN A 32 5.99 -5.12 -8.17
N TRP A 33 6.58 -5.00 -6.98
CA TRP A 33 6.80 -3.73 -6.28
C TRP A 33 7.60 -2.74 -7.14
N SER A 34 8.55 -3.26 -7.94
CA SER A 34 9.37 -2.44 -8.82
C SER A 34 8.46 -1.66 -9.77
N LYS A 35 7.53 -2.35 -10.45
CA LYS A 35 6.60 -1.74 -11.37
C LYS A 35 5.62 -0.83 -10.63
N ILE A 36 5.02 -1.32 -9.54
CA ILE A 36 4.07 -0.54 -8.76
C ILE A 36 4.68 0.81 -8.36
N LEU A 37 5.90 0.78 -7.81
CA LEU A 37 6.61 1.99 -7.40
C LEU A 37 6.97 2.85 -8.62
N LEU A 38 7.67 2.29 -9.60
CA LEU A 38 8.09 3.01 -10.80
C LEU A 38 6.96 3.77 -11.49
N HIS A 39 5.82 3.09 -11.72
CA HIS A 39 4.69 3.66 -12.43
C HIS A 39 3.74 4.48 -11.55
N TYR A 40 3.97 4.62 -10.24
CA TYR A 40 3.11 5.42 -9.37
C TYR A 40 3.93 6.21 -8.36
N LYS A 41 3.83 7.54 -8.43
CA LYS A 41 4.56 8.47 -7.59
C LYS A 41 4.01 8.53 -6.15
N PHE A 42 4.42 7.59 -5.30
CA PHE A 42 4.07 7.60 -3.89
C PHE A 42 4.88 8.73 -3.23
N ASN A 43 4.65 9.03 -1.94
CA ASN A 43 5.42 10.09 -1.26
C ASN A 43 6.90 9.66 -1.20
N ASN A 44 7.17 8.58 -0.45
CA ASN A 44 8.49 8.01 -0.25
C ASN A 44 8.34 6.59 0.33
N ARG A 45 7.39 5.83 -0.20
CA ARG A 45 7.09 4.48 0.24
C ARG A 45 7.96 3.52 -0.58
N THR A 46 8.93 2.89 0.10
CA THR A 46 9.88 1.96 -0.50
C THR A 46 9.21 0.63 -0.84
N SER A 47 9.93 -0.22 -1.60
CA SER A 47 9.45 -1.56 -1.96
C SER A 47 9.08 -2.33 -0.69
N VAL A 48 9.89 -2.16 0.37
CA VAL A 48 9.65 -2.79 1.66
C VAL A 48 8.32 -2.27 2.22
N MET A 49 8.12 -0.95 2.25
CA MET A 49 6.89 -0.37 2.75
C MET A 49 5.68 -0.92 1.98
N LEU A 50 5.75 -0.96 0.64
CA LEU A 50 4.67 -1.48 -0.21
C LEU A 50 4.36 -2.92 0.19
N LYS A 51 5.38 -3.77 0.17
CA LYS A 51 5.31 -5.18 0.50
C LYS A 51 4.65 -5.41 1.85
N ASP A 52 5.22 -4.83 2.91
CA ASP A 52 4.73 -4.97 4.27
C ASP A 52 3.31 -4.44 4.42
N ARG A 53 3.03 -3.24 3.93
CA ARG A 53 1.71 -2.62 4.00
C ARG A 53 0.64 -3.58 3.45
N TRP A 54 0.86 -4.08 2.23
CA TRP A 54 -0.07 -5.00 1.61
C TRP A 54 -0.16 -6.31 2.41
N ARG A 55 0.99 -6.88 2.81
CA ARG A 55 1.04 -8.11 3.58
C ARG A 55 0.19 -8.01 4.84
N THR A 56 0.25 -6.88 5.55
CA THR A 56 -0.52 -6.65 6.76
C THR A 56 -2.02 -6.75 6.46
N MET A 57 -2.52 -5.95 5.50
CA MET A 57 -3.92 -5.95 5.11
C MET A 57 -4.38 -7.34 4.69
N LYS A 58 -3.58 -7.98 3.82
CA LYS A 58 -3.81 -9.31 3.28
C LYS A 58 -3.86 -10.38 4.37
N LYS A 59 -3.33 -10.09 5.58
CA LYS A 59 -3.36 -11.03 6.70
C LYS A 59 -4.76 -11.10 7.34
N LEU A 60 -5.83 -10.81 6.58
CA LEU A 60 -7.21 -10.81 7.02
C LEU A 60 -7.45 -9.69 8.03
N LYS A 61 -6.61 -8.65 7.99
CA LYS A 61 -6.70 -7.49 8.87
C LYS A 61 -7.69 -6.49 8.25
N LEU A 62 -7.70 -6.40 6.92
CA LEU A 62 -8.58 -5.50 6.18
C LEU A 62 -9.00 -6.16 4.87
N ILE A 63 -8.03 -6.68 4.10
CA ILE A 63 -8.31 -7.32 2.82
C ILE A 63 -8.82 -8.74 3.03
N SER A 64 -10.01 -8.99 2.48
CA SER A 64 -10.73 -10.26 2.52
C SER A 64 -11.75 -10.20 1.38
N SER A 65 -11.83 -11.25 0.55
CA SER A 65 -12.74 -11.32 -0.57
C SER A 65 -12.84 -12.76 -1.08
N ASP A 66 -13.93 -13.06 -1.80
CA ASP A 66 -14.18 -14.37 -2.36
C ASP A 66 -13.39 -14.52 -3.66
N SER A 67 -13.71 -13.66 -4.64
CA SER A 67 -13.09 -13.61 -5.96
C SER A 67 -12.85 -12.15 -6.34
N GLU A 68 -11.96 -11.92 -7.31
CA GLU A 68 -11.63 -10.60 -7.80
C GLU A 68 -12.78 -10.03 -8.64
N ASP A 69 -12.97 -8.71 -8.57
CA ASP A 69 -14.00 -7.96 -9.29
C ASP A 69 -13.49 -6.53 -9.48
N GLU A 3 4.52 1.08 22.50
CA GLU A 3 3.39 1.11 23.44
C GLU A 3 3.24 2.53 23.99
N LYS A 4 2.00 2.89 24.35
CA LYS A 4 1.59 4.18 24.90
C LYS A 4 1.70 5.30 23.86
N HIS A 5 0.86 6.33 24.01
CA HIS A 5 0.79 7.48 23.12
C HIS A 5 2.00 8.41 23.32
N ARG A 6 3.17 7.96 22.86
CA ARG A 6 4.43 8.71 22.93
C ARG A 6 5.38 8.21 21.85
N ALA A 7 4.87 8.10 20.62
CA ALA A 7 5.58 7.67 19.43
C ALA A 7 4.83 8.20 18.20
N ARG A 8 5.54 8.41 17.10
CA ARG A 8 4.95 8.94 15.86
C ARG A 8 5.81 8.58 14.65
N LYS A 9 5.73 7.31 14.23
CA LYS A 9 6.42 6.76 13.06
C LYS A 9 5.45 6.80 11.88
N ARG A 10 5.96 6.73 10.65
CA ARG A 10 5.15 6.75 9.43
C ARG A 10 4.53 5.36 9.18
N GLN A 11 3.74 4.88 10.14
CA GLN A 11 3.04 3.60 10.06
C GLN A 11 1.78 3.77 9.25
N ALA A 12 1.02 4.84 9.51
CA ALA A 12 -0.22 5.15 8.82
C ALA A 12 0.11 5.65 7.40
N TRP A 13 -0.67 5.20 6.42
CA TRP A 13 -0.53 5.56 5.02
C TRP A 13 -1.66 6.50 4.60
N LEU A 14 -1.45 7.20 3.50
CA LEU A 14 -2.43 8.13 2.95
C LEU A 14 -3.41 7.36 2.05
N TRP A 15 -4.64 7.87 1.96
CA TRP A 15 -5.70 7.30 1.13
C TRP A 15 -5.26 7.14 -0.31
N GLU A 16 -4.47 8.10 -0.82
CA GLU A 16 -3.97 8.04 -2.18
C GLU A 16 -3.01 6.87 -2.31
N GLU A 17 -2.01 6.78 -1.42
CA GLU A 17 -1.01 5.72 -1.42
C GLU A 17 -1.66 4.34 -1.35
N ASP A 18 -2.62 4.14 -0.44
CA ASP A 18 -3.31 2.86 -0.32
C ASP A 18 -4.01 2.51 -1.63
N LYS A 19 -4.73 3.48 -2.22
CA LYS A 19 -5.42 3.30 -3.49
C LYS A 19 -4.43 2.96 -4.60
N ASN A 20 -3.31 3.70 -4.67
CA ASN A 20 -2.25 3.54 -5.65
C ASN A 20 -1.70 2.12 -5.58
N LEU A 21 -1.35 1.67 -4.37
CA LEU A 21 -0.83 0.34 -4.10
C LEU A 21 -1.83 -0.71 -4.53
N ARG A 22 -3.07 -0.67 -4.00
CA ARG A 22 -4.10 -1.64 -4.35
C ARG A 22 -4.31 -1.70 -5.86
N SER A 23 -4.37 -0.53 -6.52
CA SER A 23 -4.53 -0.43 -7.96
C SER A 23 -3.36 -1.14 -8.66
N GLY A 24 -2.13 -0.85 -8.23
CA GLY A 24 -0.92 -1.46 -8.77
C GLY A 24 -0.98 -2.98 -8.65
N VAL A 25 -1.37 -3.49 -7.47
CA VAL A 25 -1.47 -4.90 -7.21
C VAL A 25 -2.47 -5.56 -8.18
N ARG A 26 -3.70 -5.05 -8.29
CA ARG A 26 -4.66 -5.65 -9.21
C ARG A 26 -4.21 -5.53 -10.68
N LYS A 27 -3.54 -4.42 -11.02
CA LYS A 27 -3.07 -4.15 -12.38
C LYS A 27 -1.97 -5.10 -12.83
N TYR A 28 -0.94 -5.32 -11.99
CA TYR A 28 0.23 -6.13 -12.36
C TYR A 28 0.32 -7.49 -11.65
N GLY A 29 -0.25 -7.60 -10.46
CA GLY A 29 -0.24 -8.80 -9.63
C GLY A 29 0.57 -8.52 -8.36
N GLU A 30 0.98 -9.58 -7.66
CA GLU A 30 1.78 -9.49 -6.44
C GLU A 30 3.27 -9.44 -6.80
N GLY A 31 4.12 -9.23 -5.78
CA GLY A 31 5.58 -9.21 -5.87
C GLY A 31 6.19 -8.48 -7.06
N ASN A 32 5.84 -7.20 -7.27
CA ASN A 32 6.40 -6.36 -8.33
C ASN A 32 6.41 -4.91 -7.84
N TRP A 33 6.87 -4.75 -6.61
CA TRP A 33 6.97 -3.49 -5.89
C TRP A 33 7.68 -2.41 -6.70
N SER A 34 8.74 -2.78 -7.43
CA SER A 34 9.50 -1.87 -8.27
C SER A 34 8.58 -1.24 -9.33
N LYS A 35 7.76 -2.05 -10.00
CA LYS A 35 6.83 -1.59 -11.01
C LYS A 35 5.74 -0.74 -10.35
N ILE A 36 5.14 -1.24 -9.27
CA ILE A 36 4.11 -0.49 -8.56
C ILE A 36 4.64 0.92 -8.22
N LEU A 37 5.84 0.99 -7.64
CA LEU A 37 6.49 2.23 -7.27
C LEU A 37 6.80 3.12 -8.48
N LEU A 38 7.31 2.54 -9.57
CA LEU A 38 7.67 3.29 -10.78
C LEU A 38 6.44 3.92 -11.45
N HIS A 39 5.39 3.14 -11.64
CA HIS A 39 4.19 3.56 -12.35
C HIS A 39 3.21 4.37 -11.50
N TYR A 40 2.97 3.97 -10.24
CA TYR A 40 2.03 4.68 -9.37
C TYR A 40 2.74 5.65 -8.43
N LYS A 41 2.01 6.67 -7.97
CA LYS A 41 2.50 7.72 -7.10
C LYS A 41 2.61 7.25 -5.64
N PHE A 42 3.65 7.73 -4.95
CA PHE A 42 3.94 7.46 -3.54
C PHE A 42 4.82 8.60 -3.02
N ASN A 43 4.68 8.96 -1.75
CA ASN A 43 5.46 10.05 -1.16
C ASN A 43 6.85 9.55 -0.76
N ASN A 44 6.89 8.50 0.07
CA ASN A 44 8.12 7.89 0.56
C ASN A 44 7.80 6.47 1.00
N ARG A 45 7.57 5.58 0.04
CA ARG A 45 7.24 4.18 0.28
C ARG A 45 8.18 3.31 -0.55
N THR A 46 9.16 2.70 0.11
CA THR A 46 10.15 1.83 -0.52
C THR A 46 9.55 0.47 -0.86
N SER A 47 10.33 -0.39 -1.51
CA SER A 47 9.91 -1.75 -1.84
C SER A 47 9.51 -2.47 -0.55
N VAL A 48 10.32 -2.28 0.51
CA VAL A 48 10.08 -2.86 1.82
C VAL A 48 8.74 -2.36 2.36
N MET A 49 8.52 -1.04 2.37
CA MET A 49 7.28 -0.45 2.85
C MET A 49 6.07 -1.01 2.10
N LEU A 50 6.12 -1.02 0.76
CA LEU A 50 5.05 -1.53 -0.11
C LEU A 50 4.74 -2.99 0.24
N LYS A 51 5.77 -3.84 0.24
CA LYS A 51 5.66 -5.25 0.53
C LYS A 51 5.03 -5.49 1.91
N ASP A 52 5.63 -4.89 2.95
CA ASP A 52 5.19 -5.01 4.32
C ASP A 52 3.74 -4.58 4.48
N ARG A 53 3.44 -3.33 4.11
CA ARG A 53 2.11 -2.76 4.21
C ARG A 53 1.07 -3.62 3.49
N TRP A 54 1.35 -4.07 2.26
CA TRP A 54 0.40 -4.90 1.54
C TRP A 54 0.19 -6.22 2.27
N ARG A 55 1.28 -6.87 2.70
CA ARG A 55 1.20 -8.13 3.43
C ARG A 55 0.32 -7.99 4.67
N THR A 56 0.54 -6.91 5.45
CA THR A 56 -0.21 -6.64 6.66
C THR A 56 -1.72 -6.52 6.40
N MET A 57 -2.13 -5.67 5.44
CA MET A 57 -3.55 -5.47 5.15
C MET A 57 -4.18 -6.69 4.45
N LYS A 58 -3.41 -7.40 3.62
CA LYS A 58 -3.89 -8.58 2.91
C LYS A 58 -4.27 -9.74 3.84
N LYS A 59 -3.84 -9.74 5.11
CA LYS A 59 -4.19 -10.83 6.03
C LYS A 59 -5.71 -11.04 6.04
N LEU A 60 -6.47 -10.02 6.42
CA LEU A 60 -7.93 -10.02 6.46
C LEU A 60 -8.42 -8.65 6.94
N LYS A 61 -7.96 -7.55 6.30
CA LYS A 61 -8.34 -6.20 6.68
C LYS A 61 -9.11 -5.51 5.56
N LEU A 62 -8.41 -4.78 4.68
CA LEU A 62 -9.02 -4.01 3.59
C LEU A 62 -9.29 -4.87 2.35
N ILE A 63 -8.45 -5.89 2.11
CA ILE A 63 -8.58 -6.75 0.94
C ILE A 63 -9.96 -7.41 0.90
N SER A 64 -10.49 -7.55 -0.32
CA SER A 64 -11.77 -8.19 -0.59
C SER A 64 -11.46 -9.64 -0.95
N SER A 65 -12.22 -10.58 -0.38
CA SER A 65 -12.06 -12.02 -0.55
C SER A 65 -11.07 -12.54 0.50
N ASP A 66 -10.26 -13.54 0.15
CA ASP A 66 -9.29 -14.18 1.03
C ASP A 66 -10.03 -14.74 2.25
N SER A 67 -11.17 -15.38 1.99
CA SER A 67 -12.14 -16.01 2.89
C SER A 67 -13.50 -15.33 2.66
N GLU A 68 -14.55 -16.14 2.49
CA GLU A 68 -15.91 -15.65 2.30
C GLU A 68 -16.48 -15.34 3.69
N ASP A 69 -15.92 -14.29 4.31
CA ASP A 69 -16.22 -13.82 5.66
C ASP A 69 -15.68 -14.83 6.67
N GLU A 3 -7.87 15.88 15.59
CA GLU A 3 -8.07 15.03 14.40
C GLU A 3 -7.81 13.58 14.77
N LYS A 4 -8.66 12.67 14.27
CA LYS A 4 -8.55 11.24 14.51
C LYS A 4 -9.35 10.52 13.42
N HIS A 5 -8.69 9.67 12.63
CA HIS A 5 -9.33 8.89 11.58
C HIS A 5 -10.06 7.73 12.26
N ARG A 6 -9.39 6.57 12.36
CA ARG A 6 -9.87 5.35 12.98
C ARG A 6 -8.65 4.59 13.49
N ALA A 7 -7.82 4.10 12.57
CA ALA A 7 -6.60 3.35 12.88
C ALA A 7 -5.49 3.54 11.85
N ARG A 8 -5.77 4.11 10.67
CA ARG A 8 -4.75 4.33 9.64
C ARG A 8 -3.75 5.43 10.04
N LYS A 9 -4.12 6.26 11.02
CA LYS A 9 -3.32 7.37 11.55
C LYS A 9 -2.16 6.78 12.38
N ARG A 10 -1.12 6.30 11.70
CA ARG A 10 0.07 5.71 12.32
C ARG A 10 1.32 6.49 11.91
N GLN A 11 1.62 6.51 10.61
CA GLN A 11 2.78 7.21 10.05
C GLN A 11 2.39 7.85 8.73
N ALA A 12 2.39 7.05 7.65
CA ALA A 12 2.04 7.48 6.31
C ALA A 12 0.90 6.61 5.79
N TRP A 13 0.80 6.46 4.47
CA TRP A 13 -0.21 5.67 3.79
C TRP A 13 -1.56 6.35 3.82
N LEU A 14 -1.65 7.45 3.08
CA LEU A 14 -2.85 8.25 2.92
C LEU A 14 -3.82 7.51 2.00
N TRP A 15 -5.03 8.08 1.83
CA TRP A 15 -6.09 7.54 1.00
C TRP A 15 -5.57 7.21 -0.40
N GLU A 16 -4.88 8.17 -1.02
CA GLU A 16 -4.32 8.06 -2.35
C GLU A 16 -3.26 6.96 -2.44
N GLU A 17 -2.40 6.83 -1.42
CA GLU A 17 -1.35 5.83 -1.38
C GLU A 17 -1.95 4.43 -1.31
N ASP A 18 -2.89 4.18 -0.39
CA ASP A 18 -3.54 2.88 -0.27
C ASP A 18 -4.27 2.54 -1.57
N LYS A 19 -5.00 3.50 -2.14
CA LYS A 19 -5.70 3.31 -3.40
C LYS A 19 -4.69 2.95 -4.50
N ASN A 20 -3.59 3.70 -4.60
CA ASN A 20 -2.53 3.46 -5.57
C ASN A 20 -1.93 2.07 -5.40
N LEU A 21 -1.70 1.65 -4.15
CA LEU A 21 -1.13 0.37 -3.80
C LEU A 21 -2.03 -0.75 -4.32
N ARG A 22 -3.32 -0.71 -3.94
CA ARG A 22 -4.31 -1.69 -4.35
C ARG A 22 -4.37 -1.78 -5.87
N SER A 23 -4.50 -0.63 -6.54
CA SER A 23 -4.55 -0.55 -7.98
C SER A 23 -3.30 -1.16 -8.60
N GLY A 24 -2.12 -0.85 -8.04
CA GLY A 24 -0.84 -1.34 -8.50
C GLY A 24 -0.77 -2.86 -8.44
N VAL A 25 -1.06 -3.44 -7.27
CA VAL A 25 -1.03 -4.89 -7.08
C VAL A 25 -1.95 -5.56 -8.10
N ARG A 26 -3.16 -5.05 -8.29
CA ARG A 26 -4.09 -5.62 -9.27
C ARG A 26 -3.57 -5.43 -10.70
N LYS A 27 -2.92 -4.31 -11.00
CA LYS A 27 -2.41 -3.99 -12.33
C LYS A 27 -1.22 -4.84 -12.77
N TYR A 28 -0.25 -5.09 -11.90
CA TYR A 28 0.98 -5.82 -12.26
C TYR A 28 1.15 -7.17 -11.58
N GLY A 29 0.43 -7.42 -10.47
CA GLY A 29 0.52 -8.67 -9.73
C GLY A 29 1.46 -8.52 -8.53
N GLU A 30 1.03 -9.01 -7.36
CA GLU A 30 1.77 -8.95 -6.12
C GLU A 30 3.16 -9.55 -6.33
N GLY A 31 4.20 -8.72 -6.14
CA GLY A 31 5.59 -9.09 -6.35
C GLY A 31 6.29 -8.03 -7.20
N ASN A 32 5.57 -7.45 -8.17
CA ASN A 32 6.08 -6.43 -9.08
C ASN A 32 6.10 -5.05 -8.40
N TRP A 33 6.67 -5.00 -7.20
CA TRP A 33 6.77 -3.81 -6.37
C TRP A 33 7.52 -2.69 -7.08
N SER A 34 8.58 -3.02 -7.83
CA SER A 34 9.35 -2.04 -8.57
C SER A 34 8.44 -1.28 -9.54
N LYS A 35 7.68 -2.02 -10.36
CA LYS A 35 6.76 -1.42 -11.32
C LYS A 35 5.69 -0.59 -10.62
N ILE A 36 5.11 -1.11 -9.52
CA ILE A 36 4.11 -0.38 -8.76
C ILE A 36 4.69 0.96 -8.30
N LEU A 37 5.82 0.90 -7.58
CA LEU A 37 6.54 2.05 -7.05
C LEU A 37 6.85 3.08 -8.14
N LEU A 38 7.35 2.62 -9.29
CA LEU A 38 7.73 3.48 -10.41
C LEU A 38 6.52 4.17 -11.05
N HIS A 39 5.52 3.38 -11.42
CA HIS A 39 4.35 3.86 -12.15
C HIS A 39 3.40 4.68 -11.27
N TYR A 40 3.06 4.19 -10.08
CA TYR A 40 2.16 4.88 -9.17
C TYR A 40 2.94 5.81 -8.24
N LYS A 41 2.23 6.78 -7.65
CA LYS A 41 2.82 7.78 -6.76
C LYS A 41 2.70 7.32 -5.31
N PHE A 42 3.77 7.56 -4.53
CA PHE A 42 3.87 7.22 -3.12
C PHE A 42 4.83 8.23 -2.49
N ASN A 43 4.62 8.60 -1.22
CA ASN A 43 5.47 9.55 -0.52
C ASN A 43 6.75 8.88 -0.05
N ASN A 44 7.60 8.50 -1.01
CA ASN A 44 8.89 7.84 -0.80
C ASN A 44 8.74 6.59 0.07
N ARG A 45 7.88 5.65 -0.37
CA ARG A 45 7.64 4.39 0.32
C ARG A 45 8.37 3.31 -0.48
N THR A 46 9.34 2.65 0.15
CA THR A 46 10.17 1.62 -0.47
C THR A 46 9.37 0.38 -0.85
N SER A 47 9.89 -0.42 -1.79
CA SER A 47 9.28 -1.68 -2.21
C SER A 47 9.01 -2.58 -1.00
N VAL A 48 9.94 -2.56 -0.04
CA VAL A 48 9.84 -3.31 1.20
C VAL A 48 8.62 -2.80 1.97
N MET A 49 8.48 -1.48 2.10
CA MET A 49 7.34 -0.88 2.79
C MET A 49 6.03 -1.25 2.07
N LEU A 50 6.00 -1.21 0.74
CA LEU A 50 4.83 -1.57 -0.05
C LEU A 50 4.42 -3.00 0.33
N LYS A 51 5.36 -3.94 0.23
CA LYS A 51 5.14 -5.34 0.56
C LYS A 51 4.64 -5.51 1.99
N ASP A 52 5.30 -4.87 2.97
CA ASP A 52 4.94 -4.95 4.38
C ASP A 52 3.50 -4.47 4.61
N ARG A 53 3.22 -3.23 4.21
CA ARG A 53 1.92 -2.61 4.36
C ARG A 53 0.84 -3.51 3.76
N TRP A 54 1.05 -3.92 2.51
CA TRP A 54 0.12 -4.78 1.79
C TRP A 54 -0.12 -6.12 2.50
N ARG A 55 0.95 -6.89 2.75
CA ARG A 55 0.82 -8.18 3.40
C ARG A 55 0.16 -8.06 4.77
N THR A 56 0.39 -6.96 5.49
CA THR A 56 -0.21 -6.75 6.79
C THR A 56 -1.74 -6.70 6.66
N MET A 57 -2.27 -5.81 5.81
CA MET A 57 -3.72 -5.74 5.63
C MET A 57 -4.28 -7.04 5.04
N LYS A 58 -3.51 -7.71 4.16
CA LYS A 58 -3.95 -8.96 3.55
C LYS A 58 -4.16 -10.07 4.58
N LYS A 59 -3.56 -9.98 5.78
CA LYS A 59 -3.71 -11.01 6.82
C LYS A 59 -5.19 -11.35 7.01
N LEU A 60 -5.97 -10.37 7.49
CA LEU A 60 -7.40 -10.51 7.71
C LEU A 60 -8.02 -9.14 8.02
N LYS A 61 -7.50 -8.05 7.43
CA LYS A 61 -8.02 -6.72 7.69
C LYS A 61 -9.23 -6.46 6.79
N LEU A 62 -9.08 -6.71 5.48
CA LEU A 62 -10.14 -6.50 4.51
C LEU A 62 -9.82 -7.18 3.18
N ILE A 63 -8.64 -6.86 2.62
CA ILE A 63 -8.22 -7.38 1.33
C ILE A 63 -7.90 -8.87 1.37
N SER A 64 -8.88 -9.71 1.00
CA SER A 64 -8.74 -11.15 0.95
C SER A 64 -7.80 -11.56 -0.20
N SER A 65 -7.72 -10.73 -1.26
CA SER A 65 -6.93 -10.92 -2.46
C SER A 65 -7.44 -12.12 -3.25
N ASP A 66 -6.85 -13.30 -3.04
CA ASP A 66 -7.25 -14.54 -3.68
C ASP A 66 -6.75 -15.71 -2.83
N SER A 67 -7.39 -16.87 -3.02
CA SER A 67 -7.14 -18.14 -2.34
C SER A 67 -6.63 -17.97 -0.90
N GLU A 68 -5.36 -18.33 -0.69
CA GLU A 68 -4.54 -18.31 0.51
C GLU A 68 -3.32 -19.17 0.22
N ASP A 69 -3.56 -20.32 -0.43
CA ASP A 69 -2.58 -21.29 -0.89
C ASP A 69 -2.18 -20.98 -2.33
N GLU A 3 -8.23 27.47 0.67
CA GLU A 3 -7.59 26.55 1.62
C GLU A 3 -8.55 25.40 1.95
N LYS A 4 -7.99 24.22 2.27
CA LYS A 4 -8.75 23.02 2.63
C LYS A 4 -8.10 22.38 3.84
N HIS A 5 -6.89 21.84 3.67
CA HIS A 5 -6.08 21.22 4.71
C HIS A 5 -4.74 21.96 4.66
N ARG A 6 -4.33 22.58 5.77
CA ARG A 6 -3.09 23.35 5.84
C ARG A 6 -1.89 22.59 5.28
N ALA A 7 -1.78 21.30 5.60
CA ALA A 7 -0.72 20.42 5.12
C ALA A 7 -1.18 18.98 5.35
N ARG A 8 -0.73 18.05 4.50
CA ARG A 8 -1.07 16.63 4.64
C ARG A 8 -0.44 16.09 5.93
N LYS A 9 -0.87 14.90 6.34
CA LYS A 9 -0.37 14.26 7.55
C LYS A 9 1.15 14.06 7.50
N ARG A 10 1.69 13.77 6.30
CA ARG A 10 3.12 13.58 6.03
C ARG A 10 3.62 12.26 6.61
N GLN A 11 4.26 11.42 5.77
CA GLN A 11 4.81 10.12 6.12
C GLN A 11 3.72 9.06 6.34
N ALA A 12 2.68 9.36 7.12
CA ALA A 12 1.58 8.44 7.35
C ALA A 12 0.94 8.07 6.00
N TRP A 13 0.43 6.85 5.88
CA TRP A 13 -0.18 6.39 4.63
C TRP A 13 -1.45 7.17 4.31
N LEU A 14 -1.52 7.68 3.07
CA LEU A 14 -2.64 8.46 2.58
C LEU A 14 -3.58 7.57 1.76
N TRP A 15 -4.84 8.01 1.63
CA TRP A 15 -5.87 7.33 0.84
C TRP A 15 -5.42 7.19 -0.62
N GLU A 16 -4.65 8.17 -1.10
CA GLU A 16 -4.11 8.23 -2.44
C GLU A 16 -3.16 7.04 -2.65
N GLU A 17 -2.23 6.87 -1.70
CA GLU A 17 -1.22 5.82 -1.71
C GLU A 17 -1.85 4.45 -1.56
N ASP A 18 -2.75 4.28 -0.57
CA ASP A 18 -3.44 3.01 -0.34
C ASP A 18 -4.11 2.56 -1.64
N LYS A 19 -4.83 3.48 -2.28
CA LYS A 19 -5.51 3.22 -3.54
C LYS A 19 -4.50 2.84 -4.62
N ASN A 20 -3.40 3.60 -4.75
CA ASN A 20 -2.35 3.34 -5.73
C ASN A 20 -1.82 1.91 -5.55
N LEU A 21 -1.56 1.48 -4.32
CA LEU A 21 -1.05 0.16 -4.00
C LEU A 21 -2.07 -0.91 -4.38
N ARG A 22 -3.32 -0.75 -3.93
CA ARG A 22 -4.41 -1.67 -4.21
C ARG A 22 -4.52 -1.90 -5.72
N SER A 23 -4.65 -0.80 -6.47
CA SER A 23 -4.72 -0.81 -7.93
C SER A 23 -3.46 -1.44 -8.51
N GLY A 24 -2.30 -1.12 -7.92
CA GLY A 24 -0.99 -1.62 -8.31
C GLY A 24 -0.99 -3.15 -8.31
N VAL A 25 -1.37 -3.77 -7.20
CA VAL A 25 -1.41 -5.22 -7.08
C VAL A 25 -2.44 -5.78 -8.07
N ARG A 26 -3.61 -5.17 -8.20
CA ARG A 26 -4.63 -5.64 -9.13
C ARG A 26 -4.09 -5.71 -10.56
N LYS A 27 -3.33 -4.68 -10.98
CA LYS A 27 -2.76 -4.58 -12.31
C LYS A 27 -1.50 -5.41 -12.54
N TYR A 28 -0.47 -5.19 -11.73
CA TYR A 28 0.85 -5.80 -11.88
C TYR A 28 1.15 -6.96 -10.93
N GLY A 29 0.25 -7.27 -9.99
CA GLY A 29 0.45 -8.36 -9.05
C GLY A 29 1.48 -8.02 -7.96
N GLU A 30 1.64 -8.93 -7.00
CA GLU A 30 2.60 -8.78 -5.92
C GLU A 30 4.01 -8.98 -6.47
N GLY A 31 5.04 -8.66 -5.66
CA GLY A 31 6.42 -8.78 -6.08
C GLY A 31 6.86 -7.59 -6.93
N ASN A 32 6.00 -7.15 -7.85
CA ASN A 32 6.19 -6.04 -8.78
C ASN A 32 6.07 -4.68 -8.06
N TRP A 33 6.68 -4.55 -6.88
CA TRP A 33 6.65 -3.35 -6.06
C TRP A 33 7.36 -2.19 -6.74
N SER A 34 8.55 -2.44 -7.30
CA SER A 34 9.32 -1.42 -8.01
C SER A 34 8.50 -0.85 -9.16
N LYS A 35 7.82 -1.73 -9.91
CA LYS A 35 6.98 -1.34 -11.02
C LYS A 35 5.82 -0.49 -10.50
N ILE A 36 5.07 -0.97 -9.50
CA ILE A 36 3.96 -0.25 -8.89
C ILE A 36 4.41 1.16 -8.49
N LEU A 37 5.56 1.24 -7.81
CA LEU A 37 6.17 2.49 -7.36
C LEU A 37 6.42 3.44 -8.53
N LEU A 38 6.92 2.90 -9.65
CA LEU A 38 7.22 3.67 -10.85
C LEU A 38 5.94 4.15 -11.55
N HIS A 39 4.95 3.26 -11.69
CA HIS A 39 3.67 3.55 -12.34
C HIS A 39 2.91 4.64 -11.59
N TYR A 40 2.76 4.48 -10.28
CA TYR A 40 2.05 5.42 -9.42
C TYR A 40 3.02 6.37 -8.72
N LYS A 41 2.62 6.90 -7.55
CA LYS A 41 3.39 7.83 -6.74
C LYS A 41 3.16 7.47 -5.29
N PHE A 42 4.20 7.64 -4.46
CA PHE A 42 4.18 7.34 -3.04
C PHE A 42 5.21 8.24 -2.34
N ASN A 43 4.96 8.61 -1.08
CA ASN A 43 5.85 9.44 -0.27
C ASN A 43 7.00 8.60 0.27
N ASN A 44 7.90 8.17 -0.63
CA ASN A 44 9.09 7.37 -0.34
C ASN A 44 8.75 6.02 0.30
N ARG A 45 7.97 5.20 -0.41
CA ARG A 45 7.58 3.87 0.04
C ARG A 45 8.48 2.86 -0.67
N THR A 46 9.40 2.25 0.08
CA THR A 46 10.33 1.25 -0.43
C THR A 46 9.58 -0.01 -0.87
N SER A 47 10.27 -0.90 -1.61
CA SER A 47 9.71 -2.18 -2.02
C SER A 47 9.21 -2.93 -0.79
N VAL A 48 10.02 -2.90 0.27
CA VAL A 48 9.73 -3.52 1.56
C VAL A 48 8.46 -2.89 2.15
N MET A 49 8.36 -1.56 2.17
CA MET A 49 7.19 -0.88 2.73
C MET A 49 5.92 -1.23 1.95
N LEU A 50 5.97 -1.18 0.62
CA LEU A 50 4.84 -1.51 -0.25
C LEU A 50 4.38 -2.94 0.04
N LYS A 51 5.33 -3.87 0.04
CA LYS A 51 5.10 -5.28 0.31
C LYS A 51 4.46 -5.46 1.69
N ASP A 52 5.04 -4.85 2.72
CA ASP A 52 4.55 -4.96 4.09
C ASP A 52 3.15 -4.39 4.25
N ARG A 53 2.87 -3.26 3.59
CA ARG A 53 1.57 -2.62 3.64
C ARG A 53 0.50 -3.59 3.12
N TRP A 54 0.74 -4.19 1.95
CA TRP A 54 -0.20 -5.13 1.34
C TRP A 54 -0.30 -6.40 2.19
N ARG A 55 0.86 -6.92 2.62
CA ARG A 55 0.99 -8.11 3.46
C ARG A 55 0.05 -7.97 4.66
N THR A 56 0.19 -6.87 5.40
CA THR A 56 -0.63 -6.58 6.57
C THR A 56 -2.11 -6.61 6.22
N MET A 57 -2.50 -5.97 5.11
CA MET A 57 -3.88 -5.93 4.65
C MET A 57 -4.46 -7.34 4.46
N LYS A 58 -3.71 -8.21 3.78
CA LYS A 58 -4.14 -9.58 3.52
C LYS A 58 -4.14 -10.40 4.83
N LYS A 59 -3.14 -10.19 5.70
CA LYS A 59 -2.99 -10.87 6.99
C LYS A 59 -4.21 -10.57 7.87
N LEU A 60 -4.62 -9.29 7.93
CA LEU A 60 -5.77 -8.84 8.68
C LEU A 60 -7.01 -9.63 8.24
N LYS A 61 -7.04 -9.96 6.93
CA LYS A 61 -8.09 -10.71 6.25
C LYS A 61 -9.20 -9.76 5.83
N LEU A 62 -8.83 -8.56 5.42
CA LEU A 62 -9.75 -7.53 4.96
C LEU A 62 -9.87 -7.71 3.43
N ILE A 63 -8.73 -7.73 2.73
CA ILE A 63 -8.66 -7.94 1.31
C ILE A 63 -7.43 -8.79 0.96
N SER A 64 -7.66 -9.95 0.33
CA SER A 64 -6.64 -10.88 -0.11
C SER A 64 -7.03 -11.32 -1.53
N SER A 65 -7.29 -10.33 -2.38
CA SER A 65 -7.73 -10.48 -3.78
C SER A 65 -9.13 -11.12 -3.91
N ASP A 66 -9.83 -11.31 -2.78
CA ASP A 66 -11.17 -11.89 -2.69
C ASP A 66 -11.24 -13.25 -3.39
N SER A 67 -12.39 -13.57 -3.98
CA SER A 67 -12.67 -14.82 -4.68
C SER A 67 -12.22 -14.67 -6.13
N GLU A 68 -13.00 -13.93 -6.92
CA GLU A 68 -12.76 -13.67 -8.33
C GLU A 68 -12.63 -14.96 -9.12
N ASP A 69 -13.68 -15.79 -9.06
CA ASP A 69 -13.79 -17.07 -9.73
C ASP A 69 -15.28 -17.40 -9.85
N GLU A 3 6.22 3.55 30.53
CA GLU A 3 5.67 2.30 30.00
C GLU A 3 5.85 2.21 28.48
N LYS A 4 5.07 3.01 27.73
CA LYS A 4 5.10 3.03 26.27
C LYS A 4 6.37 3.69 25.73
N HIS A 5 7.46 2.92 25.69
CA HIS A 5 8.77 3.33 25.20
C HIS A 5 9.14 2.48 23.99
N ARG A 6 8.37 2.63 22.90
CA ARG A 6 8.57 1.87 21.67
C ARG A 6 8.11 2.69 20.46
N ALA A 7 8.54 3.95 20.38
CA ALA A 7 8.21 4.84 19.28
C ALA A 7 8.99 4.42 18.04
N ARG A 8 8.32 4.44 16.87
CA ARG A 8 8.89 4.07 15.59
C ARG A 8 8.28 4.97 14.51
N LYS A 9 8.92 5.04 13.33
CA LYS A 9 8.48 5.86 12.21
C LYS A 9 7.25 5.31 11.48
N ARG A 10 6.32 4.68 12.19
CA ARG A 10 5.09 4.12 11.64
C ARG A 10 4.04 5.23 11.60
N GLN A 11 4.31 6.28 10.81
CA GLN A 11 3.43 7.44 10.68
C GLN A 11 2.27 7.18 9.70
N ALA A 12 1.65 6.01 9.82
CA ALA A 12 0.51 5.57 9.02
C ALA A 12 0.74 5.61 7.50
N TRP A 13 -0.33 5.36 6.74
CA TRP A 13 -0.39 5.36 5.29
C TRP A 13 -1.69 6.07 4.92
N LEU A 14 -1.63 7.00 3.96
CA LEU A 14 -2.79 7.77 3.53
C LEU A 14 -3.67 6.97 2.56
N TRP A 15 -4.92 7.41 2.44
CA TRP A 15 -5.95 6.87 1.57
C TRP A 15 -5.44 6.76 0.13
N GLU A 16 -4.81 7.83 -0.36
CA GLU A 16 -4.24 7.91 -1.69
C GLU A 16 -3.23 6.79 -1.91
N GLU A 17 -2.30 6.62 -0.97
CA GLU A 17 -1.27 5.58 -1.03
C GLU A 17 -1.94 4.20 -1.14
N ASP A 18 -2.87 3.88 -0.23
CA ASP A 18 -3.59 2.62 -0.24
C ASP A 18 -4.20 2.36 -1.62
N LYS A 19 -4.87 3.36 -2.20
CA LYS A 19 -5.50 3.25 -3.51
C LYS A 19 -4.46 3.00 -4.61
N ASN A 20 -3.37 3.77 -4.61
CA ASN A 20 -2.28 3.65 -5.58
C ASN A 20 -1.73 2.22 -5.56
N LEU A 21 -1.39 1.74 -4.36
CA LEU A 21 -0.85 0.40 -4.12
C LEU A 21 -1.85 -0.65 -4.61
N ARG A 22 -3.10 -0.59 -4.13
CA ARG A 22 -4.15 -1.53 -4.47
C ARG A 22 -4.32 -1.66 -5.99
N SER A 23 -4.47 -0.53 -6.69
CA SER A 23 -4.62 -0.52 -8.13
C SER A 23 -3.37 -1.13 -8.80
N GLY A 24 -2.20 -0.81 -8.27
CA GLY A 24 -0.92 -1.34 -8.74
C GLY A 24 -0.93 -2.87 -8.67
N VAL A 25 -1.24 -3.43 -7.50
CA VAL A 25 -1.30 -4.88 -7.31
C VAL A 25 -2.38 -5.49 -8.21
N ARG A 26 -3.55 -4.85 -8.33
CA ARG A 26 -4.62 -5.37 -9.17
C ARG A 26 -4.12 -5.62 -10.61
N LYS A 27 -3.37 -4.66 -11.17
CA LYS A 27 -2.87 -4.77 -12.52
C LYS A 27 -1.59 -5.61 -12.65
N TYR A 28 -0.54 -5.22 -11.93
CA TYR A 28 0.79 -5.82 -12.01
C TYR A 28 1.01 -7.05 -11.12
N GLY A 29 0.09 -7.33 -10.19
CA GLY A 29 0.19 -8.46 -9.29
C GLY A 29 1.17 -8.17 -8.14
N GLU A 30 1.18 -9.06 -7.14
CA GLU A 30 2.07 -8.95 -5.99
C GLU A 30 3.50 -9.24 -6.45
N GLY A 31 4.49 -9.01 -5.59
CA GLY A 31 5.89 -9.24 -5.92
C GLY A 31 6.48 -8.11 -6.77
N ASN A 32 5.71 -7.61 -7.75
CA ASN A 32 6.08 -6.54 -8.68
C ASN A 32 6.03 -5.17 -8.00
N TRP A 33 6.62 -5.06 -6.80
CA TRP A 33 6.68 -3.84 -6.01
C TRP A 33 7.43 -2.75 -6.77
N SER A 34 8.51 -3.13 -7.48
CA SER A 34 9.31 -2.21 -8.28
C SER A 34 8.42 -1.52 -9.32
N LYS A 35 7.63 -2.30 -10.07
CA LYS A 35 6.73 -1.76 -11.07
C LYS A 35 5.75 -0.80 -10.41
N ILE A 36 5.10 -1.24 -9.32
CA ILE A 36 4.15 -0.40 -8.59
C ILE A 36 4.80 0.95 -8.23
N LEU A 37 5.98 0.91 -7.62
CA LEU A 37 6.74 2.09 -7.21
C LEU A 37 7.02 3.02 -8.40
N LEU A 38 7.39 2.44 -9.56
CA LEU A 38 7.70 3.23 -10.74
C LEU A 38 6.46 3.88 -11.35
N HIS A 39 5.43 3.08 -11.65
CA HIS A 39 4.19 3.57 -12.26
C HIS A 39 3.45 4.52 -11.32
N TYR A 40 3.18 4.07 -10.10
CA TYR A 40 2.48 4.84 -9.08
C TYR A 40 3.48 5.53 -8.17
N LYS A 41 3.42 6.86 -8.12
CA LYS A 41 4.30 7.67 -7.30
C LYS A 41 3.72 7.67 -5.89
N PHE A 42 4.61 7.70 -4.88
CA PHE A 42 4.24 7.70 -3.47
C PHE A 42 5.01 8.76 -2.71
N ASN A 43 4.50 9.11 -1.53
CA ASN A 43 5.07 10.08 -0.60
C ASN A 43 6.24 9.47 0.17
N ASN A 44 7.31 9.13 -0.57
CA ASN A 44 8.53 8.53 -0.05
C ASN A 44 8.26 7.13 0.50
N ARG A 45 8.29 6.14 -0.39
CA ARG A 45 8.08 4.73 -0.09
C ARG A 45 9.13 3.89 -0.81
N THR A 46 9.10 2.58 -0.60
CA THR A 46 10.03 1.60 -1.16
C THR A 46 9.31 0.28 -1.42
N SER A 47 10.00 -0.68 -2.04
CA SER A 47 9.48 -2.00 -2.30
C SER A 47 9.11 -2.67 -0.96
N VAL A 48 9.91 -2.41 0.08
CA VAL A 48 9.71 -2.92 1.41
C VAL A 48 8.39 -2.38 1.96
N MET A 49 8.20 -1.06 1.92
CA MET A 49 6.98 -0.43 2.41
C MET A 49 5.75 -0.97 1.65
N LEU A 50 5.84 -1.07 0.32
CA LEU A 50 4.75 -1.58 -0.51
C LEU A 50 4.38 -3.01 -0.07
N LYS A 51 5.39 -3.88 0.00
CA LYS A 51 5.25 -5.27 0.39
C LYS A 51 4.59 -5.38 1.77
N ASP A 52 5.17 -4.71 2.78
CA ASP A 52 4.68 -4.72 4.15
C ASP A 52 3.25 -4.21 4.23
N ARG A 53 2.97 -3.06 3.61
CA ARG A 53 1.64 -2.47 3.62
C ARG A 53 0.62 -3.44 3.06
N TRP A 54 0.89 -4.01 1.88
CA TRP A 54 -0.03 -4.95 1.26
C TRP A 54 -0.20 -6.17 2.16
N ARG A 55 0.92 -6.69 2.70
CA ARG A 55 0.90 -7.84 3.60
C ARG A 55 -0.03 -7.55 4.77
N THR A 56 0.00 -6.32 5.31
CA THR A 56 -0.88 -5.91 6.40
C THR A 56 -2.35 -6.04 5.99
N MET A 57 -2.68 -5.79 4.71
CA MET A 57 -4.04 -5.96 4.24
C MET A 57 -4.39 -7.46 4.24
N LYS A 58 -3.49 -8.26 3.63
CA LYS A 58 -3.64 -9.71 3.53
C LYS A 58 -3.79 -10.38 4.90
N LYS A 59 -3.09 -9.88 5.93
CA LYS A 59 -3.12 -10.41 7.28
C LYS A 59 -4.56 -10.58 7.79
N LEU A 60 -5.31 -9.48 7.94
CA LEU A 60 -6.68 -9.57 8.43
C LEU A 60 -7.47 -8.27 8.20
N LYS A 61 -7.32 -7.61 7.05
CA LYS A 61 -8.08 -6.39 6.77
C LYS A 61 -9.36 -6.80 6.05
N LEU A 62 -9.25 -7.22 4.79
CA LEU A 62 -10.36 -7.70 3.96
C LEU A 62 -9.85 -8.25 2.62
N ILE A 63 -8.74 -8.99 2.66
CA ILE A 63 -8.13 -9.61 1.49
C ILE A 63 -7.75 -11.04 1.88
N SER A 64 -8.59 -12.01 1.49
CA SER A 64 -8.35 -13.42 1.78
C SER A 64 -7.15 -13.91 0.96
N SER A 65 -6.00 -14.07 1.63
CA SER A 65 -4.75 -14.52 1.03
C SER A 65 -4.99 -15.68 0.07
N ASP A 66 -5.65 -16.73 0.57
CA ASP A 66 -6.02 -17.89 -0.22
C ASP A 66 -7.42 -17.62 -0.77
N SER A 67 -7.59 -17.82 -2.07
CA SER A 67 -8.84 -17.65 -2.80
C SER A 67 -8.82 -18.62 -3.99
N GLU A 68 -8.20 -19.80 -3.82
CA GLU A 68 -8.09 -20.80 -4.87
C GLU A 68 -9.41 -21.55 -5.01
N ASP A 69 -9.89 -21.70 -6.25
CA ASP A 69 -11.14 -22.37 -6.60
C ASP A 69 -11.05 -22.78 -8.06
N GLU A 3 -10.80 18.77 14.65
CA GLU A 3 -10.78 19.83 15.68
C GLU A 3 -9.36 19.97 16.22
N LYS A 4 -9.14 20.94 17.13
CA LYS A 4 -7.85 21.22 17.74
C LYS A 4 -6.84 21.71 16.69
N HIS A 5 -5.55 21.74 17.04
CA HIS A 5 -4.50 22.21 16.14
C HIS A 5 -4.27 21.25 14.97
N ARG A 6 -3.52 21.71 13.97
CA ARG A 6 -3.17 20.96 12.77
C ARG A 6 -2.55 19.60 13.15
N ALA A 7 -2.86 18.56 12.37
CA ALA A 7 -2.36 17.21 12.56
C ALA A 7 -0.83 17.20 12.52
N ARG A 8 -0.22 16.43 13.44
CA ARG A 8 1.22 16.31 13.58
C ARG A 8 1.82 15.21 12.68
N LYS A 9 1.01 14.52 11.87
CA LYS A 9 1.46 13.43 11.01
C LYS A 9 0.84 13.54 9.61
N ARG A 10 1.49 12.92 8.62
CA ARG A 10 1.04 12.87 7.24
C ARG A 10 1.76 11.76 6.45
N GLN A 11 3.10 11.70 6.55
CA GLN A 11 3.95 10.74 5.84
C GLN A 11 3.62 9.25 6.03
N ALA A 12 2.66 8.91 6.88
CA ALA A 12 2.22 7.54 7.11
C ALA A 12 1.44 7.04 5.87
N TRP A 13 0.67 5.96 6.03
CA TRP A 13 -0.12 5.39 4.94
C TRP A 13 -1.43 6.16 4.76
N LEU A 14 -1.43 7.05 3.77
CA LEU A 14 -2.57 7.87 3.40
C LEU A 14 -3.46 7.12 2.42
N TRP A 15 -4.69 7.60 2.25
CA TRP A 15 -5.66 7.05 1.31
C TRP A 15 -5.03 7.01 -0.10
N GLU A 16 -4.31 8.07 -0.47
CA GLU A 16 -3.61 8.20 -1.74
C GLU A 16 -2.69 6.99 -1.95
N GLU A 17 -1.89 6.69 -0.93
CA GLU A 17 -0.93 5.60 -0.87
C GLU A 17 -1.65 4.27 -1.08
N ASP A 18 -2.67 4.01 -0.26
CA ASP A 18 -3.45 2.78 -0.32
C ASP A 18 -4.13 2.57 -1.68
N LYS A 19 -4.83 3.58 -2.19
CA LYS A 19 -5.49 3.53 -3.49
C LYS A 19 -4.45 3.11 -4.54
N ASN A 20 -3.36 3.86 -4.62
CA ASN A 20 -2.26 3.63 -5.54
C ASN A 20 -1.77 2.18 -5.43
N LEU A 21 -1.41 1.74 -4.22
CA LEU A 21 -0.92 0.40 -3.96
C LEU A 21 -1.85 -0.65 -4.56
N ARG A 22 -3.13 -0.64 -4.17
CA ARG A 22 -4.09 -1.60 -4.66
C ARG A 22 -4.26 -1.52 -6.18
N SER A 23 -4.26 -0.31 -6.76
CA SER A 23 -4.36 -0.14 -8.20
C SER A 23 -3.16 -0.82 -8.87
N GLY A 24 -1.97 -0.66 -8.29
CA GLY A 24 -0.74 -1.27 -8.78
C GLY A 24 -0.83 -2.79 -8.74
N VAL A 25 -1.21 -3.35 -7.58
CA VAL A 25 -1.36 -4.78 -7.41
C VAL A 25 -2.35 -5.33 -8.45
N ARG A 26 -3.47 -4.63 -8.66
CA ARG A 26 -4.48 -5.04 -9.63
C ARG A 26 -3.93 -4.99 -11.06
N LYS A 27 -3.25 -3.90 -11.42
CA LYS A 27 -2.72 -3.66 -12.76
C LYS A 27 -1.57 -4.57 -13.16
N TYR A 28 -0.58 -4.78 -12.29
CA TYR A 28 0.62 -5.57 -12.60
C TYR A 28 0.78 -6.86 -11.80
N GLY A 29 -0.04 -7.08 -10.77
CA GLY A 29 0.04 -8.27 -9.93
C GLY A 29 0.78 -7.95 -8.63
N GLU A 30 0.77 -8.89 -7.70
CA GLU A 30 1.43 -8.76 -6.40
C GLU A 30 2.92 -9.11 -6.54
N GLY A 31 3.72 -8.78 -5.52
CA GLY A 31 5.14 -9.09 -5.49
C GLY A 31 6.04 -8.10 -6.24
N ASN A 32 5.65 -7.66 -7.44
CA ASN A 32 6.45 -6.74 -8.25
C ASN A 32 6.35 -5.28 -7.75
N TRP A 33 6.80 -5.06 -6.52
CA TRP A 33 6.80 -3.76 -5.87
C TRP A 33 7.62 -2.73 -6.64
N SER A 34 8.67 -3.16 -7.34
CA SER A 34 9.50 -2.29 -8.16
C SER A 34 8.63 -1.71 -9.28
N LYS A 35 7.93 -2.58 -10.02
CA LYS A 35 7.04 -2.18 -11.10
C LYS A 35 6.02 -1.17 -10.57
N ILE A 36 5.31 -1.55 -9.49
CA ILE A 36 4.31 -0.69 -8.86
C ILE A 36 4.90 0.68 -8.51
N LEU A 37 6.05 0.69 -7.83
CA LEU A 37 6.73 1.91 -7.42
C LEU A 37 7.06 2.82 -8.61
N LEU A 38 7.44 2.24 -9.76
CA LEU A 38 7.78 3.00 -10.95
C LEU A 38 6.54 3.48 -11.71
N HIS A 39 5.51 2.64 -11.80
CA HIS A 39 4.28 2.95 -12.55
C HIS A 39 3.37 3.98 -11.89
N TYR A 40 3.54 4.30 -10.59
CA TYR A 40 2.68 5.26 -9.91
C TYR A 40 3.47 6.12 -8.92
N LYS A 41 2.89 7.28 -8.57
CA LYS A 41 3.48 8.24 -7.64
C LYS A 41 2.90 8.03 -6.24
N PHE A 42 3.79 7.71 -5.28
CA PHE A 42 3.47 7.53 -3.88
C PHE A 42 4.00 8.76 -3.12
N ASN A 43 3.66 8.90 -1.83
CA ASN A 43 4.12 10.01 -1.02
C ASN A 43 5.57 9.78 -0.61
N ASN A 44 5.85 8.62 -0.02
CA ASN A 44 7.19 8.22 0.41
C ASN A 44 7.14 6.74 0.75
N ARG A 45 7.29 5.88 -0.26
CA ARG A 45 7.21 4.43 -0.09
C ARG A 45 8.32 3.72 -0.88
N THR A 46 8.75 2.57 -0.36
CA THR A 46 9.80 1.71 -0.89
C THR A 46 9.25 0.31 -1.09
N SER A 47 10.02 -0.56 -1.77
CA SER A 47 9.64 -1.96 -2.00
C SER A 47 9.27 -2.61 -0.66
N VAL A 48 10.11 -2.37 0.35
CA VAL A 48 9.93 -2.89 1.70
C VAL A 48 8.59 -2.43 2.28
N MET A 49 8.33 -1.12 2.32
CA MET A 49 7.08 -0.60 2.88
C MET A 49 5.85 -1.08 2.10
N LEU A 50 5.87 -1.02 0.77
CA LEU A 50 4.77 -1.45 -0.09
C LEU A 50 4.41 -2.90 0.27
N LYS A 51 5.42 -3.78 0.23
CA LYS A 51 5.30 -5.19 0.55
C LYS A 51 4.73 -5.40 1.95
N ASP A 52 5.41 -4.85 2.97
CA ASP A 52 5.05 -5.05 4.35
C ASP A 52 3.64 -4.56 4.71
N ARG A 53 3.25 -3.40 4.19
CA ARG A 53 1.92 -2.89 4.46
C ARG A 53 0.89 -3.79 3.76
N TRP A 54 1.15 -4.23 2.52
CA TRP A 54 0.22 -5.10 1.83
C TRP A 54 0.04 -6.43 2.58
N ARG A 55 1.13 -7.14 2.93
CA ARG A 55 1.00 -8.41 3.66
C ARG A 55 0.25 -8.21 4.98
N THR A 56 0.48 -7.07 5.66
CA THR A 56 -0.21 -6.75 6.89
C THR A 56 -1.72 -6.68 6.60
N MET A 57 -2.10 -5.95 5.54
CA MET A 57 -3.50 -5.83 5.15
C MET A 57 -4.10 -7.20 4.82
N LYS A 58 -3.39 -8.01 4.03
CA LYS A 58 -3.86 -9.34 3.63
C LYS A 58 -4.30 -10.21 4.81
N LYS A 59 -3.36 -10.53 5.72
CA LYS A 59 -3.62 -11.43 6.82
C LYS A 59 -4.05 -10.76 8.13
N LEU A 60 -3.37 -9.70 8.56
CA LEU A 60 -3.65 -9.06 9.83
C LEU A 60 -4.88 -8.14 9.84
N LYS A 61 -5.32 -7.62 8.70
CA LYS A 61 -6.49 -6.73 8.65
C LYS A 61 -7.66 -7.33 7.88
N LEU A 62 -7.38 -8.11 6.83
CA LEU A 62 -8.35 -8.74 5.96
C LEU A 62 -8.91 -7.66 5.02
N ILE A 63 -8.17 -7.42 3.93
CA ILE A 63 -8.46 -6.46 2.86
C ILE A 63 -9.95 -6.22 2.68
N SER A 64 -10.42 -5.02 3.06
CA SER A 64 -11.81 -4.60 2.99
C SER A 64 -11.85 -3.13 3.41
N SER A 65 -12.30 -2.24 2.51
CA SER A 65 -12.38 -0.81 2.74
C SER A 65 -11.01 -0.28 3.19
N ASP A 66 -9.98 -0.61 2.40
CA ASP A 66 -8.59 -0.23 2.66
C ASP A 66 -8.46 1.29 2.77
N SER A 67 -9.14 2.00 1.87
CA SER A 67 -9.18 3.45 1.78
C SER A 67 -10.64 3.88 1.91
N GLU A 68 -10.95 4.67 2.94
CA GLU A 68 -12.30 5.19 3.15
C GLU A 68 -12.61 6.15 2.00
N ASP A 69 -11.65 7.01 1.68
CA ASP A 69 -11.73 7.97 0.58
C ASP A 69 -11.82 7.19 -0.73
N GLU A 3 16.63 23.44 7.21
CA GLU A 3 17.71 22.98 6.32
C GLU A 3 18.88 22.48 7.17
N LYS A 4 19.50 21.37 6.75
CA LYS A 4 20.59 20.68 7.45
C LYS A 4 19.96 19.91 8.61
N HIS A 5 19.36 20.67 9.54
CA HIS A 5 18.61 20.19 10.69
C HIS A 5 17.13 20.33 10.33
N ARG A 6 16.28 19.54 11.01
CA ARG A 6 14.84 19.52 10.81
C ARG A 6 14.46 19.17 9.36
N ALA A 7 15.34 18.47 8.64
CA ALA A 7 15.12 18.06 7.26
C ALA A 7 14.22 16.83 7.20
N ARG A 8 12.94 17.01 7.51
CA ARG A 8 11.91 15.97 7.51
C ARG A 8 10.62 16.53 6.93
N LYS A 9 9.69 15.63 6.58
CA LYS A 9 8.39 15.98 6.00
C LYS A 9 7.41 14.84 6.25
N ARG A 10 6.16 14.98 5.75
CA ARG A 10 5.12 13.98 5.89
C ARG A 10 5.58 12.64 5.33
N GLN A 11 5.31 11.57 6.08
CA GLN A 11 5.64 10.19 5.71
C GLN A 11 4.60 9.21 6.28
N ALA A 12 3.35 9.67 6.46
CA ALA A 12 2.25 8.85 6.98
C ALA A 12 1.43 8.32 5.81
N TRP A 13 1.03 7.04 5.85
CA TRP A 13 0.25 6.41 4.79
C TRP A 13 -1.11 7.08 4.62
N LEU A 14 -1.40 7.55 3.39
CA LEU A 14 -2.63 8.23 3.04
C LEU A 14 -3.60 7.33 2.26
N TRP A 15 -4.87 7.75 2.24
CA TRP A 15 -5.98 7.11 1.53
C TRP A 15 -5.66 6.94 0.05
N GLU A 16 -4.99 7.94 -0.54
CA GLU A 16 -4.58 7.92 -1.94
C GLU A 16 -3.58 6.77 -2.14
N GLU A 17 -2.62 6.63 -1.22
CA GLU A 17 -1.61 5.59 -1.27
C GLU A 17 -2.25 4.20 -1.14
N ASP A 18 -3.25 4.04 -0.27
CA ASP A 18 -3.95 2.77 -0.12
C ASP A 18 -4.56 2.35 -1.46
N LYS A 19 -5.37 3.22 -2.06
CA LYS A 19 -6.00 2.94 -3.34
C LYS A 19 -4.97 2.72 -4.45
N ASN A 20 -3.91 3.52 -4.47
CA ASN A 20 -2.82 3.45 -5.43
C ASN A 20 -2.19 2.05 -5.36
N LEU A 21 -1.77 1.63 -4.17
CA LEU A 21 -1.16 0.33 -3.92
C LEU A 21 -2.09 -0.77 -4.41
N ARG A 22 -3.36 -0.75 -3.95
CA ARG A 22 -4.39 -1.71 -4.31
C ARG A 22 -4.52 -1.81 -5.84
N SER A 23 -4.59 -0.66 -6.52
CA SER A 23 -4.69 -0.57 -7.97
C SER A 23 -3.49 -1.25 -8.62
N GLY A 24 -2.29 -0.84 -8.22
CA GLY A 24 -1.03 -1.37 -8.73
C GLY A 24 -0.95 -2.88 -8.60
N VAL A 25 -1.24 -3.41 -7.40
CA VAL A 25 -1.21 -4.84 -7.15
C VAL A 25 -2.22 -5.56 -8.05
N ARG A 26 -3.46 -5.07 -8.13
CA ARG A 26 -4.48 -5.72 -8.96
C ARG A 26 -4.08 -5.73 -10.45
N LYS A 27 -3.57 -4.60 -10.96
CA LYS A 27 -3.20 -4.44 -12.36
C LYS A 27 -1.97 -5.25 -12.76
N TYR A 28 -0.88 -5.14 -11.99
CA TYR A 28 0.39 -5.77 -12.31
C TYR A 28 0.56 -7.14 -11.68
N GLY A 29 0.09 -7.32 -10.45
CA GLY A 29 0.19 -8.55 -9.68
C GLY A 29 0.84 -8.27 -8.33
N GLU A 30 0.85 -9.26 -7.44
CA GLU A 30 1.43 -9.17 -6.11
C GLU A 30 2.89 -9.63 -6.17
N GLY A 31 3.84 -8.79 -5.74
CA GLY A 31 5.26 -9.10 -5.74
C GLY A 31 6.08 -8.06 -6.50
N ASN A 32 5.54 -7.50 -7.58
CA ASN A 32 6.19 -6.50 -8.42
C ASN A 32 6.16 -5.10 -7.80
N TRP A 33 6.73 -4.99 -6.58
CA TRP A 33 6.81 -3.74 -5.83
C TRP A 33 7.56 -2.67 -6.62
N SER A 34 8.65 -3.09 -7.29
CA SER A 34 9.45 -2.21 -8.12
C SER A 34 8.61 -1.57 -9.22
N LYS A 35 7.79 -2.38 -9.92
CA LYS A 35 6.93 -1.87 -10.99
C LYS A 35 5.91 -0.88 -10.42
N ILE A 36 5.28 -1.24 -9.29
CA ILE A 36 4.32 -0.37 -8.63
C ILE A 36 4.98 0.97 -8.33
N LEU A 37 6.15 0.95 -7.71
CA LEU A 37 6.95 2.12 -7.35
C LEU A 37 7.29 2.97 -8.58
N LEU A 38 7.76 2.33 -9.66
CA LEU A 38 8.15 3.00 -10.90
C LEU A 38 6.99 3.71 -11.60
N HIS A 39 5.91 2.97 -11.87
CA HIS A 39 4.77 3.49 -12.61
C HIS A 39 3.98 4.51 -11.77
N TYR A 40 3.65 4.17 -10.53
CA TYR A 40 2.93 5.09 -9.65
C TYR A 40 3.95 5.97 -8.90
N LYS A 41 3.49 6.68 -7.87
CA LYS A 41 4.28 7.55 -7.02
C LYS A 41 3.58 7.56 -5.66
N PHE A 42 4.37 7.55 -4.59
CA PHE A 42 3.88 7.49 -3.21
C PHE A 42 4.59 8.51 -2.33
N ASN A 43 4.11 8.68 -1.09
CA ASN A 43 4.67 9.60 -0.11
C ASN A 43 5.86 8.94 0.60
N ASN A 44 6.96 8.77 -0.15
CA ASN A 44 8.22 8.19 0.31
C ASN A 44 8.06 6.74 0.76
N ARG A 45 7.80 5.83 -0.18
CA ARG A 45 7.63 4.40 0.09
C ARG A 45 8.62 3.60 -0.74
N THR A 46 9.31 2.65 -0.10
CA THR A 46 10.27 1.76 -0.74
C THR A 46 9.55 0.46 -1.13
N SER A 47 10.27 -0.44 -1.79
CA SER A 47 9.76 -1.75 -2.16
C SER A 47 9.29 -2.47 -0.90
N VAL A 48 10.08 -2.36 0.18
CA VAL A 48 9.80 -2.94 1.48
C VAL A 48 8.50 -2.36 2.05
N MET A 49 8.37 -1.03 2.06
CA MET A 49 7.15 -0.40 2.57
C MET A 49 5.91 -0.89 1.81
N LEU A 50 5.96 -0.84 0.47
CA LEU A 50 4.86 -1.27 -0.38
C LEU A 50 4.50 -2.73 -0.08
N LYS A 51 5.52 -3.61 -0.07
CA LYS A 51 5.41 -5.03 0.21
C LYS A 51 4.71 -5.28 1.55
N ASP A 52 5.36 -4.87 2.64
CA ASP A 52 4.89 -5.08 4.00
C ASP A 52 3.51 -4.46 4.24
N ARG A 53 3.25 -3.29 3.65
CA ARG A 53 1.96 -2.63 3.80
C ARG A 53 0.87 -3.49 3.15
N TRP A 54 1.12 -4.04 1.95
CA TRP A 54 0.13 -4.89 1.31
C TRP A 54 -0.03 -6.18 2.12
N ARG A 55 1.09 -6.75 2.56
CA ARG A 55 1.14 -7.98 3.33
C ARG A 55 0.26 -7.87 4.59
N THR A 56 0.43 -6.81 5.39
CA THR A 56 -0.35 -6.64 6.61
C THR A 56 -1.85 -6.48 6.30
N MET A 57 -2.20 -5.76 5.23
CA MET A 57 -3.59 -5.56 4.83
C MET A 57 -4.21 -6.90 4.44
N LYS A 58 -3.53 -7.64 3.55
CA LYS A 58 -3.95 -8.93 3.04
C LYS A 58 -3.99 -10.01 4.12
N LYS A 59 -3.07 -9.97 5.10
CA LYS A 59 -2.97 -10.94 6.19
C LYS A 59 -4.33 -11.25 6.82
N LEU A 60 -5.11 -10.22 7.15
CA LEU A 60 -6.43 -10.40 7.77
C LEU A 60 -7.55 -10.06 6.79
N LYS A 61 -7.30 -10.32 5.50
CA LYS A 61 -8.23 -10.10 4.39
C LYS A 61 -8.91 -8.73 4.46
N LEU A 62 -8.12 -7.67 4.70
CA LEU A 62 -8.62 -6.29 4.78
C LEU A 62 -8.43 -5.59 3.43
N ILE A 63 -8.33 -6.36 2.33
CA ILE A 63 -8.14 -5.90 0.96
C ILE A 63 -9.12 -4.78 0.60
N SER A 64 -10.36 -4.86 1.09
CA SER A 64 -11.39 -3.85 0.85
C SER A 64 -10.85 -2.47 1.21
N SER A 65 -10.37 -2.33 2.45
CA SER A 65 -9.78 -1.11 2.99
C SER A 65 -10.68 0.10 2.76
N ASP A 66 -11.94 0.00 3.21
CA ASP A 66 -12.93 1.05 3.07
C ASP A 66 -12.90 1.96 4.30
N SER A 67 -13.39 1.45 5.44
CA SER A 67 -13.45 2.18 6.70
C SER A 67 -13.42 1.21 7.89
N GLU A 68 -12.58 0.17 7.79
CA GLU A 68 -12.41 -0.85 8.80
C GLU A 68 -13.74 -1.55 9.11
N ASP A 69 -14.27 -2.24 8.09
CA ASP A 69 -15.52 -2.99 8.12
C ASP A 69 -15.42 -4.06 7.02
N GLU A 3 3.23 14.45 1.47
CA GLU A 3 3.63 15.39 0.41
C GLU A 3 3.23 16.80 0.81
N LYS A 4 3.79 17.83 0.16
CA LYS A 4 3.51 19.23 0.47
C LYS A 4 2.15 19.65 -0.12
N HIS A 5 1.06 19.08 0.42
CA HIS A 5 -0.30 19.39 -0.02
C HIS A 5 -0.81 20.62 0.72
N ARG A 6 -1.23 20.48 1.99
CA ARG A 6 -1.75 21.56 2.82
C ARG A 6 -1.95 21.09 4.25
N ALA A 7 -2.83 20.10 4.45
CA ALA A 7 -3.16 19.55 5.77
C ALA A 7 -1.92 19.04 6.50
N ARG A 8 -1.25 18.03 5.92
CA ARG A 8 -0.04 17.41 6.45
C ARG A 8 -0.19 16.99 7.91
N LYS A 9 -1.06 16.01 8.18
CA LYS A 9 -1.34 15.52 9.51
C LYS A 9 -1.13 14.00 9.60
N ARG A 10 -1.96 13.23 8.89
CA ARG A 10 -1.89 11.78 8.88
C ARG A 10 -0.95 11.34 7.75
N GLN A 11 0.35 11.64 7.87
CA GLN A 11 1.36 11.35 6.85
C GLN A 11 1.61 9.85 6.65
N ALA A 12 1.42 9.05 7.69
CA ALA A 12 1.64 7.62 7.65
C ALA A 12 0.67 6.95 6.67
N TRP A 13 1.18 6.61 5.48
CA TRP A 13 0.46 5.95 4.40
C TRP A 13 -0.84 6.69 4.04
N LEU A 14 -0.78 7.65 3.13
CA LEU A 14 -1.99 8.38 2.73
C LEU A 14 -2.97 7.40 2.10
N TRP A 15 -4.28 7.65 2.24
CA TRP A 15 -5.31 6.81 1.64
C TRP A 15 -5.02 6.68 0.13
N GLU A 16 -4.52 7.77 -0.47
CA GLU A 16 -4.13 7.87 -1.86
C GLU A 16 -3.14 6.74 -2.18
N GLU A 17 -2.08 6.63 -1.39
CA GLU A 17 -1.03 5.62 -1.53
C GLU A 17 -1.59 4.22 -1.35
N ASP A 18 -2.36 3.98 -0.28
CA ASP A 18 -2.93 2.67 0.00
C ASP A 18 -3.78 2.22 -1.20
N LYS A 19 -4.60 3.14 -1.71
CA LYS A 19 -5.47 2.94 -2.86
C LYS A 19 -4.64 2.66 -4.12
N ASN A 20 -3.60 3.47 -4.35
CA ASN A 20 -2.69 3.33 -5.49
C ASN A 20 -2.03 1.95 -5.48
N LEU A 21 -1.56 1.51 -4.31
CA LEU A 21 -0.93 0.22 -4.11
C LEU A 21 -1.94 -0.88 -4.44
N ARG A 22 -3.17 -0.76 -3.92
CA ARG A 22 -4.23 -1.74 -4.16
C ARG A 22 -4.43 -1.92 -5.66
N SER A 23 -4.60 -0.82 -6.40
CA SER A 23 -4.74 -0.90 -7.86
C SER A 23 -3.44 -1.44 -8.47
N GLY A 24 -2.28 -1.05 -7.92
CA GLY A 24 -0.96 -1.47 -8.35
C GLY A 24 -0.87 -2.99 -8.39
N VAL A 25 -1.24 -3.66 -7.29
CA VAL A 25 -1.21 -5.11 -7.22
C VAL A 25 -2.24 -5.67 -8.21
N ARG A 26 -3.43 -5.08 -8.33
CA ARG A 26 -4.40 -5.56 -9.30
C ARG A 26 -3.87 -5.46 -10.74
N LYS A 27 -2.94 -4.53 -11.01
CA LYS A 27 -2.36 -4.33 -12.33
C LYS A 27 -1.13 -5.21 -12.61
N TYR A 28 -0.14 -5.22 -11.69
CA TYR A 28 1.13 -5.92 -11.86
C TYR A 28 1.37 -7.09 -10.90
N GLY A 29 0.54 -7.25 -9.86
CA GLY A 29 0.68 -8.32 -8.88
C GLY A 29 1.80 -8.04 -7.88
N GLU A 30 1.84 -8.82 -6.80
CA GLU A 30 2.86 -8.70 -5.76
C GLU A 30 4.25 -8.97 -6.34
N GLY A 31 5.30 -8.64 -5.59
CA GLY A 31 6.68 -8.82 -6.02
C GLY A 31 7.12 -7.70 -6.95
N ASN A 32 6.26 -7.29 -7.90
CA ASN A 32 6.49 -6.24 -8.88
C ASN A 32 6.37 -4.85 -8.24
N TRP A 33 7.03 -4.65 -7.09
CA TRP A 33 7.03 -3.41 -6.35
C TRP A 33 7.65 -2.29 -7.18
N SER A 34 8.69 -2.63 -7.98
CA SER A 34 9.36 -1.68 -8.86
C SER A 34 8.34 -1.09 -9.84
N LYS A 35 7.58 -1.95 -10.53
CA LYS A 35 6.56 -1.53 -11.48
C LYS A 35 5.56 -0.61 -10.76
N ILE A 36 5.03 -1.07 -9.62
CA ILE A 36 4.08 -0.30 -8.84
C ILE A 36 4.65 1.10 -8.53
N LEU A 37 5.90 1.19 -8.05
CA LEU A 37 6.56 2.45 -7.73
C LEU A 37 6.69 3.36 -8.95
N LEU A 38 7.11 2.81 -10.09
CA LEU A 38 7.32 3.58 -11.31
C LEU A 38 6.00 4.12 -11.90
N HIS A 39 4.96 3.28 -11.91
CA HIS A 39 3.68 3.63 -12.50
C HIS A 39 2.72 4.42 -11.59
N TYR A 40 2.72 4.17 -10.27
CA TYR A 40 1.83 4.83 -9.34
C TYR A 40 2.51 5.87 -8.44
N LYS A 41 1.69 6.77 -7.89
CA LYS A 41 2.07 7.88 -7.02
C LYS A 41 2.31 7.39 -5.59
N PHE A 42 3.49 7.70 -5.02
CA PHE A 42 3.87 7.36 -3.66
C PHE A 42 4.67 8.52 -3.06
N ASN A 43 4.68 8.62 -1.72
CA ASN A 43 5.35 9.68 -0.98
C ASN A 43 6.78 9.31 -0.63
N ASN A 44 6.95 8.23 0.15
CA ASN A 44 8.26 7.76 0.60
C ASN A 44 8.21 6.28 0.95
N ARG A 45 7.49 5.49 0.15
CA ARG A 45 7.31 4.07 0.37
C ARG A 45 8.34 3.30 -0.46
N THR A 46 8.95 2.28 0.13
CA THR A 46 9.96 1.43 -0.50
C THR A 46 9.33 0.09 -0.86
N SER A 47 10.07 -0.75 -1.58
CA SER A 47 9.61 -2.08 -1.96
C SER A 47 9.19 -2.88 -0.73
N VAL A 48 10.01 -2.82 0.33
CA VAL A 48 9.73 -3.50 1.59
C VAL A 48 8.53 -2.88 2.28
N MET A 49 8.37 -1.55 2.24
CA MET A 49 7.23 -0.89 2.86
C MET A 49 5.93 -1.34 2.16
N LEU A 50 5.94 -1.34 0.82
CA LEU A 50 4.81 -1.76 -0.01
C LEU A 50 4.45 -3.21 0.34
N LYS A 51 5.46 -4.09 0.38
CA LYS A 51 5.31 -5.49 0.72
C LYS A 51 4.61 -5.63 2.08
N ASP A 52 5.19 -5.01 3.12
CA ASP A 52 4.65 -5.06 4.47
C ASP A 52 3.19 -4.59 4.50
N ARG A 53 2.94 -3.37 4.00
CA ARG A 53 1.63 -2.77 3.96
C ARG A 53 0.63 -3.70 3.24
N TRP A 54 0.99 -4.23 2.09
CA TRP A 54 0.10 -5.11 1.34
C TRP A 54 -0.24 -6.37 2.14
N ARG A 55 0.77 -7.00 2.76
CA ARG A 55 0.57 -8.19 3.56
C ARG A 55 -0.33 -7.91 4.75
N THR A 56 -0.01 -6.90 5.57
CA THR A 56 -0.79 -6.56 6.76
C THR A 56 -2.23 -6.19 6.41
N MET A 57 -2.46 -5.47 5.31
CA MET A 57 -3.81 -5.08 4.94
C MET A 57 -4.62 -6.25 4.39
N LYS A 58 -4.06 -7.03 3.45
CA LYS A 58 -4.79 -8.16 2.88
C LYS A 58 -5.06 -9.26 3.91
N LYS A 59 -4.11 -9.54 4.82
CA LYS A 59 -4.25 -10.59 5.81
C LYS A 59 -5.09 -10.16 7.02
N LEU A 60 -4.65 -9.14 7.75
CA LEU A 60 -5.30 -8.70 8.97
C LEU A 60 -6.55 -7.87 8.74
N LYS A 61 -6.48 -6.81 7.92
CA LYS A 61 -7.64 -5.95 7.69
C LYS A 61 -8.65 -6.60 6.76
N LEU A 62 -8.18 -7.37 5.76
CA LEU A 62 -9.01 -8.05 4.78
C LEU A 62 -9.76 -7.02 3.95
N ILE A 63 -9.11 -6.57 2.87
CA ILE A 63 -9.58 -5.58 1.90
C ILE A 63 -11.03 -5.86 1.47
N SER A 64 -11.99 -5.21 2.14
CA SER A 64 -13.41 -5.36 1.87
C SER A 64 -13.87 -4.31 0.86
N SER A 65 -13.52 -3.04 1.11
CA SER A 65 -13.89 -1.92 0.27
C SER A 65 -12.89 -0.78 0.44
N ASP A 66 -12.96 0.22 -0.44
CA ASP A 66 -12.11 1.39 -0.44
C ASP A 66 -12.54 2.31 0.72
N SER A 67 -11.76 2.33 1.81
CA SER A 67 -12.06 3.11 2.99
C SER A 67 -10.79 3.30 3.84
N GLU A 68 -10.86 4.24 4.79
CA GLU A 68 -9.80 4.60 5.73
C GLU A 68 -10.51 5.36 6.86
N ASP A 69 -11.05 6.52 6.48
CA ASP A 69 -11.86 7.40 7.32
C ASP A 69 -11.21 7.65 8.69
N GLU A 3 7.07 9.44 25.53
CA GLU A 3 7.19 8.12 26.14
C GLU A 3 5.83 7.41 26.22
N LYS A 4 5.86 6.11 26.55
CA LYS A 4 4.70 5.23 26.71
C LYS A 4 3.98 5.02 25.37
N HIS A 5 3.28 6.06 24.91
CA HIS A 5 2.53 6.12 23.67
C HIS A 5 2.83 7.43 22.94
N ARG A 6 3.29 8.47 23.66
CA ARG A 6 3.65 9.76 23.11
C ARG A 6 5.05 9.61 22.47
N ALA A 7 5.11 8.90 21.34
CA ALA A 7 6.31 8.60 20.58
C ALA A 7 5.90 7.87 19.31
N ARG A 8 6.86 7.68 18.39
CA ARG A 8 6.69 6.98 17.12
C ARG A 8 5.54 7.56 16.27
N LYS A 9 5.81 8.64 15.54
CA LYS A 9 4.80 9.23 14.67
C LYS A 9 4.81 8.49 13.33
N ARG A 10 5.83 8.78 12.49
CA ARG A 10 6.05 8.20 11.16
C ARG A 10 5.00 8.67 10.14
N GLN A 11 5.32 8.52 8.85
CA GLN A 11 4.43 8.93 7.77
C GLN A 11 3.30 7.90 7.63
N ALA A 12 2.11 8.26 8.11
CA ALA A 12 0.93 7.41 8.05
C ALA A 12 0.47 7.28 6.59
N TRP A 13 0.09 6.06 6.19
CA TRP A 13 -0.39 5.79 4.85
C TRP A 13 -1.74 6.46 4.62
N LEU A 14 -1.87 7.18 3.50
CA LEU A 14 -3.07 7.92 3.12
C LEU A 14 -3.92 7.11 2.13
N TRP A 15 -5.16 7.57 1.93
CA TRP A 15 -6.14 6.99 1.02
C TRP A 15 -5.57 6.84 -0.39
N GLU A 16 -4.83 7.86 -0.86
CA GLU A 16 -4.21 7.88 -2.18
C GLU A 16 -3.14 6.80 -2.29
N GLU A 17 -2.36 6.61 -1.23
CA GLU A 17 -1.31 5.60 -1.16
C GLU A 17 -1.97 4.23 -1.24
N ASP A 18 -3.02 4.07 -0.43
CA ASP A 18 -3.86 2.90 -0.36
C ASP A 18 -4.30 2.53 -1.79
N LYS A 19 -4.85 3.51 -2.51
CA LYS A 19 -5.31 3.40 -3.88
C LYS A 19 -4.17 3.00 -4.81
N ASN A 20 -3.01 3.67 -4.72
CA ASN A 20 -1.83 3.40 -5.55
C ASN A 20 -1.44 1.92 -5.45
N LEU A 21 -1.23 1.44 -4.22
CA LEU A 21 -0.85 0.07 -3.93
C LEU A 21 -1.90 -0.92 -4.42
N ARG A 22 -3.15 -0.72 -4.01
CA ARG A 22 -4.27 -1.58 -4.37
C ARG A 22 -4.43 -1.71 -5.89
N SER A 23 -4.45 -0.59 -6.61
CA SER A 23 -4.57 -0.59 -8.06
C SER A 23 -3.36 -1.31 -8.67
N GLY A 24 -2.15 -0.96 -8.21
CA GLY A 24 -0.91 -1.54 -8.67
C GLY A 24 -0.92 -3.06 -8.56
N VAL A 25 -1.32 -3.61 -7.40
CA VAL A 25 -1.38 -5.04 -7.21
C VAL A 25 -2.47 -5.64 -8.11
N ARG A 26 -3.67 -5.05 -8.13
CA ARG A 26 -4.76 -5.58 -8.94
C ARG A 26 -4.39 -5.64 -10.43
N LYS A 27 -3.59 -4.69 -10.92
CA LYS A 27 -3.17 -4.59 -12.31
C LYS A 27 -1.90 -5.40 -12.61
N TYR A 28 -0.78 -5.05 -11.96
CA TYR A 28 0.53 -5.64 -12.19
C TYR A 28 0.85 -6.88 -11.35
N GLY A 29 0.04 -7.18 -10.32
CA GLY A 29 0.25 -8.33 -9.46
C GLY A 29 1.30 -8.05 -8.38
N GLU A 30 1.31 -8.87 -7.32
CA GLU A 30 2.25 -8.77 -6.22
C GLU A 30 3.65 -9.13 -6.72
N GLY A 31 4.68 -8.88 -5.92
CA GLY A 31 6.06 -9.17 -6.30
C GLY A 31 6.64 -8.03 -7.13
N ASN A 32 5.88 -7.51 -8.11
CA ASN A 32 6.27 -6.40 -8.98
C ASN A 32 6.16 -5.05 -8.25
N TRP A 33 6.65 -5.00 -7.01
CA TRP A 33 6.66 -3.82 -6.15
C TRP A 33 7.40 -2.66 -6.82
N SER A 34 8.50 -2.99 -7.51
CA SER A 34 9.29 -2.02 -8.23
C SER A 34 8.43 -1.32 -9.29
N LYS A 35 7.75 -2.09 -10.13
CA LYS A 35 6.89 -1.57 -11.19
C LYS A 35 5.79 -0.68 -10.60
N ILE A 36 5.14 -1.16 -9.53
CA ILE A 36 4.10 -0.42 -8.83
C ILE A 36 4.66 0.93 -8.39
N LEU A 37 5.74 0.90 -7.59
CA LEU A 37 6.44 2.07 -7.08
C LEU A 37 6.84 3.04 -8.20
N LEU A 38 7.27 2.52 -9.35
CA LEU A 38 7.70 3.33 -10.49
C LEU A 38 6.52 4.11 -11.07
N HIS A 39 5.42 3.41 -11.38
CA HIS A 39 4.26 3.99 -12.02
C HIS A 39 3.50 5.01 -11.16
N TYR A 40 3.17 4.68 -9.91
CA TYR A 40 2.44 5.62 -9.05
C TYR A 40 3.43 6.45 -8.25
N LYS A 41 3.14 7.74 -8.08
CA LYS A 41 4.01 8.64 -7.35
C LYS A 41 3.81 8.50 -5.84
N PHE A 42 4.28 7.38 -5.27
CA PHE A 42 4.18 7.12 -3.84
C PHE A 42 4.95 8.18 -3.05
N ASN A 43 4.51 8.48 -1.83
CA ASN A 43 5.15 9.47 -0.98
C ASN A 43 6.37 8.86 -0.30
N ASN A 44 7.39 8.52 -1.09
CA ASN A 44 8.66 7.96 -0.63
C ASN A 44 8.49 6.61 0.08
N ARG A 45 7.57 5.77 -0.40
CA ARG A 45 7.34 4.44 0.18
C ARG A 45 8.30 3.45 -0.50
N THR A 46 9.11 2.73 0.28
CA THR A 46 10.08 1.77 -0.25
C THR A 46 9.41 0.48 -0.71
N SER A 47 10.11 -0.31 -1.54
CA SER A 47 9.62 -1.60 -2.03
C SER A 47 9.21 -2.48 -0.84
N VAL A 48 10.05 -2.47 0.21
CA VAL A 48 9.81 -3.22 1.43
C VAL A 48 8.51 -2.72 2.07
N MET A 49 8.36 -1.39 2.21
CA MET A 49 7.16 -0.80 2.77
C MET A 49 5.92 -1.26 2.00
N LEU A 50 5.94 -1.18 0.66
CA LEU A 50 4.80 -1.62 -0.15
C LEU A 50 4.47 -3.08 0.15
N LYS A 51 5.47 -3.96 0.05
CA LYS A 51 5.34 -5.39 0.29
C LYS A 51 4.69 -5.69 1.64
N ASP A 52 5.31 -5.21 2.72
CA ASP A 52 4.85 -5.46 4.07
C ASP A 52 3.51 -4.79 4.39
N ARG A 53 3.27 -3.56 3.89
CA ARG A 53 2.01 -2.87 4.12
C ARG A 53 0.87 -3.66 3.46
N TRP A 54 1.10 -4.19 2.25
CA TRP A 54 0.11 -5.00 1.57
C TRP A 54 -0.14 -6.28 2.39
N ARG A 55 0.94 -6.97 2.76
CA ARG A 55 0.90 -8.18 3.57
C ARG A 55 0.08 -7.95 4.84
N THR A 56 0.27 -6.79 5.49
CA THR A 56 -0.44 -6.44 6.71
C THR A 56 -1.94 -6.40 6.46
N MET A 57 -2.42 -5.60 5.48
CA MET A 57 -3.86 -5.54 5.22
C MET A 57 -4.45 -6.89 4.81
N LYS A 58 -3.68 -7.68 4.05
CA LYS A 58 -4.09 -9.00 3.60
C LYS A 58 -4.34 -9.90 4.82
N LYS A 59 -3.34 -10.01 5.70
CA LYS A 59 -3.42 -10.85 6.88
C LYS A 59 -4.38 -10.31 7.94
N LEU A 60 -4.55 -8.98 8.05
CA LEU A 60 -5.40 -8.36 9.06
C LEU A 60 -6.86 -8.80 8.91
N LYS A 61 -7.57 -8.23 7.94
CA LYS A 61 -8.98 -8.49 7.68
C LYS A 61 -9.40 -7.79 6.40
N LEU A 62 -9.04 -6.50 6.30
CA LEU A 62 -9.35 -5.57 5.21
C LEU A 62 -9.50 -6.27 3.85
N ILE A 63 -8.44 -6.90 3.35
CA ILE A 63 -8.49 -7.62 2.08
C ILE A 63 -8.08 -9.09 2.28
N SER A 64 -8.59 -9.69 3.36
CA SER A 64 -8.35 -11.09 3.68
C SER A 64 -9.29 -12.00 2.87
N SER A 65 -10.30 -11.42 2.22
CA SER A 65 -11.27 -12.16 1.42
C SER A 65 -10.65 -12.50 0.08
N ASP A 66 -9.84 -13.57 0.05
CA ASP A 66 -9.18 -14.07 -1.15
C ASP A 66 -10.20 -14.48 -2.21
N SER A 67 -11.32 -15.05 -1.74
CA SER A 67 -12.44 -15.51 -2.54
C SER A 67 -13.72 -14.90 -1.98
N GLU A 68 -14.84 -15.05 -2.71
CA GLU A 68 -16.15 -14.54 -2.34
C GLU A 68 -16.12 -13.01 -2.26
N ASP A 69 -15.50 -12.38 -3.26
CA ASP A 69 -15.35 -10.92 -3.37
C ASP A 69 -16.35 -10.36 -4.38
N GLU A 3 -11.29 13.82 24.86
CA GLU A 3 -10.38 14.14 25.98
C GLU A 3 -9.73 12.88 26.52
N LYS A 4 -8.43 12.69 26.24
CA LYS A 4 -7.63 11.55 26.70
C LYS A 4 -8.33 10.21 26.42
N HIS A 5 -8.59 9.93 25.14
CA HIS A 5 -9.24 8.69 24.70
C HIS A 5 -8.23 7.56 24.54
N ARG A 6 -7.04 7.86 24.00
CA ARG A 6 -5.96 6.91 23.78
C ARG A 6 -6.39 5.81 22.81
N ALA A 7 -6.70 6.18 21.57
CA ALA A 7 -7.12 5.26 20.51
C ALA A 7 -6.28 5.52 19.26
N ARG A 8 -5.93 4.44 18.53
CA ARG A 8 -5.15 4.51 17.31
C ARG A 8 -6.00 5.09 16.19
N LYS A 9 -5.38 5.86 15.29
CA LYS A 9 -6.05 6.51 14.16
C LYS A 9 -5.00 6.99 13.16
N ARG A 10 -5.36 7.01 11.86
CA ARG A 10 -4.55 7.45 10.75
C ARG A 10 -3.19 6.74 10.65
N GLN A 11 -3.12 5.70 9.81
CA GLN A 11 -1.88 4.96 9.58
C GLN A 11 -0.89 5.85 8.80
N ALA A 12 0.38 5.44 8.75
CA ALA A 12 1.43 6.17 8.03
C ALA A 12 1.37 5.83 6.53
N TRP A 13 0.17 5.99 5.95
CA TRP A 13 -0.15 5.72 4.56
C TRP A 13 -1.34 6.61 4.20
N LEU A 14 -1.19 7.44 3.17
CA LEU A 14 -2.26 8.34 2.75
C LEU A 14 -3.26 7.58 1.89
N TRP A 15 -4.49 8.11 1.80
CA TRP A 15 -5.57 7.53 1.03
C TRP A 15 -5.12 7.27 -0.41
N GLU A 16 -4.44 8.25 -1.01
CA GLU A 16 -3.93 8.16 -2.37
C GLU A 16 -3.04 6.93 -2.48
N GLU A 17 -1.99 6.85 -1.65
CA GLU A 17 -1.03 5.76 -1.63
C GLU A 17 -1.72 4.39 -1.55
N ASP A 18 -2.66 4.22 -0.62
CA ASP A 18 -3.36 2.95 -0.47
C ASP A 18 -4.20 2.61 -1.71
N LYS A 19 -4.97 3.57 -2.25
CA LYS A 19 -5.77 3.32 -3.46
C LYS A 19 -4.84 2.99 -4.63
N ASN A 20 -3.71 3.71 -4.72
CA ASN A 20 -2.68 3.54 -5.73
C ASN A 20 -2.10 2.14 -5.62
N LEU A 21 -1.85 1.67 -4.39
CA LEU A 21 -1.31 0.35 -4.12
C LEU A 21 -2.30 -0.72 -4.56
N ARG A 22 -3.56 -0.61 -4.13
CA ARG A 22 -4.61 -1.56 -4.51
C ARG A 22 -4.63 -1.68 -6.03
N SER A 23 -4.69 -0.54 -6.73
CA SER A 23 -4.69 -0.50 -8.18
C SER A 23 -3.46 -1.19 -8.75
N GLY A 24 -2.27 -0.71 -8.38
CA GLY A 24 -0.99 -1.24 -8.81
C GLY A 24 -0.91 -2.76 -8.69
N VAL A 25 -1.22 -3.28 -7.50
CA VAL A 25 -1.20 -4.72 -7.27
C VAL A 25 -2.22 -5.42 -8.17
N ARG A 26 -3.42 -4.88 -8.32
CA ARG A 26 -4.42 -5.51 -9.19
C ARG A 26 -3.94 -5.57 -10.65
N LYS A 27 -3.13 -4.60 -11.09
CA LYS A 27 -2.62 -4.59 -12.46
C LYS A 27 -1.39 -5.49 -12.64
N TYR A 28 -0.36 -5.31 -11.82
CA TYR A 28 0.93 -6.00 -11.94
C TYR A 28 1.13 -7.20 -11.03
N GLY A 29 0.43 -7.27 -9.89
CA GLY A 29 0.55 -8.36 -8.92
C GLY A 29 1.59 -7.98 -7.87
N GLU A 30 1.35 -8.36 -6.61
CA GLU A 30 2.26 -8.07 -5.51
C GLU A 30 3.63 -8.69 -5.80
N GLY A 31 4.69 -8.01 -5.34
CA GLY A 31 6.06 -8.40 -5.57
C GLY A 31 6.71 -7.41 -6.53
N ASN A 32 5.95 -6.95 -7.54
CA ASN A 32 6.40 -6.00 -8.55
C ASN A 32 6.35 -4.57 -7.98
N TRP A 33 6.97 -4.39 -6.80
CA TRP A 33 7.03 -3.13 -6.09
C TRP A 33 7.65 -2.03 -6.93
N SER A 34 8.68 -2.37 -7.72
CA SER A 34 9.34 -1.43 -8.61
C SER A 34 8.35 -0.91 -9.65
N LYS A 35 7.63 -1.82 -10.33
CA LYS A 35 6.65 -1.44 -11.34
C LYS A 35 5.58 -0.54 -10.72
N ILE A 36 5.08 -0.92 -9.53
CA ILE A 36 4.09 -0.16 -8.80
C ILE A 36 4.60 1.25 -8.51
N LEU A 37 5.80 1.37 -7.91
CA LEU A 37 6.42 2.65 -7.59
C LEU A 37 6.56 3.54 -8.82
N LEU A 38 7.03 2.98 -9.94
CA LEU A 38 7.22 3.74 -11.17
C LEU A 38 5.89 4.17 -11.81
N HIS A 39 4.88 3.31 -11.82
CA HIS A 39 3.60 3.58 -12.48
C HIS A 39 2.54 4.28 -11.64
N TYR A 40 2.66 4.29 -10.30
CA TYR A 40 1.68 4.93 -9.42
C TYR A 40 2.37 5.87 -8.42
N LYS A 41 1.58 6.77 -7.82
CA LYS A 41 2.06 7.80 -6.89
C LYS A 41 2.25 7.29 -5.46
N PHE A 42 3.41 7.62 -4.88
CA PHE A 42 3.83 7.30 -3.52
C PHE A 42 4.83 8.38 -3.10
N ASN A 43 4.87 8.72 -1.80
CA ASN A 43 5.81 9.74 -1.32
C ASN A 43 7.25 9.24 -1.38
N ASN A 44 7.63 8.34 -0.44
CA ASN A 44 8.97 7.77 -0.35
C ASN A 44 8.81 6.35 0.17
N ARG A 45 8.33 5.44 -0.69
CA ARG A 45 8.08 4.05 -0.37
C ARG A 45 9.21 3.16 -0.90
N THR A 46 9.33 1.97 -0.30
CA THR A 46 10.31 0.96 -0.61
C THR A 46 9.61 -0.39 -0.76
N SER A 47 10.33 -1.36 -1.33
CA SER A 47 9.86 -2.72 -1.52
C SER A 47 9.39 -3.29 -0.17
N VAL A 48 10.22 -3.10 0.86
CA VAL A 48 9.97 -3.55 2.22
C VAL A 48 8.67 -2.95 2.77
N MET A 49 8.53 -1.61 2.69
CA MET A 49 7.35 -0.93 3.19
C MET A 49 6.08 -1.43 2.48
N LEU A 50 6.09 -1.45 1.15
CA LEU A 50 4.96 -1.90 0.34
C LEU A 50 4.60 -3.34 0.72
N LYS A 51 5.59 -4.22 0.77
CA LYS A 51 5.45 -5.62 1.13
C LYS A 51 4.75 -5.74 2.48
N ASP A 52 5.26 -5.04 3.50
CA ASP A 52 4.71 -5.07 4.84
C ASP A 52 3.25 -4.63 4.88
N ARG A 53 2.97 -3.41 4.40
CA ARG A 53 1.62 -2.85 4.39
C ARG A 53 0.66 -3.81 3.67
N TRP A 54 1.01 -4.26 2.47
CA TRP A 54 0.15 -5.13 1.69
C TRP A 54 -0.10 -6.47 2.36
N ARG A 55 0.98 -7.17 2.78
CA ARG A 55 0.82 -8.47 3.41
C ARG A 55 -0.01 -8.37 4.70
N THR A 56 0.12 -7.26 5.44
CA THR A 56 -0.65 -7.05 6.66
C THR A 56 -2.14 -6.97 6.29
N MET A 57 -2.52 -6.02 5.41
CA MET A 57 -3.90 -5.85 4.97
C MET A 57 -4.49 -7.16 4.45
N LYS A 58 -3.74 -7.82 3.56
CA LYS A 58 -4.13 -9.09 2.94
C LYS A 58 -4.34 -10.17 4.00
N LYS A 59 -3.40 -10.34 4.94
CA LYS A 59 -3.48 -11.33 6.01
C LYS A 59 -4.31 -10.82 7.20
N LEU A 60 -5.43 -10.14 6.93
CA LEU A 60 -6.35 -9.60 7.93
C LEU A 60 -7.77 -9.63 7.39
N LYS A 61 -7.94 -9.22 6.12
CA LYS A 61 -9.15 -9.15 5.30
C LYS A 61 -9.39 -7.74 4.76
N LEU A 62 -8.67 -6.73 5.28
CA LEU A 62 -8.79 -5.35 4.85
C LEU A 62 -7.98 -5.15 3.57
N ILE A 63 -8.13 -6.06 2.59
CA ILE A 63 -7.41 -6.04 1.33
C ILE A 63 -8.03 -5.02 0.39
N SER A 64 -9.32 -5.21 0.06
CA SER A 64 -10.06 -4.32 -0.82
C SER A 64 -10.81 -3.31 0.03
N SER A 65 -11.61 -3.86 0.96
CA SER A 65 -12.47 -3.17 1.91
C SER A 65 -13.13 -4.24 2.77
N ASP A 66 -13.60 -3.89 3.97
CA ASP A 66 -14.26 -4.84 4.87
C ASP A 66 -15.66 -5.14 4.37
N SER A 67 -16.49 -4.10 4.19
CA SER A 67 -17.87 -4.24 3.73
C SER A 67 -18.29 -2.98 2.97
N GLU A 68 -17.80 -2.85 1.74
CA GLU A 68 -18.09 -1.74 0.83
C GLU A 68 -18.39 -2.35 -0.53
N ASP A 69 -19.48 -1.90 -1.17
CA ASP A 69 -19.94 -2.36 -2.48
C ASP A 69 -20.92 -1.35 -3.04
N GLU A 3 5.67 24.62 3.17
CA GLU A 3 5.73 23.64 2.08
C GLU A 3 4.90 22.41 2.45
N LYS A 4 5.25 21.24 1.90
CA LYS A 4 4.62 19.95 2.13
C LYS A 4 5.52 18.90 1.46
N HIS A 5 5.84 17.82 2.17
CA HIS A 5 6.69 16.75 1.67
C HIS A 5 6.53 15.55 2.61
N ARG A 6 6.99 15.69 3.85
CA ARG A 6 6.91 14.67 4.88
C ARG A 6 5.50 14.69 5.47
N ALA A 7 4.51 14.36 4.64
CA ALA A 7 3.09 14.34 4.98
C ALA A 7 2.75 13.08 5.79
N ARG A 8 3.37 12.94 6.97
CA ARG A 8 3.17 11.83 7.88
C ARG A 8 3.75 12.20 9.24
N LYS A 9 3.26 11.53 10.29
CA LYS A 9 3.68 11.73 11.67
C LYS A 9 3.22 10.56 12.54
N ARG A 10 1.97 10.12 12.35
CA ARG A 10 1.36 9.01 13.05
C ARG A 10 0.45 8.26 12.07
N GLN A 11 -0.48 9.00 11.43
CA GLN A 11 -1.41 8.46 10.46
C GLN A 11 -0.70 8.21 9.13
N ALA A 12 0.21 7.23 9.11
CA ALA A 12 0.96 6.85 7.93
C ALA A 12 0.04 6.08 6.98
N TRP A 13 0.36 6.10 5.68
CA TRP A 13 -0.39 5.45 4.61
C TRP A 13 -1.71 6.18 4.38
N LEU A 14 -1.63 7.23 3.56
CA LEU A 14 -2.77 8.05 3.22
C LEU A 14 -3.68 7.31 2.23
N TRP A 15 -4.92 7.79 2.09
CA TRP A 15 -5.91 7.24 1.18
C TRP A 15 -5.31 7.10 -0.24
N GLU A 16 -4.56 8.13 -0.66
CA GLU A 16 -3.89 8.19 -1.95
C GLU A 16 -2.94 7.00 -2.08
N GLU A 17 -2.03 6.84 -1.12
CA GLU A 17 -1.06 5.75 -1.12
C GLU A 17 -1.78 4.40 -1.19
N ASP A 18 -2.79 4.18 -0.33
CA ASP A 18 -3.52 2.93 -0.31
C ASP A 18 -4.18 2.62 -1.65
N LYS A 19 -4.88 3.59 -2.28
CA LYS A 19 -5.50 3.34 -3.57
C LYS A 19 -4.44 3.08 -4.65
N ASN A 20 -3.31 3.81 -4.60
CA ASN A 20 -2.21 3.64 -5.54
C ASN A 20 -1.67 2.20 -5.45
N LEU A 21 -1.39 1.74 -4.22
CA LEU A 21 -0.90 0.39 -3.94
C LEU A 21 -1.92 -0.66 -4.37
N ARG A 22 -3.19 -0.50 -3.99
CA ARG A 22 -4.23 -1.44 -4.36
C ARG A 22 -4.31 -1.55 -5.88
N SER A 23 -4.29 -0.42 -6.59
CA SER A 23 -4.30 -0.38 -8.05
C SER A 23 -3.01 -1.01 -8.60
N GLY A 24 -1.90 -0.86 -7.88
CA GLY A 24 -0.60 -1.42 -8.21
C GLY A 24 -0.69 -2.93 -8.30
N VAL A 25 -1.12 -3.56 -7.19
CA VAL A 25 -1.27 -5.01 -7.13
C VAL A 25 -2.36 -5.45 -8.12
N ARG A 26 -3.45 -4.68 -8.24
CA ARG A 26 -4.53 -4.99 -9.16
C ARG A 26 -4.00 -5.14 -10.60
N LYS A 27 -3.05 -4.30 -11.01
CA LYS A 27 -2.45 -4.37 -12.33
C LYS A 27 -1.29 -5.37 -12.44
N TYR A 28 -0.23 -5.17 -11.66
CA TYR A 28 1.00 -5.96 -11.74
C TYR A 28 1.14 -7.11 -10.74
N GLY A 29 0.26 -7.22 -9.75
CA GLY A 29 0.33 -8.27 -8.74
C GLY A 29 1.49 -8.02 -7.78
N GLU A 30 1.54 -8.81 -6.70
CA GLU A 30 2.60 -8.72 -5.70
C GLU A 30 3.93 -9.10 -6.34
N GLY A 31 5.05 -8.80 -5.66
CA GLY A 31 6.38 -9.11 -6.17
C GLY A 31 6.87 -8.01 -7.11
N ASN A 32 6.03 -7.56 -8.04
CA ASN A 32 6.34 -6.49 -9.00
C ASN A 32 6.29 -5.11 -8.35
N TRP A 33 6.96 -4.96 -7.19
CA TRP A 33 7.03 -3.72 -6.44
C TRP A 33 7.70 -2.61 -7.24
N SER A 34 8.67 -2.96 -8.09
CA SER A 34 9.37 -1.99 -8.94
C SER A 34 8.37 -1.36 -9.91
N LYS A 35 7.50 -2.17 -10.53
CA LYS A 35 6.48 -1.69 -11.46
C LYS A 35 5.53 -0.78 -10.69
N ILE A 36 5.06 -1.24 -9.52
CA ILE A 36 4.15 -0.49 -8.68
C ILE A 36 4.75 0.89 -8.37
N LEU A 37 5.99 0.94 -7.85
CA LEU A 37 6.69 2.18 -7.54
C LEU A 37 6.86 3.09 -8.76
N LEU A 38 7.21 2.49 -9.91
CA LEU A 38 7.45 3.22 -11.14
C LEU A 38 6.18 3.90 -11.68
N HIS A 39 5.10 3.14 -11.80
CA HIS A 39 3.84 3.61 -12.37
C HIS A 39 2.94 4.38 -11.40
N TYR A 40 2.87 3.98 -10.12
CA TYR A 40 2.02 4.63 -9.13
C TYR A 40 2.83 5.53 -8.20
N LYS A 41 2.22 6.65 -7.78
CA LYS A 41 2.84 7.65 -6.91
C LYS A 41 2.71 7.26 -5.44
N PHE A 42 3.73 7.60 -4.64
CA PHE A 42 3.80 7.31 -3.22
C PHE A 42 4.61 8.39 -2.49
N ASN A 43 4.48 8.46 -1.16
CA ASN A 43 5.20 9.43 -0.33
C ASN A 43 6.55 8.83 0.05
N ASN A 44 7.46 8.74 -0.94
CA ASN A 44 8.82 8.24 -0.79
C ASN A 44 8.83 6.84 -0.16
N ARG A 45 8.12 5.89 -0.78
CA ARG A 45 8.02 4.52 -0.31
C ARG A 45 9.04 3.62 -1.00
N THR A 46 9.22 2.43 -0.43
CA THR A 46 10.12 1.39 -0.89
C THR A 46 9.33 0.10 -1.11
N SER A 47 9.95 -0.87 -1.78
CA SER A 47 9.35 -2.17 -2.04
C SER A 47 8.97 -2.84 -0.71
N VAL A 48 9.84 -2.70 0.29
CA VAL A 48 9.64 -3.26 1.62
C VAL A 48 8.40 -2.63 2.26
N MET A 49 8.31 -1.29 2.25
CA MET A 49 7.17 -0.56 2.81
C MET A 49 5.86 -1.03 2.17
N LEU A 50 5.80 -1.03 0.84
CA LEU A 50 4.63 -1.45 0.09
C LEU A 50 4.26 -2.90 0.41
N LYS A 51 5.26 -3.79 0.36
CA LYS A 51 5.08 -5.20 0.67
C LYS A 51 4.49 -5.38 2.07
N ASP A 52 5.02 -4.65 3.05
CA ASP A 52 4.55 -4.71 4.42
C ASP A 52 3.09 -4.28 4.51
N ARG A 53 2.80 -3.05 4.06
CA ARG A 53 1.46 -2.48 4.06
C ARG A 53 0.45 -3.45 3.44
N TRP A 54 0.77 -3.96 2.25
CA TRP A 54 -0.10 -4.88 1.55
C TRP A 54 -0.28 -6.17 2.36
N ARG A 55 0.82 -6.81 2.74
CA ARG A 55 0.84 -8.04 3.52
C ARG A 55 -0.03 -7.92 4.77
N THR A 56 0.04 -6.79 5.47
CA THR A 56 -0.72 -6.53 6.68
C THR A 56 -2.22 -6.74 6.42
N MET A 57 -2.82 -5.87 5.59
CA MET A 57 -4.25 -5.99 5.31
C MET A 57 -4.61 -7.27 4.56
N LYS A 58 -3.70 -7.82 3.75
CA LYS A 58 -3.92 -9.06 3.02
C LYS A 58 -4.15 -10.21 4.01
N LYS A 59 -3.21 -10.41 4.95
CA LYS A 59 -3.34 -11.47 5.95
C LYS A 59 -4.48 -11.16 6.93
N LEU A 60 -4.67 -9.88 7.28
CA LEU A 60 -5.74 -9.47 8.19
C LEU A 60 -7.10 -9.82 7.57
N LYS A 61 -7.21 -9.77 6.23
CA LYS A 61 -8.35 -10.10 5.38
C LYS A 61 -9.12 -8.89 4.88
N LEU A 62 -9.04 -7.73 5.52
CA LEU A 62 -9.74 -6.52 5.06
C LEU A 62 -8.96 -5.83 3.93
N ILE A 63 -8.64 -6.62 2.90
CA ILE A 63 -7.90 -6.22 1.72
C ILE A 63 -8.81 -5.48 0.73
N SER A 64 -10.06 -5.94 0.63
CA SER A 64 -11.10 -5.40 -0.22
C SER A 64 -12.48 -5.72 0.37
N SER A 65 -12.72 -7.02 0.61
CA SER A 65 -13.92 -7.66 1.16
C SER A 65 -14.72 -8.32 0.04
N ASP A 66 -15.63 -9.23 0.40
CA ASP A 66 -16.47 -9.96 -0.53
C ASP A 66 -17.78 -9.21 -0.78
N SER A 67 -18.48 -9.57 -1.87
CA SER A 67 -19.73 -8.96 -2.26
C SER A 67 -20.92 -9.65 -1.59
N GLU A 68 -21.27 -9.18 -0.39
CA GLU A 68 -22.40 -9.70 0.37
C GLU A 68 -23.68 -9.43 -0.42
N ASP A 69 -23.83 -8.17 -0.87
CA ASP A 69 -24.94 -7.68 -1.67
C ASP A 69 -24.57 -7.71 -3.16
#